data_5HB4
#
_entry.id   5HB4
#
_cell.length_a   190.740
_cell.length_b   53.500
_cell.length_c   171.790
_cell.angle_alpha   90.00
_cell.angle_beta   108.33
_cell.angle_gamma   90.00
#
_symmetry.space_group_name_H-M   'C 1 2 1'
#
loop_
_entity.id
_entity.type
_entity.pdbx_description
1 polymer 'Nup192,Nucleoporin NUP192'
2 non-polymer 'OSMIUM ION'
#
_entity_poly.entity_id   1
_entity_poly.type   'polypeptide(L)'
_entity_poly.pdbx_seq_one_letter_code
;GPHMGLQESFGVAAEDKIFGGSGSFIPRCMEAMKGVRSMLQCMADKANARNMLQQASLVRPLDNQETLDFSRLSLVEQHE
CLASILHAAVQRHHATIADFQDFIKILRKWDKYDHFLIHLIPVLAAYITEFGSPEGMGDLQQARRLNDFICKGGDEDSWA
LPVLGAAVRAWWIAEHNGFYLDDTVQDLRGINLDEEDEQRTKQFLDALKEGAFDFILSVAADCKAQEWQDPSQLGARQWL
QRKIPSLPSEPFPFSHFLQHSLMVHLEGFVDATISNLPDVLRKLRTEEDEQRQLRPNHEQDMDLERFLIIISYAYEGRPD
AAMSFWEDPDSNLAGFLQWASRRASTPLVSAFCEMLRCLADNEECATAAHNFLLDEGHQASGKMKRSQSLTWSQIFKELE
YFTTKVCSERPNPPQASMHRPGRPGADPAEIEPESALMLECYLRLIAKLATESEIARKRLIMDEDFNLVDTILKLSVGVI
PHRLRACIFYVLKALMIRKTHEELDAMWRWVEAWMTNPFSSLPGSQGAPQRISFLGQTPGPQECMEMMFREFGTGFEQSN
AFIQLLTTLLVPPEGLNSLNDSVPFPEWLGSSIRTLGIEPYVDFVFDVFANRTKDISDPSQLRILRLSCLDFVMVCLVTF
NEDLIVLGHESNISIDDAMAATNLATYVRLHPFSRVMEWLFNEKVITSLINTIHQDPISLGSASPDSPLVVSILRAIQVM
IKALELQETYLHLVRPEVLRYQGEAGVRRKPVANAAYSAFEDGILSHLSLVVDLGKYCNLGHAELTLACLKLLEKISTSS
RILSAWSPDSGRLGHRNKAIVQLERNGEGETISASLSASIMATLDPALAASGENYRVKLAILDFLYACLRATPDQPTIAH
QLLGFHCELSKLGIEPKGPFDMQKSLFHSLLNVLITLTVSEEEQGMRGYLVTLKYRVLRILQLLWKSPLSASLVMDELRA
TNFLFHMLLREVQIQPQLPWDGQLVTGCEFLLSDASLAYIDYLASRAAIFEYIGKELCSVSQNRIPSIKRQIFDALNGQI
FVDEEAPLTIPSIFDFFDFINTDYKWEEIPSPHFTYLKDLDLGPCILEHKYAGVHYDIRKAQEILALKRKEYEHSQLATP
EFLETVELEEKVLIEWLTVRNRANLLLTARLNLLQAWANLLLVMIESNDFKSTPKMAFLLQALQAILPTLEAFSSLKSDE
AFELARVAKVLLWKLDFSQDSDAGLDREQFTVGNLIGDKLFQLFQLCLSAISQCSGTPELRSLYYSICYRYLTAVVDNDA
TVAATPASSTIGPTRSVTNARARTLKAITLYGDRLLNVICDDAYGSDTTCQTAAMILLNALVHTSRASSAAGVSPADVDC
PIIDALNRLNFIGVLVDSLKEILNEWLAPSSTFDPSLSTNASPSLPIPASPSQQYTSAKLALLLQLCQTRQGAKYVLQAN
LFRALEQSGVFAADPELVEVDSESGVPRVVALERHYALLVALARVVGAAVTARGAHNIVQGRKFLTQHRGLVVHVLKKNA
GIGGGVVGNSLASSINGGSTATMTRRDEILAQQALEERIEELAEAFMLLITATGFLEYESEQVPSEQPRAHTTFFH
;
_entity_poly.pdbx_strand_id   B
#
loop_
_chem_comp.id
_chem_comp.type
_chem_comp.name
_chem_comp.formula
OS non-polymer 'OSMIUM ION' 'Os 3'
#
# COMPACT_ATOMS: atom_id res chain seq x y z
N ILE A 26 18.73 -46.81 0.13
CA ILE A 26 19.95 -46.00 0.18
C ILE A 26 20.72 -46.07 -1.13
N PRO A 27 21.12 -47.28 -1.57
CA PRO A 27 21.93 -47.38 -2.79
C PRO A 27 21.30 -46.72 -4.00
N ARG A 28 19.96 -46.55 -3.98
CA ARG A 28 19.32 -45.77 -5.04
C ARG A 28 19.68 -44.30 -4.93
N CYS A 29 19.77 -43.78 -3.70
CA CYS A 29 20.19 -42.41 -3.50
C CYS A 29 21.62 -42.20 -3.99
N MET A 30 22.52 -43.11 -3.63
CA MET A 30 23.90 -43.03 -4.10
C MET A 30 23.96 -43.06 -5.62
N GLU A 31 23.26 -44.02 -6.24
CA GLU A 31 23.26 -44.10 -7.70
C GLU A 31 22.64 -42.86 -8.32
N ALA A 32 21.66 -42.25 -7.65
CA ALA A 32 21.08 -41.01 -8.15
C ALA A 32 22.11 -39.89 -8.16
N MET A 33 22.84 -39.72 -7.06
CA MET A 33 23.89 -38.71 -7.01
C MET A 33 25.00 -39.01 -8.00
N LYS A 34 25.31 -40.30 -8.21
CA LYS A 34 26.31 -40.68 -9.19
C LYS A 34 25.93 -40.21 -10.58
N GLY A 35 24.63 -40.24 -10.90
CA GLY A 35 24.18 -39.81 -12.22
C GLY A 35 24.28 -38.32 -12.44
N VAL A 36 24.18 -37.54 -11.35
CA VAL A 36 24.27 -36.09 -11.48
C VAL A 36 25.71 -35.66 -11.74
N ARG A 37 26.66 -36.25 -11.01
CA ARG A 37 28.06 -35.88 -11.19
C ARG A 37 28.57 -36.28 -12.56
N SER A 38 28.14 -37.44 -13.07
CA SER A 38 28.58 -37.87 -14.39
C SER A 38 27.94 -37.05 -15.50
N MET A 39 26.69 -36.61 -15.32
CA MET A 39 26.10 -35.65 -16.25
C MET A 39 26.88 -34.34 -16.23
N LEU A 40 27.06 -33.77 -15.04
CA LEU A 40 27.67 -32.45 -14.95
C LEU A 40 29.10 -32.43 -15.46
N GLN A 41 29.81 -33.55 -15.34
CA GLN A 41 31.18 -33.60 -15.85
C GLN A 41 31.23 -33.95 -17.33
N CYS A 42 30.25 -34.71 -17.82
CA CYS A 42 30.14 -34.98 -19.24
C CYS A 42 29.60 -33.78 -20.01
N MET A 43 28.87 -32.88 -19.34
CA MET A 43 28.33 -31.70 -20.00
C MET A 43 29.37 -30.60 -20.15
N ALA A 44 30.37 -30.56 -19.27
CA ALA A 44 31.44 -29.57 -19.36
C ALA A 44 32.50 -29.93 -20.39
N ASP A 45 32.46 -31.13 -20.93
CA ASP A 45 33.44 -31.57 -21.93
C ASP A 45 32.77 -31.85 -23.27
N THR A 67 20.80 -21.67 -20.59
CA THR A 67 20.42 -23.08 -20.56
C THR A 67 21.54 -23.93 -19.96
N LEU A 68 22.78 -23.51 -20.18
CA LEU A 68 23.93 -24.26 -19.66
C LEU A 68 24.17 -23.93 -18.19
N ASP A 69 24.09 -22.66 -17.80
CA ASP A 69 24.37 -22.27 -16.43
C ASP A 69 23.22 -22.67 -15.51
N PHE A 70 21.98 -22.42 -15.92
CA PHE A 70 20.84 -22.77 -15.08
C PHE A 70 20.70 -24.28 -14.90
N SER A 71 21.22 -25.06 -15.85
CA SER A 71 21.24 -26.51 -15.66
C SER A 71 22.14 -26.88 -14.49
N ARG A 72 23.39 -26.43 -14.51
CA ARG A 72 24.31 -26.67 -13.40
C ARG A 72 23.72 -26.17 -12.09
N LEU A 73 23.09 -25.00 -12.10
CA LEU A 73 22.42 -24.50 -10.91
C LEU A 73 21.33 -25.46 -10.46
N SER A 74 20.56 -26.00 -11.41
CA SER A 74 19.46 -26.88 -11.06
C SER A 74 19.96 -28.19 -10.46
N LEU A 75 20.97 -28.80 -11.08
CA LEU A 75 21.40 -30.13 -10.66
C LEU A 75 22.21 -30.08 -9.37
N VAL A 76 23.10 -29.08 -9.23
CA VAL A 76 23.90 -28.95 -8.02
C VAL A 76 22.99 -28.89 -6.79
N GLU A 77 21.90 -28.13 -6.88
CA GLU A 77 20.95 -28.07 -5.77
C GLU A 77 20.31 -29.43 -5.53
N GLN A 78 19.92 -30.12 -6.59
CA GLN A 78 19.35 -31.46 -6.45
C GLN A 78 20.34 -32.40 -5.75
N HIS A 79 21.63 -32.27 -6.06
CA HIS A 79 22.64 -33.06 -5.36
C HIS A 79 22.76 -32.63 -3.90
N GLU A 80 22.52 -31.34 -3.61
CA GLU A 80 22.59 -30.86 -2.25
C GLU A 80 21.39 -31.26 -1.42
N CYS A 81 20.24 -31.54 -2.06
CA CYS A 81 19.07 -32.04 -1.34
C CYS A 81 19.24 -33.51 -0.98
N LEU A 82 19.62 -34.34 -1.96
CA LEU A 82 19.79 -35.76 -1.73
C LEU A 82 20.76 -36.01 -0.57
N ALA A 83 21.77 -35.16 -0.43
CA ALA A 83 22.70 -35.30 0.67
C ALA A 83 22.00 -35.03 2.01
N SER A 84 21.21 -33.95 2.07
CA SER A 84 20.47 -33.65 3.29
C SER A 84 19.46 -34.74 3.61
N ILE A 85 18.89 -35.37 2.58
CA ILE A 85 17.93 -36.44 2.81
C ILE A 85 18.63 -37.72 3.25
N LEU A 86 19.77 -38.03 2.63
CA LEU A 86 20.56 -39.18 3.07
C LEU A 86 21.07 -38.99 4.48
N HIS A 87 21.54 -37.79 4.80
CA HIS A 87 21.95 -37.49 6.17
C HIS A 87 20.82 -37.76 7.15
N ALA A 88 19.59 -37.33 6.81
CA ALA A 88 18.45 -37.61 7.67
C ALA A 88 18.24 -39.11 7.83
N ALA A 89 18.37 -39.88 6.75
CA ALA A 89 18.16 -41.32 6.82
C ALA A 89 19.14 -41.98 7.76
N VAL A 90 20.42 -41.59 7.70
CA VAL A 90 21.42 -42.18 8.58
C VAL A 90 21.11 -41.85 10.04
N GLN A 91 20.56 -40.65 10.29
CA GLN A 91 20.18 -40.26 11.64
C GLN A 91 19.02 -41.07 12.19
N ARG A 92 18.42 -41.97 11.41
CA ARG A 92 17.25 -42.73 11.83
C ARG A 92 17.56 -44.19 12.11
N HIS A 93 18.83 -44.55 12.22
CA HIS A 93 19.26 -45.89 12.60
C HIS A 93 18.83 -46.96 11.61
N HIS A 94 18.31 -46.58 10.44
CA HIS A 94 17.96 -47.53 9.39
C HIS A 94 19.14 -47.81 8.45
N ALA A 95 20.13 -46.92 8.42
CA ALA A 95 21.33 -47.18 7.64
C ALA A 95 22.00 -48.47 8.14
N THR A 96 22.61 -49.20 7.22
CA THR A 96 23.18 -50.51 7.50
C THR A 96 24.71 -50.45 7.43
N ILE A 97 25.33 -51.43 8.11
CA ILE A 97 26.78 -51.53 8.10
C ILE A 97 27.30 -51.70 6.68
N ALA A 98 26.49 -52.28 5.80
CA ALA A 98 26.91 -52.48 4.41
C ALA A 98 27.05 -51.15 3.67
N ASP A 99 26.02 -50.30 3.78
CA ASP A 99 26.08 -48.99 3.12
C ASP A 99 27.24 -48.17 3.62
N PHE A 100 27.64 -48.35 4.89
CA PHE A 100 28.77 -47.63 5.43
C PHE A 100 30.06 -48.03 4.73
N GLN A 101 30.27 -49.34 4.56
CA GLN A 101 31.48 -49.81 3.88
C GLN A 101 31.54 -49.31 2.45
N ASP A 102 30.39 -49.20 1.79
CA ASP A 102 30.37 -48.67 0.43
C ASP A 102 30.57 -47.15 0.41
N PHE A 103 29.98 -46.44 1.38
CA PHE A 103 30.15 -44.99 1.43
C PHE A 103 31.60 -44.61 1.70
N ILE A 104 32.25 -45.29 2.64
CA ILE A 104 33.67 -45.06 2.88
C ILE A 104 34.47 -45.32 1.61
N LYS A 105 34.06 -46.32 0.83
CA LYS A 105 34.76 -46.62 -0.41
C LYS A 105 34.68 -45.45 -1.39
N ILE A 106 33.50 -44.81 -1.48
CA ILE A 106 33.36 -43.65 -2.35
C ILE A 106 34.32 -42.54 -1.90
N LEU A 107 34.44 -42.33 -0.59
CA LEU A 107 35.37 -41.31 -0.09
C LEU A 107 36.81 -41.70 -0.36
N ARG A 108 37.14 -42.99 -0.19
CA ARG A 108 38.49 -43.46 -0.44
C ARG A 108 38.87 -43.37 -1.92
N LYS A 109 37.88 -43.40 -2.82
CA LYS A 109 38.13 -43.25 -4.24
C LYS A 109 38.07 -41.80 -4.70
N TRP A 110 37.31 -40.95 -4.00
CA TRP A 110 37.07 -39.59 -4.46
C TRP A 110 38.38 -38.82 -4.61
N ASP A 111 38.53 -38.17 -5.77
CA ASP A 111 39.78 -37.51 -6.15
C ASP A 111 39.72 -36.00 -6.07
N LYS A 112 38.68 -35.38 -6.62
CA LYS A 112 38.62 -33.93 -6.77
C LYS A 112 37.93 -33.32 -5.55
N TYR A 113 38.62 -32.39 -4.88
CA TYR A 113 38.04 -31.60 -3.80
C TYR A 113 37.17 -30.52 -4.43
N ASP A 114 35.86 -30.69 -4.38
CA ASP A 114 34.91 -29.85 -5.10
C ASP A 114 33.74 -29.54 -4.18
N HIS A 115 32.67 -28.97 -4.76
CA HIS A 115 31.47 -28.68 -3.99
C HIS A 115 30.69 -29.95 -3.67
N PHE A 116 30.77 -30.95 -4.55
CA PHE A 116 30.08 -32.22 -4.29
C PHE A 116 30.63 -32.92 -3.06
N LEU A 117 31.93 -32.80 -2.82
CA LEU A 117 32.52 -33.41 -1.63
C LEU A 117 31.95 -32.79 -0.36
N ILE A 118 31.82 -31.46 -0.33
CA ILE A 118 31.31 -30.78 0.85
C ILE A 118 29.89 -31.25 1.18
N HIS A 119 29.11 -31.58 0.15
CA HIS A 119 27.74 -32.04 0.38
C HIS A 119 27.70 -33.32 1.22
N LEU A 120 28.79 -34.09 1.22
CA LEU A 120 28.82 -35.38 1.91
C LEU A 120 29.43 -35.31 3.31
N ILE A 121 30.01 -34.17 3.69
CA ILE A 121 30.61 -34.05 5.02
C ILE A 121 29.57 -34.27 6.12
N PRO A 122 28.38 -33.68 6.06
CA PRO A 122 27.39 -33.98 7.10
C PRO A 122 26.95 -35.43 7.11
N VAL A 123 26.94 -36.09 5.96
CA VAL A 123 26.60 -37.51 5.91
C VAL A 123 27.70 -38.35 6.54
N LEU A 124 28.95 -37.94 6.36
CA LEU A 124 30.07 -38.65 6.95
C LEU A 124 30.00 -38.61 8.47
N ALA A 125 29.98 -37.40 9.04
CA ALA A 125 29.89 -37.27 10.50
C ALA A 125 28.63 -37.91 11.05
N ALA A 126 27.63 -38.17 10.20
CA ALA A 126 26.45 -38.91 10.65
C ALA A 126 26.74 -40.40 10.75
N TYR A 127 27.40 -40.97 9.75
CA TYR A 127 27.84 -42.36 9.84
C TYR A 127 28.77 -42.56 11.04
N ILE A 128 29.71 -41.64 11.24
CA ILE A 128 30.68 -41.77 12.32
C ILE A 128 29.98 -41.69 13.67
N THR A 129 29.10 -40.70 13.84
CA THR A 129 28.37 -40.55 15.09
C THR A 129 27.40 -41.71 15.31
N GLU A 130 27.07 -42.47 14.26
CA GLU A 130 26.21 -43.64 14.42
C GLU A 130 27.02 -44.86 14.87
N PHE A 131 27.92 -45.34 14.00
CA PHE A 131 28.65 -46.56 14.28
C PHE A 131 29.86 -46.31 15.19
N GLY A 132 30.41 -45.09 15.17
CA GLY A 132 31.58 -44.78 15.95
C GLY A 132 31.29 -44.35 17.38
N SER A 133 30.30 -43.47 17.55
CA SER A 133 30.03 -42.88 18.85
C SER A 133 29.10 -43.77 19.67
N PRO A 134 29.10 -43.59 21.00
CA PRO A 134 28.07 -44.27 21.82
C PRO A 134 26.70 -43.65 21.69
N GLU A 135 26.59 -42.37 21.31
CA GLU A 135 25.28 -41.78 21.05
C GLU A 135 24.56 -42.56 19.96
N GLY A 136 25.28 -43.03 18.95
CA GLY A 136 24.70 -43.91 17.96
C GLY A 136 24.60 -45.33 18.49
N MET A 137 23.50 -46.00 18.13
CA MET A 137 23.23 -47.36 18.59
C MET A 137 24.06 -48.34 17.75
N GLY A 138 25.37 -48.28 17.96
CA GLY A 138 26.30 -49.19 17.31
C GLY A 138 26.97 -50.11 18.30
N ASP A 139 27.05 -51.40 17.99
CA ASP A 139 27.71 -52.33 18.88
C ASP A 139 29.16 -51.93 19.09
N LEU A 140 29.66 -52.13 20.31
CA LEU A 140 31.05 -51.81 20.61
C LEU A 140 31.99 -52.64 19.75
N GLN A 141 31.74 -53.95 19.68
CA GLN A 141 32.53 -54.79 18.78
C GLN A 141 32.41 -54.32 17.34
N GLN A 142 31.25 -53.79 16.95
CA GLN A 142 31.07 -53.22 15.62
C GLN A 142 31.68 -51.83 15.52
N ALA A 143 31.67 -51.07 16.62
CA ALA A 143 32.35 -49.78 16.64
C ALA A 143 33.86 -49.96 16.64
N ARG A 144 34.35 -51.02 17.28
CA ARG A 144 35.75 -51.39 17.15
C ARG A 144 36.07 -51.96 15.77
N ARG A 145 35.10 -52.65 15.16
CA ARG A 145 35.36 -53.34 13.90
C ARG A 145 35.77 -52.37 12.81
N LEU A 146 35.07 -51.25 12.68
CA LEU A 146 35.38 -50.28 11.65
C LEU A 146 36.57 -49.40 12.01
N ASN A 147 37.05 -49.45 13.25
CA ASN A 147 38.27 -48.71 13.61
C ASN A 147 39.42 -49.09 12.69
N ASP A 148 39.56 -50.38 12.38
CA ASP A 148 40.58 -50.81 11.43
C ASP A 148 40.19 -50.46 10.00
N PHE A 149 38.90 -50.57 9.68
CA PHE A 149 38.43 -50.21 8.36
C PHE A 149 38.76 -48.77 8.02
N ILE A 150 38.99 -47.93 9.02
CA ILE A 150 39.26 -46.51 8.84
C ILE A 150 40.72 -46.18 9.15
N CYS A 151 41.21 -46.59 10.31
CA CYS A 151 42.41 -46.02 10.90
C CYS A 151 43.69 -46.78 10.57
N LYS A 152 43.64 -48.11 10.48
CA LYS A 152 44.86 -48.91 10.46
C LYS A 152 45.79 -48.48 9.34
N GLY A 153 45.24 -48.10 8.19
CA GLY A 153 46.05 -47.75 7.05
C GLY A 153 46.57 -48.97 6.33
N GLY A 154 47.01 -48.75 5.09
CA GLY A 154 47.53 -49.82 4.26
C GLY A 154 46.52 -50.89 3.90
N ASP A 155 45.23 -50.57 3.96
CA ASP A 155 44.15 -51.49 3.56
C ASP A 155 43.28 -50.76 2.53
N GLU A 156 43.81 -50.63 1.32
CA GLU A 156 43.32 -49.70 0.31
C GLU A 156 43.41 -48.26 0.79
N ASP A 157 44.06 -48.03 1.93
CA ASP A 157 44.10 -46.71 2.57
C ASP A 157 45.05 -45.77 1.86
N SER A 158 45.33 -46.03 0.58
CA SER A 158 45.95 -45.03 -0.29
C SER A 158 44.84 -44.16 -0.89
N TRP A 159 44.20 -43.40 -0.01
CA TRP A 159 43.10 -42.52 -0.39
C TRP A 159 43.51 -41.63 -1.56
N ALA A 160 42.64 -41.54 -2.57
CA ALA A 160 42.91 -40.66 -3.70
C ALA A 160 43.14 -39.23 -3.24
N LEU A 161 42.59 -38.86 -2.08
CA LEU A 161 42.89 -37.60 -1.41
C LEU A 161 43.50 -37.91 -0.05
N PRO A 162 44.82 -37.83 0.10
CA PRO A 162 45.42 -38.19 1.39
C PRO A 162 44.95 -37.31 2.53
N VAL A 163 44.69 -36.03 2.24
CA VAL A 163 44.22 -35.11 3.27
C VAL A 163 42.81 -35.49 3.71
N LEU A 164 41.98 -35.99 2.79
CA LEU A 164 40.63 -36.40 3.15
C LEU A 164 40.66 -37.58 4.13
N GLY A 165 41.47 -38.58 3.83
CA GLY A 165 41.61 -39.71 4.75
C GLY A 165 42.11 -39.30 6.11
N ALA A 166 42.94 -38.25 6.17
CA ALA A 166 43.39 -37.73 7.45
C ALA A 166 42.24 -37.11 8.24
N ALA A 167 41.28 -36.49 7.54
CA ALA A 167 40.13 -35.91 8.21
C ALA A 167 39.17 -37.00 8.70
N VAL A 168 39.02 -38.06 7.91
CA VAL A 168 38.14 -39.16 8.32
C VAL A 168 38.69 -39.84 9.56
N ARG A 169 40.00 -40.07 9.60
CA ARG A 169 40.61 -40.76 10.73
C ARG A 169 40.50 -39.94 12.01
N ALA A 170 40.74 -38.63 11.93
CA ALA A 170 40.68 -37.78 13.12
C ALA A 170 39.27 -37.75 13.70
N TRP A 171 38.24 -37.86 12.86
CA TRP A 171 36.87 -37.79 13.36
C TRP A 171 36.51 -39.04 14.16
N TRP A 172 36.79 -40.22 13.61
CA TRP A 172 36.43 -41.46 14.30
C TRP A 172 37.13 -41.55 15.65
N ILE A 173 38.42 -41.17 15.70
CA ILE A 173 39.15 -41.23 16.96
C ILE A 173 38.50 -40.34 18.00
N ALA A 174 38.23 -39.09 17.64
CA ALA A 174 37.59 -38.16 18.58
C ALA A 174 36.22 -38.68 19.02
N GLU A 175 35.51 -39.34 18.11
CA GLU A 175 34.17 -39.85 18.40
C GLU A 175 34.20 -41.20 19.09
N HIS A 176 35.31 -41.95 19.00
CA HIS A 176 35.40 -43.30 19.54
C HIS A 176 36.13 -43.35 20.88
N ASN A 177 37.04 -42.42 21.14
CA ASN A 177 37.77 -42.43 22.41
C ASN A 177 36.83 -42.16 23.59
N GLY A 178 35.72 -41.47 23.35
CA GLY A 178 34.75 -41.24 24.41
C GLY A 178 34.01 -42.49 24.81
N PHE A 179 33.90 -43.46 23.89
CA PHE A 179 33.23 -44.72 24.22
C PHE A 179 34.02 -45.49 25.27
N TYR A 180 35.35 -45.52 25.13
CA TYR A 180 36.20 -46.21 26.09
C TYR A 180 36.24 -45.55 27.47
N LEU A 181 35.53 -44.43 27.65
CA LEU A 181 35.48 -43.81 28.98
C LEU A 181 34.78 -44.74 29.97
N ASP A 182 33.61 -45.24 29.61
CA ASP A 182 32.85 -46.15 30.46
C ASP A 182 31.53 -46.55 29.79
N GLY A 190 38.04 -54.54 30.72
CA GLY A 190 38.58 -53.82 29.59
C GLY A 190 39.88 -54.44 29.09
N ILE A 191 40.28 -54.10 27.87
CA ILE A 191 41.44 -54.71 27.22
C ILE A 191 42.32 -53.60 26.65
N ASN A 192 43.59 -53.57 27.07
CA ASN A 192 44.64 -52.81 26.40
C ASN A 192 44.34 -51.31 26.37
N LEU A 193 43.83 -50.78 27.49
CA LEU A 193 43.51 -49.35 27.54
C LEU A 193 44.76 -48.50 27.36
N ASP A 194 45.81 -48.79 28.14
CA ASP A 194 47.03 -48.00 28.07
C ASP A 194 47.65 -48.03 26.68
N GLU A 195 47.53 -49.16 25.97
CA GLU A 195 48.09 -49.26 24.63
C GLU A 195 47.21 -48.52 23.61
N GLU A 196 45.89 -48.67 23.71
CA GLU A 196 44.99 -48.01 22.76
C GLU A 196 45.21 -46.51 22.78
N ASP A 197 45.13 -45.88 23.96
CA ASP A 197 45.34 -44.44 24.06
C ASP A 197 46.66 -44.02 23.41
N GLU A 198 47.72 -44.80 23.61
CA GLU A 198 48.98 -44.53 22.93
C GLU A 198 48.81 -44.68 21.41
N GLN A 199 48.09 -45.72 20.98
CA GLN A 199 47.81 -45.88 19.56
C GLN A 199 46.94 -44.73 19.04
N ARG A 200 45.93 -44.33 19.82
CA ARG A 200 45.02 -43.28 19.39
C ARG A 200 45.77 -41.96 19.16
N THR A 201 46.49 -41.48 20.19
CA THR A 201 47.19 -40.22 20.07
C THR A 201 48.21 -40.23 18.94
N LYS A 202 48.81 -41.39 18.65
CA LYS A 202 49.81 -41.46 17.59
C LYS A 202 49.18 -41.24 16.22
N GLN A 203 48.26 -42.12 15.83
CA GLN A 203 47.60 -41.99 14.54
C GLN A 203 46.73 -40.73 14.45
N PHE A 204 46.48 -40.06 15.57
CA PHE A 204 45.76 -38.79 15.54
C PHE A 204 46.71 -37.63 15.27
N LEU A 205 47.84 -37.58 15.98
CA LEU A 205 48.80 -36.51 15.75
C LEU A 205 49.37 -36.56 14.35
N ASP A 206 49.70 -37.76 13.86
CA ASP A 206 50.17 -37.90 12.49
C ASP A 206 49.11 -37.45 11.49
N ALA A 207 47.83 -37.57 11.85
CA ALA A 207 46.77 -37.13 10.96
C ALA A 207 46.67 -35.61 10.93
N LEU A 208 46.90 -34.96 12.08
CA LEU A 208 46.90 -33.50 12.12
C LEU A 208 47.98 -32.94 11.22
N LYS A 209 49.20 -33.47 11.32
CA LYS A 209 50.28 -33.05 10.44
C LYS A 209 49.98 -33.38 8.98
N GLU A 210 49.26 -34.48 8.74
CA GLU A 210 48.86 -34.83 7.38
C GLU A 210 47.96 -33.78 6.76
N GLY A 211 47.31 -32.94 7.59
CA GLY A 211 46.48 -31.86 7.10
C GLY A 211 45.02 -31.99 7.47
N ALA A 212 44.74 -32.59 8.63
CA ALA A 212 43.35 -32.79 9.04
C ALA A 212 42.66 -31.47 9.34
N PHE A 213 43.15 -30.74 10.34
CA PHE A 213 42.49 -29.51 10.76
C PHE A 213 42.49 -28.45 9.66
N ASP A 214 43.47 -28.50 8.76
CA ASP A 214 43.47 -27.58 7.62
C ASP A 214 42.40 -27.95 6.59
N PHE A 215 41.92 -29.19 6.62
CA PHE A 215 40.83 -29.63 5.76
C PHE A 215 39.47 -29.35 6.38
N ILE A 216 39.26 -29.80 7.62
CA ILE A 216 38.01 -29.52 8.32
C ILE A 216 37.76 -28.01 8.36
N LEU A 217 38.83 -27.23 8.57
CA LEU A 217 38.67 -25.77 8.56
C LEU A 217 38.41 -25.26 7.15
N SER A 218 39.04 -25.87 6.14
CA SER A 218 38.81 -25.43 4.77
C SER A 218 37.37 -25.69 4.34
N VAL A 219 36.79 -26.81 4.80
CA VAL A 219 35.39 -27.08 4.52
C VAL A 219 34.51 -26.04 5.22
N ALA A 220 34.78 -25.78 6.49
CA ALA A 220 33.98 -24.81 7.23
C ALA A 220 34.08 -23.42 6.64
N ALA A 221 35.21 -23.10 6.00
CA ALA A 221 35.41 -21.78 5.39
C ALA A 221 34.87 -21.71 3.96
N ASP A 222 35.11 -22.74 3.16
CA ASP A 222 34.55 -22.76 1.81
C ASP A 222 33.04 -22.96 1.82
N CYS A 223 32.53 -23.72 2.80
CA CYS A 223 31.10 -24.01 2.87
C CYS A 223 30.30 -22.74 3.12
N LYS A 224 30.46 -22.14 4.31
CA LYS A 224 29.68 -20.96 4.69
C LYS A 224 30.28 -19.72 4.02
N ALA A 225 30.10 -19.66 2.71
CA ALA A 225 30.67 -18.60 1.88
C ALA A 225 29.55 -17.65 1.44
N GLN A 226 29.26 -16.67 2.30
CA GLN A 226 28.40 -15.57 1.89
C GLN A 226 29.06 -14.82 0.75
N GLU A 227 28.43 -14.85 -0.43
CA GLU A 227 29.07 -14.34 -1.63
C GLU A 227 29.31 -12.83 -1.60
N TRP A 228 28.89 -12.14 -0.54
CA TRP A 228 29.22 -10.73 -0.34
C TRP A 228 30.13 -10.59 0.87
N GLN A 229 31.06 -9.65 0.78
CA GLN A 229 32.16 -9.52 1.74
C GLN A 229 31.80 -8.49 2.79
N ASP A 230 31.43 -8.96 3.99
CA ASP A 230 31.16 -8.04 5.09
C ASP A 230 32.43 -7.28 5.41
N PRO A 231 32.50 -5.97 5.15
CA PRO A 231 33.77 -5.26 5.37
C PRO A 231 34.21 -5.22 6.82
N SER A 232 33.29 -5.38 7.78
CA SER A 232 33.66 -5.29 9.18
C SER A 232 34.50 -6.48 9.64
N GLN A 233 34.44 -7.61 8.92
CA GLN A 233 35.19 -8.81 9.27
C GLN A 233 36.04 -9.28 8.08
N LEU A 234 36.61 -8.34 7.35
CA LEU A 234 37.49 -8.70 6.24
C LEU A 234 38.81 -9.25 6.78
N GLY A 235 39.28 -10.34 6.17
CA GLY A 235 40.53 -10.96 6.54
C GLY A 235 40.51 -11.74 7.82
N ALA A 236 39.47 -11.62 8.64
CA ALA A 236 39.39 -12.37 9.88
C ALA A 236 39.33 -13.85 9.60
N ARG A 237 40.14 -14.63 10.32
CA ARG A 237 40.16 -16.08 10.20
C ARG A 237 40.63 -16.54 8.83
N GLN A 238 41.31 -15.67 8.09
CA GLN A 238 41.75 -15.94 6.73
C GLN A 238 43.25 -15.73 6.57
N TRP A 239 44.00 -15.75 7.67
CA TRP A 239 45.44 -15.57 7.66
C TRP A 239 46.21 -16.86 7.86
N LEU A 240 45.53 -17.94 8.20
CA LEU A 240 46.19 -19.23 8.41
C LEU A 240 46.53 -19.85 7.06
N GLN A 241 47.68 -20.50 7.00
CA GLN A 241 48.12 -21.11 5.75
C GLN A 241 47.12 -22.17 5.30
N ARG A 242 47.02 -22.35 3.98
CA ARG A 242 46.02 -23.24 3.38
C ARG A 242 46.69 -24.10 2.32
N LYS A 243 47.05 -25.33 2.69
CA LYS A 243 47.52 -26.30 1.72
C LYS A 243 46.40 -26.90 0.90
N ILE A 244 45.14 -26.67 1.28
CA ILE A 244 44.00 -27.16 0.49
C ILE A 244 43.91 -26.33 -0.79
N PRO A 245 43.61 -26.94 -1.94
CA PRO A 245 43.44 -26.14 -3.15
C PRO A 245 42.05 -25.51 -3.20
N SER A 246 42.02 -24.24 -3.58
CA SER A 246 40.76 -23.50 -3.63
C SER A 246 39.77 -24.19 -4.56
N LEU A 247 38.50 -24.11 -4.21
CA LEU A 247 37.45 -24.71 -5.02
C LEU A 247 37.44 -24.06 -6.41
N PRO A 248 36.95 -24.78 -7.43
CA PRO A 248 37.02 -24.24 -8.80
C PRO A 248 36.23 -22.96 -9.00
N SER A 249 36.33 -22.38 -10.20
CA SER A 249 35.73 -21.09 -10.51
C SER A 249 34.21 -21.13 -10.59
N GLU A 250 33.57 -22.26 -10.32
CA GLU A 250 32.13 -22.37 -10.49
C GLU A 250 31.42 -21.48 -9.46
N PRO A 251 30.23 -20.97 -9.81
CA PRO A 251 29.48 -20.11 -8.87
C PRO A 251 28.52 -20.89 -8.00
N PHE A 252 28.78 -22.18 -7.82
CA PHE A 252 27.85 -23.06 -7.12
C PHE A 252 27.72 -22.64 -5.66
N PRO A 253 26.55 -22.20 -5.21
CA PRO A 253 26.41 -21.79 -3.80
C PRO A 253 26.17 -22.96 -2.87
N PHE A 254 25.87 -22.66 -1.60
CA PHE A 254 25.52 -23.66 -0.60
C PHE A 254 24.27 -23.22 0.12
N SER A 255 23.35 -24.16 0.31
CA SER A 255 22.06 -23.84 0.92
C SER A 255 22.23 -23.21 2.28
N HIS A 256 21.36 -22.25 2.60
CA HIS A 256 21.35 -21.66 3.93
C HIS A 256 21.13 -22.70 5.02
N PHE A 257 20.54 -23.84 4.67
CA PHE A 257 20.39 -24.97 5.60
C PHE A 257 21.61 -25.87 5.61
N LEU A 258 22.20 -26.14 4.44
CA LEU A 258 23.35 -27.03 4.38
C LEU A 258 24.49 -26.51 5.22
N GLN A 259 24.71 -25.18 5.21
CA GLN A 259 25.70 -24.58 6.10
C GLN A 259 25.41 -24.94 7.55
N HIS A 260 24.15 -24.80 7.96
CA HIS A 260 23.78 -25.10 9.34
C HIS A 260 24.07 -26.55 9.68
N SER A 261 23.60 -27.49 8.84
CA SER A 261 23.78 -28.90 9.11
C SER A 261 25.26 -29.26 9.28
N LEU A 262 26.14 -28.57 8.57
CA LEU A 262 27.57 -28.77 8.77
C LEU A 262 27.99 -28.33 10.16
N MET A 263 27.66 -27.08 10.53
CA MET A 263 28.08 -26.54 11.82
C MET A 263 27.45 -27.25 13.00
N VAL A 264 26.48 -28.14 12.77
CA VAL A 264 25.98 -28.99 13.85
C VAL A 264 26.95 -30.13 14.11
N HIS A 265 27.43 -30.78 13.05
CA HIS A 265 28.39 -31.87 13.22
C HIS A 265 29.75 -31.36 13.66
N LEU A 266 30.13 -30.15 13.25
CA LEU A 266 31.39 -29.58 13.71
C LEU A 266 31.34 -29.24 15.20
N GLU A 267 30.14 -28.99 15.74
CA GLU A 267 30.00 -28.90 17.18
C GLU A 267 30.22 -30.27 17.83
N GLY A 268 29.71 -31.33 17.19
CA GLY A 268 29.97 -32.67 17.69
C GLY A 268 31.43 -33.06 17.58
N PHE A 269 32.11 -32.57 16.54
CA PHE A 269 33.54 -32.81 16.42
C PHE A 269 34.30 -32.01 17.48
N VAL A 270 34.03 -30.71 17.57
CA VAL A 270 34.68 -29.88 18.58
C VAL A 270 34.38 -30.42 19.98
N ASP A 271 33.11 -30.71 20.25
CA ASP A 271 32.73 -31.25 21.54
C ASP A 271 33.42 -32.58 21.82
N ALA A 272 33.63 -33.39 20.79
CA ALA A 272 34.25 -34.69 20.97
C ALA A 272 35.72 -34.56 21.37
N THR A 273 36.50 -33.81 20.59
CA THR A 273 37.93 -33.70 20.86
C THR A 273 38.20 -33.05 22.21
N ILE A 274 37.39 -32.05 22.58
CA ILE A 274 37.64 -31.35 23.84
C ILE A 274 37.29 -32.23 25.03
N SER A 275 36.26 -33.07 24.90
CA SER A 275 35.82 -33.90 26.00
C SER A 275 36.51 -35.26 26.05
N ASN A 276 36.91 -35.80 24.90
CA ASN A 276 37.49 -37.14 24.83
C ASN A 276 38.99 -37.15 24.69
N LEU A 277 39.58 -36.11 24.07
CA LEU A 277 41.02 -36.04 23.85
C LEU A 277 41.59 -34.73 24.38
N PRO A 278 41.42 -34.46 25.68
CA PRO A 278 42.09 -33.27 26.24
C PRO A 278 43.61 -33.30 26.10
N ASP A 279 44.23 -34.40 26.51
CA ASP A 279 45.70 -34.46 26.53
C ASP A 279 46.29 -34.26 25.15
N VAL A 280 45.56 -34.61 24.09
CA VAL A 280 46.04 -34.36 22.74
C VAL A 280 46.16 -32.87 22.48
N LEU A 281 45.23 -32.09 23.02
CA LEU A 281 45.29 -30.64 22.87
C LEU A 281 46.40 -30.06 23.74
N ARG A 282 46.61 -30.61 24.93
CA ARG A 282 47.66 -30.15 25.82
C ARG A 282 49.04 -30.70 25.43
N LYS A 283 49.09 -31.68 24.53
CA LYS A 283 50.35 -32.05 23.89
C LYS A 283 50.67 -31.11 22.73
N LEU A 284 49.67 -30.45 22.18
CA LEU A 284 49.86 -29.48 21.10
C LEU A 284 50.16 -28.08 21.62
N ARG A 285 49.74 -27.74 22.84
CA ARG A 285 50.05 -26.42 23.38
C ARG A 285 51.55 -26.28 23.61
N THR A 286 52.19 -27.31 24.16
CA THR A 286 53.61 -27.23 24.50
C THR A 286 54.48 -27.51 23.28
N GLU A 287 54.01 -28.33 22.34
CA GLU A 287 54.82 -28.68 21.17
C GLU A 287 55.15 -27.45 20.34
N GLU A 288 54.12 -26.70 19.92
CA GLU A 288 54.33 -25.56 19.03
C GLU A 288 54.70 -24.30 19.78
N ASP A 289 54.30 -24.17 21.05
CA ASP A 289 54.66 -22.98 21.81
C ASP A 289 56.15 -22.92 22.10
N GLU A 290 56.74 -24.06 22.50
CA GLU A 290 58.18 -24.10 22.75
C GLU A 290 58.97 -24.26 21.46
N GLN A 291 58.40 -24.93 20.45
CA GLN A 291 59.01 -24.95 19.14
C GLN A 291 59.00 -23.58 18.49
N ARG A 292 58.12 -22.67 18.92
CA ARG A 292 58.10 -21.32 18.40
C ARG A 292 59.35 -20.55 18.81
N GLN A 293 59.95 -20.93 19.94
CA GLN A 293 61.14 -20.22 20.42
C GLN A 293 62.41 -20.77 19.77
N LEU A 294 62.47 -22.09 19.54
CA LEU A 294 63.65 -22.69 18.92
C LEU A 294 63.63 -22.56 17.39
N ARG A 295 62.45 -22.62 16.78
CA ARG A 295 62.29 -22.56 15.33
C ARG A 295 61.22 -21.53 15.01
N PRO A 296 61.50 -20.24 15.22
CA PRO A 296 60.48 -19.21 14.96
C PRO A 296 60.18 -18.99 13.48
N ASN A 297 61.07 -19.38 12.58
CA ASN A 297 60.94 -19.02 11.17
C ASN A 297 60.11 -20.02 10.37
N HIS A 298 60.12 -21.30 10.75
CA HIS A 298 59.50 -22.34 9.95
C HIS A 298 57.97 -22.27 9.95
N GLU A 299 57.37 -21.41 10.76
CA GLU A 299 55.92 -21.38 10.94
C GLU A 299 55.43 -22.74 11.42
N GLN A 300 55.89 -23.12 12.61
CA GLN A 300 55.59 -24.42 13.21
C GLN A 300 54.09 -24.71 13.18
N ASP A 301 53.73 -25.99 13.24
CA ASP A 301 52.35 -26.45 13.05
C ASP A 301 51.33 -25.58 13.75
N MET A 302 50.50 -24.88 12.97
CA MET A 302 49.45 -24.01 13.49
C MET A 302 48.10 -24.71 13.55
N ASP A 303 48.06 -25.98 13.94
CA ASP A 303 46.81 -26.72 13.92
C ASP A 303 45.89 -26.32 15.06
N LEU A 304 46.45 -26.03 16.25
CA LEU A 304 45.61 -25.61 17.36
C LEU A 304 44.90 -24.31 17.04
N GLU A 305 45.57 -23.39 16.36
CA GLU A 305 44.90 -22.17 15.92
C GLU A 305 43.75 -22.49 14.98
N ARG A 306 44.00 -23.36 14.00
CA ARG A 306 42.94 -23.79 13.09
C ARG A 306 41.79 -24.46 13.83
N PHE A 307 42.07 -25.07 14.98
CA PHE A 307 41.01 -25.69 15.76
C PHE A 307 40.07 -24.64 16.36
N LEU A 308 40.62 -23.54 16.86
CA LEU A 308 39.78 -22.48 17.40
C LEU A 308 38.95 -21.83 16.31
N ILE A 309 39.46 -21.78 15.07
CA ILE A 309 38.67 -21.24 13.97
C ILE A 309 37.56 -22.23 13.60
N ILE A 310 37.81 -23.53 13.75
CA ILE A 310 36.74 -24.51 13.55
C ILE A 310 35.62 -24.27 14.54
N ILE A 311 35.97 -23.92 15.79
CA ILE A 311 34.96 -23.58 16.78
C ILE A 311 34.24 -22.30 16.36
N SER A 312 34.98 -21.33 15.82
CA SER A 312 34.39 -20.05 15.44
C SER A 312 33.34 -20.26 14.34
N TYR A 313 33.71 -20.95 13.25
CA TYR A 313 32.75 -21.23 12.19
C TYR A 313 31.58 -22.07 12.71
N ALA A 314 31.81 -22.91 13.71
CA ALA A 314 30.77 -23.81 14.19
C ALA A 314 29.68 -23.04 14.94
N TYR A 315 30.06 -22.36 16.01
CA TYR A 315 29.08 -21.69 16.88
C TYR A 315 28.66 -20.33 16.37
N GLU A 316 29.15 -19.89 15.22
CA GLU A 316 28.78 -18.58 14.69
C GLU A 316 27.29 -18.55 14.37
N GLY A 317 26.63 -17.47 14.77
CA GLY A 317 25.21 -17.30 14.54
C GLY A 317 24.31 -18.11 15.43
N ARG A 318 24.83 -19.16 16.08
CA ARG A 318 24.04 -20.06 16.93
C ARG A 318 24.36 -19.77 18.39
N PRO A 319 23.67 -18.83 19.04
CA PRO A 319 23.91 -18.60 20.47
C PRO A 319 23.38 -19.70 21.36
N ASP A 320 22.42 -20.50 20.89
CA ASP A 320 21.93 -21.61 21.71
C ASP A 320 23.04 -22.60 22.00
N ALA A 321 23.89 -22.90 21.01
CA ALA A 321 25.00 -23.81 21.21
C ALA A 321 26.16 -23.12 21.94
N ALA A 322 26.35 -21.82 21.71
CA ALA A 322 27.41 -21.07 22.37
C ALA A 322 27.17 -20.92 23.87
N MET A 323 25.95 -21.19 24.35
CA MET A 323 25.68 -21.11 25.78
C MET A 323 26.30 -22.26 26.56
N SER A 324 26.61 -23.38 25.90
CA SER A 324 27.30 -24.47 26.56
C SER A 324 28.72 -24.07 26.97
N PHE A 325 29.25 -22.99 26.40
CA PHE A 325 30.54 -22.44 26.81
C PHE A 325 30.42 -21.48 27.99
N TRP A 326 29.20 -21.04 28.32
CA TRP A 326 28.99 -20.09 29.43
C TRP A 326 28.00 -20.57 30.47
N GLU A 327 27.32 -21.70 30.24
CA GLU A 327 26.34 -22.21 31.19
C GLU A 327 27.00 -22.67 32.49
N ASP A 328 27.79 -23.74 32.42
CA ASP A 328 28.41 -24.35 33.58
C ASP A 328 29.90 -24.02 33.61
N PRO A 329 30.37 -23.21 34.55
CA PRO A 329 31.81 -22.90 34.58
C PRO A 329 32.70 -24.10 34.84
N ASP A 330 32.16 -25.20 35.32
CA ASP A 330 32.95 -26.39 35.64
C ASP A 330 32.98 -27.41 34.51
N SER A 331 32.19 -27.22 33.46
CA SER A 331 32.17 -28.16 32.35
C SER A 331 33.49 -28.10 31.58
N ASN A 332 33.71 -29.12 30.75
CA ASN A 332 34.94 -29.19 29.97
C ASN A 332 35.00 -28.06 28.93
N LEU A 333 33.85 -27.60 28.44
CA LEU A 333 33.83 -26.54 27.45
C LEU A 333 34.20 -25.20 28.06
N ALA A 334 33.59 -24.86 29.20
CA ALA A 334 33.95 -23.63 29.89
C ALA A 334 35.38 -23.70 30.42
N GLY A 335 35.80 -24.87 30.89
CA GLY A 335 37.18 -25.06 31.30
C GLY A 335 38.16 -24.96 30.15
N PHE A 336 37.67 -25.10 28.91
CA PHE A 336 38.55 -24.95 27.75
C PHE A 336 38.89 -23.49 27.50
N LEU A 337 37.90 -22.60 27.62
CA LEU A 337 38.16 -21.18 27.42
C LEU A 337 39.14 -20.65 28.45
N GLN A 338 39.01 -21.10 29.70
CA GLN A 338 40.01 -20.77 30.71
C GLN A 338 41.40 -21.22 30.27
N TRP A 339 41.47 -22.37 29.60
CA TRP A 339 42.75 -22.99 29.26
C TRP A 339 43.42 -22.29 28.08
N ALA A 340 42.66 -21.95 27.04
CA ALA A 340 43.24 -21.34 25.85
C ALA A 340 43.61 -19.88 26.07
N SER A 341 42.93 -19.21 27.00
CA SER A 341 43.13 -17.79 27.25
C SER A 341 44.31 -17.49 28.16
N ARG A 342 44.88 -18.50 28.81
CA ARG A 342 45.93 -18.25 29.79
C ARG A 342 47.14 -17.58 29.16
N ARG A 343 47.74 -18.23 28.17
CA ARG A 343 48.93 -17.70 27.51
C ARG A 343 48.56 -16.98 26.23
N ALA A 344 49.51 -16.16 25.74
CA ALA A 344 49.25 -15.19 24.68
C ALA A 344 50.38 -15.21 23.63
N SER A 345 50.49 -16.32 22.92
CA SER A 345 51.30 -16.36 21.71
C SER A 345 50.61 -15.51 20.63
N THR A 346 51.28 -14.47 20.16
CA THR A 346 50.62 -13.42 19.39
C THR A 346 49.71 -13.92 18.28
N PRO A 347 50.08 -14.94 17.48
CA PRO A 347 49.11 -15.47 16.52
C PRO A 347 48.02 -16.31 17.17
N LEU A 348 48.35 -17.00 18.27
CA LEU A 348 47.37 -17.80 18.98
C LEU A 348 46.34 -16.94 19.72
N VAL A 349 46.70 -15.71 20.07
CA VAL A 349 45.73 -14.80 20.68
C VAL A 349 44.65 -14.44 19.67
N SER A 350 45.06 -14.06 18.46
CA SER A 350 44.10 -13.74 17.41
C SER A 350 43.11 -14.88 17.22
N ALA A 351 43.62 -16.10 17.01
CA ALA A 351 42.75 -17.25 16.81
C ALA A 351 41.78 -17.44 17.97
N PHE A 352 42.18 -17.05 19.18
CA PHE A 352 41.27 -17.15 20.32
C PHE A 352 40.22 -16.04 20.28
N CYS A 353 40.60 -14.84 19.86
CA CYS A 353 39.64 -13.75 19.77
C CYS A 353 38.69 -13.93 18.59
N GLU A 354 39.16 -14.56 17.51
CA GLU A 354 38.25 -14.93 16.43
C GLU A 354 37.23 -15.96 16.89
N MET A 355 37.54 -16.70 17.96
CA MET A 355 36.58 -17.65 18.52
C MET A 355 35.54 -16.95 19.38
N LEU A 356 35.97 -16.00 20.23
CA LEU A 356 35.03 -15.30 21.09
C LEU A 356 34.04 -14.48 20.28
N ARG A 357 34.52 -13.81 19.23
CA ARG A 357 33.64 -13.00 18.41
C ARG A 357 32.48 -13.82 17.85
N CYS A 358 32.71 -15.11 17.61
CA CYS A 358 31.68 -16.01 17.13
C CYS A 358 30.94 -16.72 18.26
N LEU A 359 31.34 -16.50 19.51
CA LEU A 359 30.68 -17.05 20.69
C LEU A 359 29.93 -15.96 21.45
N ALA A 360 29.35 -15.00 20.72
CA ALA A 360 28.65 -13.89 21.36
C ALA A 360 27.64 -13.25 20.42
N ASP A 361 26.92 -14.08 19.66
CA ASP A 361 25.91 -13.56 18.75
C ASP A 361 24.60 -13.21 19.45
N ASN A 362 24.49 -13.52 20.74
CA ASN A 362 23.31 -13.22 21.55
C ASN A 362 23.71 -12.33 22.72
N GLU A 363 22.78 -11.48 23.14
CA GLU A 363 23.03 -10.62 24.29
C GLU A 363 23.45 -11.41 25.51
N GLU A 364 22.94 -12.64 25.66
CA GLU A 364 23.32 -13.48 26.78
C GLU A 364 24.75 -13.99 26.62
N CYS A 365 25.08 -14.53 25.44
CA CYS A 365 26.44 -15.00 25.19
C CYS A 365 27.43 -13.85 25.25
N ALA A 366 27.05 -12.68 24.74
CA ALA A 366 27.97 -11.55 24.72
C ALA A 366 28.23 -11.01 26.12
N THR A 367 27.19 -10.97 26.96
CA THR A 367 27.39 -10.53 28.34
C THR A 367 28.34 -11.45 29.09
N ALA A 368 28.27 -12.76 28.81
CA ALA A 368 29.21 -13.70 29.42
C ALA A 368 30.62 -13.44 28.95
N ALA A 369 30.80 -13.25 27.63
CA ALA A 369 32.13 -12.95 27.10
C ALA A 369 32.69 -11.68 27.71
N HIS A 370 31.86 -10.66 27.88
CA HIS A 370 32.31 -9.44 28.53
C HIS A 370 32.81 -9.72 29.93
N ASN A 371 32.10 -10.57 30.68
CA ASN A 371 32.51 -10.91 32.04
C ASN A 371 33.78 -11.74 32.04
N PHE A 372 33.99 -12.56 31.01
CA PHE A 372 35.20 -13.36 30.92
C PHE A 372 36.45 -12.50 30.84
N LEU A 373 36.35 -11.35 30.17
CA LEU A 373 37.47 -10.43 30.06
C LEU A 373 37.57 -9.49 31.25
N LEU A 374 36.72 -9.62 32.26
CA LEU A 374 36.82 -8.81 33.46
C LEU A 374 37.65 -9.49 34.54
N ASP A 375 37.40 -10.77 34.80
CA ASP A 375 38.12 -11.50 35.84
C ASP A 375 37.94 -10.83 37.19
N GLU A 376 36.69 -10.56 37.54
CA GLU A 376 36.34 -9.88 38.79
C GLU A 376 35.26 -10.64 39.54
N SER A 387 48.59 -16.71 36.54
CA SER A 387 47.71 -17.59 35.77
C SER A 387 46.54 -16.82 35.17
N GLN A 388 46.75 -15.52 34.94
CA GLN A 388 45.68 -14.67 34.46
C GLN A 388 45.32 -15.02 33.02
N SER A 389 44.03 -15.15 32.76
CA SER A 389 43.54 -15.33 31.40
C SER A 389 43.63 -14.01 30.64
N LEU A 390 43.17 -14.01 29.39
CA LEU A 390 43.09 -12.76 28.64
C LEU A 390 41.91 -11.94 29.14
N THR A 391 42.19 -10.70 29.54
CA THR A 391 41.20 -9.81 30.12
C THR A 391 41.22 -8.48 29.38
N TRP A 392 40.23 -7.64 29.67
CA TRP A 392 40.21 -6.29 29.12
C TRP A 392 41.44 -5.51 29.54
N SER A 393 41.88 -5.70 30.79
CA SER A 393 43.09 -5.04 31.27
C SER A 393 44.27 -5.34 30.36
N GLN A 394 44.40 -6.59 29.92
CA GLN A 394 45.52 -6.97 29.07
C GLN A 394 45.38 -6.39 27.67
N ILE A 395 44.16 -6.44 27.10
CA ILE A 395 43.95 -5.94 25.74
C ILE A 395 44.28 -4.46 25.68
N PHE A 396 43.70 -3.67 26.58
CA PHE A 396 43.88 -2.22 26.53
C PHE A 396 45.33 -1.81 26.78
N LYS A 397 46.11 -2.64 27.48
CA LYS A 397 47.54 -2.35 27.61
C LYS A 397 48.25 -2.44 26.27
N GLU A 398 47.92 -3.47 25.48
CA GLU A 398 48.56 -3.63 24.18
C GLU A 398 48.04 -2.59 23.18
N LEU A 399 46.76 -2.23 23.27
CA LEU A 399 46.24 -1.15 22.43
C LEU A 399 46.95 0.17 22.71
N GLU A 400 47.43 0.34 23.93
CA GLU A 400 48.22 1.52 24.29
C GLU A 400 49.71 1.32 24.07
N TYR A 401 50.16 0.07 23.97
CA TYR A 401 51.56 -0.21 23.72
C TYR A 401 51.94 0.03 22.26
N PHE A 402 51.00 -0.20 21.33
CA PHE A 402 51.28 -0.02 19.91
C PHE A 402 50.91 1.35 19.40
N THR A 403 50.04 2.09 20.09
CA THR A 403 49.73 3.45 19.67
C THR A 403 50.93 4.38 19.81
N THR A 404 51.93 3.98 20.60
CA THR A 404 53.18 4.73 20.73
C THR A 404 54.22 4.29 19.72
N LYS A 405 54.19 3.02 19.32
CA LYS A 405 55.05 2.57 18.22
C LYS A 405 54.71 3.24 16.90
N VAL A 406 53.64 4.04 16.85
CA VAL A 406 53.27 4.77 15.64
C VAL A 406 53.33 6.27 15.92
N CYS A 407 52.56 6.73 16.91
CA CYS A 407 52.49 8.15 17.24
C CYS A 407 53.65 8.55 18.16
N SER A 408 54.86 8.41 17.63
CA SER A 408 56.07 8.73 18.37
C SER A 408 56.13 10.22 18.73
N ASP A 427 59.00 3.17 18.66
CA ASP A 427 59.36 2.59 17.37
C ASP A 427 59.21 3.60 16.25
N PRO A 428 59.85 3.33 15.11
CA PRO A 428 59.46 4.01 13.87
C PRO A 428 58.03 3.63 13.49
N ALA A 429 57.39 4.52 12.72
CA ALA A 429 55.98 4.35 12.38
C ALA A 429 55.79 3.11 11.51
N GLU A 430 55.79 1.95 12.16
CA GLU A 430 55.56 0.67 11.49
C GLU A 430 55.29 -0.38 12.56
N ILE A 431 54.54 -1.42 12.18
CA ILE A 431 54.14 -2.47 13.11
C ILE A 431 54.26 -3.83 12.42
N GLU A 432 54.52 -4.85 13.23
CA GLU A 432 54.60 -6.22 12.73
C GLU A 432 53.23 -6.67 12.20
N PRO A 433 53.20 -7.51 11.16
CA PRO A 433 51.90 -7.99 10.67
C PRO A 433 51.14 -8.83 11.69
N GLU A 434 51.84 -9.76 12.37
CA GLU A 434 51.17 -10.56 13.40
C GLU A 434 50.68 -9.69 14.54
N SER A 435 51.47 -8.69 14.93
CA SER A 435 51.04 -7.76 15.97
C SER A 435 49.89 -6.89 15.48
N ALA A 436 49.97 -6.41 14.23
CA ALA A 436 48.88 -5.61 13.67
C ALA A 436 47.60 -6.41 13.58
N LEU A 437 47.70 -7.65 13.07
CA LEU A 437 46.54 -8.53 12.99
C LEU A 437 45.91 -8.73 14.36
N MET A 438 46.75 -8.94 15.38
CA MET A 438 46.23 -9.12 16.74
C MET A 438 45.39 -7.94 17.18
N LEU A 439 45.77 -6.73 16.76
CA LEU A 439 44.99 -5.54 17.11
C LEU A 439 43.64 -5.54 16.38
N GLU A 440 43.63 -5.99 15.12
CA GLU A 440 42.37 -6.06 14.39
C GLU A 440 41.42 -7.05 15.06
N CYS A 441 41.93 -8.22 15.45
CA CYS A 441 41.10 -9.18 16.17
C CYS A 441 40.68 -8.66 17.54
N TYR A 442 41.42 -7.68 18.10
CA TYR A 442 40.99 -7.04 19.34
C TYR A 442 39.87 -6.05 19.07
N LEU A 443 40.07 -5.15 18.10
CA LEU A 443 39.04 -4.17 17.77
C LEU A 443 37.81 -4.82 17.14
N ARG A 444 37.94 -6.04 16.60
CA ARG A 444 36.77 -6.76 16.11
C ARG A 444 36.00 -7.39 17.25
N LEU A 445 36.70 -7.97 18.22
CA LEU A 445 36.03 -8.51 19.40
C LEU A 445 35.36 -7.40 20.21
N ILE A 446 36.01 -6.24 20.29
CA ILE A 446 35.41 -5.11 21.01
C ILE A 446 34.08 -4.73 20.38
N ALA A 447 34.08 -4.53 19.05
CA ALA A 447 32.86 -4.14 18.36
C ALA A 447 31.75 -5.15 18.59
N LYS A 448 32.03 -6.43 18.34
CA LYS A 448 31.00 -7.46 18.46
C LYS A 448 30.37 -7.47 19.85
N LEU A 449 31.21 -7.53 20.90
CA LEU A 449 30.68 -7.54 22.26
C LEU A 449 29.95 -6.24 22.58
N ALA A 450 30.36 -5.14 21.95
CA ALA A 450 29.74 -3.85 22.25
C ALA A 450 28.38 -3.69 21.60
N THR A 451 28.17 -4.29 20.41
CA THR A 451 26.86 -4.20 19.77
C THR A 451 25.87 -5.17 20.39
N GLU A 452 26.31 -6.41 20.67
CA GLU A 452 25.39 -7.45 21.09
C GLU A 452 24.98 -7.33 22.55
N SER A 453 25.82 -6.73 23.40
CA SER A 453 25.56 -6.61 24.83
C SER A 453 25.56 -5.14 25.22
N GLU A 454 24.55 -4.73 25.99
CA GLU A 454 24.48 -3.36 26.49
C GLU A 454 25.48 -3.13 27.62
N ILE A 455 25.64 -4.13 28.50
CA ILE A 455 26.59 -4.00 29.60
C ILE A 455 27.99 -3.76 29.05
N ALA A 456 28.38 -4.52 28.04
CA ALA A 456 29.71 -4.36 27.44
C ALA A 456 29.89 -2.96 26.87
N ARG A 457 28.85 -2.42 26.24
CA ARG A 457 28.96 -1.08 25.68
C ARG A 457 29.04 -0.03 26.77
N LYS A 458 28.13 -0.09 27.74
CA LYS A 458 28.13 0.89 28.83
C LYS A 458 29.43 0.86 29.62
N ARG A 459 30.08 -0.30 29.69
CA ARG A 459 31.36 -0.39 30.39
C ARG A 459 32.49 0.20 29.55
N LEU A 460 32.72 -0.36 28.36
CA LEU A 460 33.83 0.09 27.52
C LEU A 460 33.74 1.57 27.19
N ILE A 461 32.52 2.12 27.09
CA ILE A 461 32.36 3.48 26.61
C ILE A 461 32.74 4.52 27.65
N MET A 462 32.80 4.15 28.93
CA MET A 462 33.08 5.12 29.99
C MET A 462 33.78 4.42 31.16
N ASP A 463 34.91 3.80 30.87
CA ASP A 463 35.80 3.27 31.90
C ASP A 463 37.18 3.89 31.73
N GLU A 464 37.78 4.25 32.87
CA GLU A 464 39.00 5.05 32.87
C GLU A 464 40.26 4.20 32.91
N ASP A 465 40.23 3.10 33.67
CA ASP A 465 41.33 2.14 33.62
C ASP A 465 41.51 1.61 32.20
N PHE A 466 40.40 1.42 31.47
CA PHE A 466 40.47 1.00 30.08
C PHE A 466 40.75 2.20 29.17
N ASN A 467 39.90 3.22 29.24
CA ASN A 467 40.05 4.43 28.43
C ASN A 467 40.13 4.07 26.94
N LEU A 468 38.97 3.66 26.41
CA LEU A 468 38.91 3.14 25.05
C LEU A 468 38.93 4.26 24.02
N VAL A 469 38.07 5.27 24.19
CA VAL A 469 37.87 6.27 23.15
C VAL A 469 39.18 6.98 22.81
N ASP A 470 39.97 7.34 23.81
CA ASP A 470 41.15 8.18 23.57
C ASP A 470 42.25 7.41 22.87
N THR A 471 42.48 6.15 23.28
CA THR A 471 43.58 5.38 22.70
C THR A 471 43.30 5.01 21.25
N ILE A 472 42.07 4.57 20.95
CA ILE A 472 41.74 4.19 19.58
C ILE A 472 41.67 5.42 18.69
N LEU A 473 41.28 6.57 19.26
CA LEU A 473 41.31 7.82 18.50
C LEU A 473 42.74 8.29 18.28
N LYS A 474 43.64 8.02 19.23
CA LYS A 474 45.05 8.37 19.05
C LYS A 474 45.72 7.43 18.06
N LEU A 475 45.39 6.13 18.13
CA LEU A 475 45.98 5.18 17.19
C LEU A 475 45.63 5.52 15.75
N SER A 476 44.43 6.05 15.52
CA SER A 476 44.00 6.37 14.16
C SER A 476 44.74 7.58 13.59
N VAL A 477 45.37 8.40 14.45
CA VAL A 477 46.11 9.55 13.96
C VAL A 477 47.38 9.10 13.24
N GLY A 478 48.07 8.11 13.80
CA GLY A 478 49.34 7.67 13.27
C GLY A 478 49.19 6.84 12.01
N VAL A 479 50.33 6.53 11.40
CA VAL A 479 50.36 5.77 10.16
C VAL A 479 50.04 4.30 10.51
N ILE A 480 48.91 3.82 10.02
CA ILE A 480 48.48 2.44 10.26
C ILE A 480 47.93 1.88 8.95
N PRO A 481 47.81 0.55 8.86
CA PRO A 481 47.17 -0.04 7.69
C PRO A 481 45.70 0.36 7.61
N HIS A 482 45.19 0.40 6.37
CA HIS A 482 43.81 0.83 6.16
C HIS A 482 42.83 -0.04 6.96
N ARG A 483 43.00 -1.35 6.89
CA ARG A 483 42.08 -2.26 7.56
C ARG A 483 42.03 -2.02 9.06
N LEU A 484 43.17 -1.65 9.66
CA LEU A 484 43.19 -1.40 11.10
C LEU A 484 42.43 -0.11 11.43
N ARG A 485 42.57 0.92 10.59
CA ARG A 485 41.83 2.15 10.83
C ARG A 485 40.34 1.94 10.65
N ALA A 486 39.95 0.99 9.80
CA ALA A 486 38.54 0.65 9.66
C ALA A 486 37.99 0.05 10.95
N CYS A 487 38.65 -1.00 11.46
CA CYS A 487 38.20 -1.66 12.67
C CYS A 487 38.01 -0.68 13.82
N ILE A 488 38.80 0.39 13.86
CA ILE A 488 38.60 1.43 14.86
C ILE A 488 37.24 2.11 14.66
N PHE A 489 36.92 2.43 13.41
CA PHE A 489 35.63 3.07 13.13
C PHE A 489 34.46 2.15 13.43
N TYR A 490 34.63 0.84 13.23
CA TYR A 490 33.59 -0.10 13.60
C TYR A 490 33.45 -0.24 15.12
N VAL A 491 34.51 0.08 15.87
CA VAL A 491 34.40 0.11 17.33
C VAL A 491 33.61 1.33 17.77
N LEU A 492 33.91 2.50 17.19
CA LEU A 492 33.13 3.70 17.51
C LEU A 492 31.67 3.52 17.12
N LYS A 493 31.42 2.94 15.95
CA LYS A 493 30.06 2.62 15.56
C LYS A 493 29.41 1.67 16.56
N ALA A 494 30.13 0.61 16.95
CA ALA A 494 29.60 -0.34 17.91
C ALA A 494 29.27 0.33 19.24
N LEU A 495 29.95 1.44 19.56
CA LEU A 495 29.65 2.19 20.78
C LEU A 495 28.48 3.14 20.61
N MET A 496 28.15 3.51 19.37
CA MET A 496 27.04 4.40 19.08
C MET A 496 25.83 3.66 18.50
N ILE A 497 25.92 2.35 18.31
CA ILE A 497 24.78 1.59 17.79
C ILE A 497 23.56 1.81 18.66
N ARG A 498 23.76 2.08 19.95
CA ARG A 498 22.72 2.46 20.88
C ARG A 498 23.31 3.48 21.83
N LYS A 499 22.51 4.47 22.23
CA LYS A 499 23.08 5.62 22.91
C LYS A 499 21.97 6.43 23.58
N THR A 500 22.38 7.40 24.37
CA THR A 500 21.52 8.41 24.97
C THR A 500 21.91 9.77 24.42
N HIS A 501 21.13 10.79 24.77
CA HIS A 501 21.45 12.15 24.35
C HIS A 501 22.71 12.68 25.03
N GLU A 502 23.11 12.08 26.15
CA GLU A 502 24.35 12.48 26.81
C GLU A 502 25.56 11.86 26.11
N GLU A 503 25.54 10.54 25.93
CA GLU A 503 26.65 9.86 25.27
C GLU A 503 26.84 10.30 23.84
N LEU A 504 25.83 10.91 23.22
CA LEU A 504 25.97 11.43 21.87
C LEU A 504 26.75 12.74 21.86
N ASP A 505 26.42 13.65 22.78
CA ASP A 505 27.18 14.88 22.89
C ASP A 505 28.62 14.62 23.29
N ALA A 506 28.84 13.70 24.22
CA ALA A 506 30.19 13.34 24.64
C ALA A 506 31.01 12.82 23.46
N MET A 507 30.44 11.86 22.71
CA MET A 507 31.13 11.33 21.54
C MET A 507 31.44 12.42 20.54
N TRP A 508 30.51 13.36 20.33
CA TRP A 508 30.75 14.45 19.39
C TRP A 508 31.81 15.42 19.88
N ARG A 509 32.07 15.48 21.20
CA ARG A 509 33.17 16.29 21.69
C ARG A 509 34.51 15.65 21.35
N TRP A 510 34.58 14.31 21.40
CA TRP A 510 35.79 13.62 20.96
C TRP A 510 35.96 13.76 19.44
N VAL A 511 34.88 13.59 18.68
CA VAL A 511 34.98 13.65 17.22
C VAL A 511 35.30 15.06 16.77
N GLU A 512 34.75 16.07 17.43
CA GLU A 512 35.04 17.45 17.05
C GLU A 512 36.53 17.75 17.22
N ALA A 513 37.05 17.56 18.42
CA ALA A 513 38.48 17.78 18.66
C ALA A 513 39.33 16.89 17.78
N TRP A 514 38.91 15.63 17.60
CA TRP A 514 39.69 14.69 16.80
C TRP A 514 39.76 15.11 15.35
N MET A 515 38.69 15.73 14.82
CA MET A 515 38.68 16.22 13.46
C MET A 515 39.29 17.60 13.33
N THR A 516 39.31 18.39 14.41
CA THR A 516 39.78 19.76 14.34
C THR A 516 41.30 19.85 14.28
N ASN A 517 42.01 18.95 14.97
CA ASN A 517 43.46 19.00 14.99
C ASN A 517 43.99 17.62 15.36
N PRO A 518 45.23 17.30 14.97
CA PRO A 518 45.80 16.00 15.36
C PRO A 518 46.14 15.95 16.84
N PHE A 519 46.91 16.93 17.31
CA PHE A 519 47.28 17.03 18.72
C PHE A 519 47.84 15.71 19.25
N THR A 538 51.22 26.73 12.73
CA THR A 538 50.22 25.68 12.94
C THR A 538 49.59 25.26 11.62
N PRO A 539 49.06 24.04 11.56
CA PRO A 539 48.42 23.58 10.31
C PRO A 539 47.03 24.12 10.09
N GLY A 540 46.38 24.67 11.11
CA GLY A 540 45.08 25.29 10.98
C GLY A 540 43.97 24.41 11.52
N PRO A 541 42.96 25.01 12.15
CA PRO A 541 41.89 24.20 12.75
C PRO A 541 40.98 23.55 11.70
N GLN A 542 40.42 24.34 10.79
CA GLN A 542 39.51 23.78 9.81
C GLN A 542 40.25 23.19 8.61
N GLU A 543 41.39 23.77 8.23
CA GLU A 543 42.19 23.20 7.16
C GLU A 543 42.70 21.81 7.53
N CYS A 544 42.84 21.52 8.82
CA CYS A 544 43.15 20.15 9.24
C CYS A 544 41.98 19.21 8.97
N MET A 545 40.75 19.71 9.05
CA MET A 545 39.58 18.87 8.82
C MET A 545 39.53 18.36 7.39
N GLU A 546 40.02 19.15 6.44
CA GLU A 546 40.09 18.69 5.06
C GLU A 546 40.98 17.46 4.92
N MET A 547 42.15 17.49 5.58
CA MET A 547 43.07 16.36 5.50
C MET A 547 42.42 15.07 5.99
N MET A 548 41.56 15.18 7.00
CA MET A 548 40.95 13.99 7.60
C MET A 548 40.04 13.27 6.61
N PHE A 549 39.18 14.03 5.91
CA PHE A 549 38.26 13.41 4.97
C PHE A 549 38.99 12.83 3.77
N ARG A 550 40.02 13.53 3.28
CA ARG A 550 40.78 13.03 2.14
C ARG A 550 41.44 11.69 2.46
N GLU A 551 41.81 11.47 3.72
CA GLU A 551 42.36 10.18 4.12
C GLU A 551 41.26 9.14 4.28
N PHE A 552 40.24 9.44 5.09
CA PHE A 552 39.22 8.44 5.41
C PHE A 552 38.41 8.02 4.19
N GLY A 553 38.37 8.84 3.16
CA GLY A 553 37.64 8.51 1.96
C GLY A 553 38.54 8.01 0.84
N THR A 554 39.75 7.56 1.20
CA THR A 554 40.75 7.23 0.18
C THR A 554 40.55 5.82 -0.36
N GLY A 555 40.22 4.85 0.51
CA GLY A 555 40.09 3.47 0.10
C GLY A 555 38.73 2.91 0.49
N PHE A 556 38.44 1.72 -0.04
CA PHE A 556 37.18 1.05 0.28
C PHE A 556 37.11 0.69 1.76
N GLU A 557 38.21 0.16 2.31
CA GLU A 557 38.20 -0.35 3.68
C GLU A 557 37.79 0.73 4.68
N GLN A 558 38.31 1.95 4.51
CA GLN A 558 38.03 3.04 5.44
C GLN A 558 36.75 3.78 5.09
N SER A 559 36.61 4.19 3.82
CA SER A 559 35.48 5.01 3.42
C SER A 559 34.16 4.34 3.75
N ASN A 560 34.04 3.04 3.46
CA ASN A 560 32.83 2.31 3.85
C ASN A 560 32.70 2.25 5.36
N ALA A 561 33.82 2.11 6.07
CA ALA A 561 33.76 2.00 7.52
C ALA A 561 33.46 3.34 8.18
N PHE A 562 34.05 4.42 7.66
CA PHE A 562 33.86 5.72 8.28
C PHE A 562 32.46 6.25 8.03
N ILE A 563 31.91 6.03 6.84
CA ILE A 563 30.55 6.48 6.55
C ILE A 563 29.55 5.72 7.41
N GLN A 564 29.81 4.43 7.70
CA GLN A 564 28.94 3.68 8.59
C GLN A 564 28.99 4.22 10.01
N LEU A 565 30.06 4.91 10.39
CA LEU A 565 30.09 5.59 11.68
C LEU A 565 29.29 6.88 11.63
N LEU A 566 29.44 7.67 10.56
CA LEU A 566 28.63 8.87 10.40
C LEU A 566 27.15 8.53 10.25
N THR A 567 26.84 7.34 9.74
CA THR A 567 25.46 6.91 9.64
C THR A 567 24.85 6.68 11.01
N THR A 568 25.57 5.97 11.88
CA THR A 568 25.03 5.62 13.19
C THR A 568 24.92 6.84 14.10
N LEU A 569 25.80 7.83 13.92
CA LEU A 569 25.77 9.02 14.78
C LEU A 569 24.51 9.85 14.59
N LEU A 570 23.78 9.62 13.49
CA LEU A 570 22.58 10.39 13.17
C LEU A 570 21.29 9.63 13.45
N VAL A 571 21.39 8.36 13.84
CA VAL A 571 20.24 7.60 14.31
C VAL A 571 19.92 8.09 15.72
N PRO A 572 18.73 8.66 15.97
CA PRO A 572 18.49 9.31 17.28
C PRO A 572 18.61 8.33 18.43
N PRO A 573 18.83 8.84 19.66
CA PRO A 573 18.85 7.93 20.82
C PRO A 573 17.53 7.21 21.04
N GLU A 574 16.41 7.94 20.91
CA GLU A 574 15.09 7.33 21.04
C GLU A 574 14.82 6.26 19.99
N GLY A 575 15.75 6.06 19.05
CA GLY A 575 15.53 5.14 17.95
C GLY A 575 14.96 5.86 16.76
N LEU A 576 15.41 5.49 15.57
CA LEU A 576 14.86 6.09 14.36
C LEU A 576 13.37 5.78 14.26
N ASN A 577 12.69 6.54 13.40
CA ASN A 577 11.22 6.45 13.27
C ASN A 577 10.52 6.83 14.57
N SER A 578 11.10 7.74 15.33
CA SER A 578 10.47 8.33 16.49
C SER A 578 9.96 9.72 16.13
N LEU A 579 9.69 10.55 17.13
CA LEU A 579 9.34 11.95 16.89
C LEU A 579 10.64 12.74 16.81
N ASN A 580 11.07 13.04 15.60
CA ASN A 580 12.37 13.68 15.37
C ASN A 580 12.22 15.20 15.39
N ASP A 581 11.76 15.69 16.55
CA ASP A 581 11.57 17.12 16.75
C ASP A 581 12.87 17.84 17.08
N SER A 582 13.87 17.13 17.59
CA SER A 582 15.17 17.70 17.90
C SER A 582 16.15 17.42 16.76
N VAL A 583 17.19 18.24 16.70
CA VAL A 583 18.25 18.02 15.70
C VAL A 583 18.95 16.70 16.02
N PRO A 584 19.35 15.90 15.02
CA PRO A 584 19.98 14.60 15.32
C PRO A 584 21.45 14.73 15.74
N PHE A 585 21.85 15.91 16.18
CA PHE A 585 23.19 16.13 16.69
C PHE A 585 23.19 17.44 17.47
N PRO A 586 24.25 17.73 18.23
CA PRO A 586 24.26 18.94 19.04
C PRO A 586 24.33 20.21 18.19
N GLU A 587 23.59 21.24 18.62
CA GLU A 587 23.59 22.50 17.89
C GLU A 587 24.95 23.18 17.95
N TRP A 588 25.71 22.94 19.01
CA TRP A 588 27.04 23.53 19.17
C TRP A 588 28.10 22.87 18.31
N LEU A 589 27.79 21.72 17.70
CA LEU A 589 28.77 21.01 16.89
C LEU A 589 29.30 21.92 15.78
N GLY A 590 30.58 22.24 15.83
CA GLY A 590 31.19 23.09 14.84
C GLY A 590 30.91 24.56 14.98
N SER A 591 29.96 24.96 15.83
CA SER A 591 29.69 26.37 16.06
C SER A 591 30.95 27.12 16.48
N SER A 592 31.96 26.41 16.98
CA SER A 592 33.24 27.04 17.29
C SER A 592 33.93 27.52 16.02
N ILE A 593 34.06 26.65 15.02
CA ILE A 593 34.92 26.91 13.87
C ILE A 593 34.09 27.00 12.58
N ARG A 594 33.66 25.85 12.05
CA ARG A 594 33.01 25.84 10.74
C ARG A 594 31.61 26.44 10.81
N THR A 595 30.92 26.31 11.94
CA THR A 595 29.57 26.83 12.15
C THR A 595 28.54 26.16 11.26
N LEU A 596 28.92 25.15 10.48
CA LEU A 596 28.03 24.48 9.54
C LEU A 596 27.46 23.18 10.08
N GLY A 597 27.74 22.86 11.33
CA GLY A 597 27.16 21.66 11.93
C GLY A 597 27.63 20.41 11.24
N ILE A 598 26.67 19.69 10.63
CA ILE A 598 26.96 18.41 10.00
C ILE A 598 27.42 18.54 8.55
N GLU A 599 27.10 19.65 7.89
CA GLU A 599 27.33 19.77 6.45
C GLU A 599 28.74 19.36 6.02
N PRO A 600 29.81 19.70 6.74
CA PRO A 600 31.13 19.19 6.36
C PRO A 600 31.18 17.69 6.24
N TYR A 601 30.45 16.98 7.10
CA TYR A 601 30.36 15.52 7.02
C TYR A 601 29.46 15.09 5.88
N VAL A 602 28.42 15.87 5.58
CA VAL A 602 27.53 15.54 4.47
C VAL A 602 28.28 15.67 3.14
N ASP A 603 28.83 16.86 2.88
CA ASP A 603 29.58 17.09 1.65
C ASP A 603 30.68 16.05 1.43
N PHE A 604 31.10 15.37 2.49
CA PHE A 604 32.06 14.28 2.35
C PHE A 604 31.40 13.01 1.84
N VAL A 605 30.25 12.64 2.42
CA VAL A 605 29.60 11.39 2.02
C VAL A 605 29.21 11.44 0.55
N PHE A 606 28.79 12.61 0.07
CA PHE A 606 28.47 12.75 -1.35
C PHE A 606 29.72 12.86 -2.20
N ASP A 607 30.81 13.42 -1.65
CA ASP A 607 32.09 13.39 -2.36
C ASP A 607 32.52 11.95 -2.62
N VAL A 608 32.32 11.07 -1.63
CA VAL A 608 32.62 9.66 -1.82
C VAL A 608 31.69 9.05 -2.86
N PHE A 609 30.38 9.25 -2.69
CA PHE A 609 29.39 8.56 -3.50
C PHE A 609 29.45 8.96 -4.96
N ALA A 610 29.78 10.22 -5.25
CA ALA A 610 29.75 10.74 -6.61
C ALA A 610 31.09 10.68 -7.32
N ASN A 611 32.19 10.90 -6.61
CA ASN A 611 33.51 11.05 -7.22
C ASN A 611 34.51 9.97 -6.83
N ARG A 612 34.47 9.46 -5.60
CA ARG A 612 35.46 8.49 -5.15
C ARG A 612 35.01 7.04 -5.28
N THR A 613 33.73 6.80 -5.56
CA THR A 613 33.32 5.46 -5.97
C THR A 613 34.02 5.03 -7.25
N LYS A 614 34.47 5.99 -8.05
CA LYS A 614 35.11 5.66 -9.32
C LYS A 614 36.50 5.08 -9.11
N ASP A 615 37.16 5.42 -8.00
CA ASP A 615 38.43 4.79 -7.67
C ASP A 615 38.27 3.29 -7.42
N ILE A 616 37.09 2.89 -6.93
CA ILE A 616 36.87 1.47 -6.64
C ILE A 616 36.71 0.72 -7.96
N SER A 617 37.18 -0.52 -7.97
CA SER A 617 37.17 -1.37 -9.15
C SER A 617 36.42 -2.68 -8.97
N ASP A 618 36.59 -3.32 -7.82
CA ASP A 618 35.87 -4.57 -7.56
C ASP A 618 34.38 -4.28 -7.47
N PRO A 619 33.53 -4.90 -8.31
CA PRO A 619 32.09 -4.57 -8.24
C PRO A 619 31.47 -4.86 -6.89
N SER A 620 31.81 -5.99 -6.26
CA SER A 620 31.25 -6.29 -4.95
C SER A 620 31.61 -5.22 -3.92
N GLN A 621 32.76 -4.57 -4.09
CA GLN A 621 33.13 -3.48 -3.19
C GLN A 621 32.43 -2.18 -3.57
N LEU A 622 32.23 -1.94 -4.86
CA LEU A 622 31.56 -0.74 -5.31
C LEU A 622 30.11 -0.71 -4.81
N ARG A 623 29.46 -1.87 -4.79
CA ARG A 623 28.11 -1.96 -4.25
C ARG A 623 28.09 -1.59 -2.77
N ILE A 624 28.90 -2.29 -1.96
CA ILE A 624 28.87 -2.10 -0.52
C ILE A 624 29.16 -0.65 -0.15
N LEU A 625 29.98 0.04 -0.95
CA LEU A 625 30.25 1.44 -0.68
C LEU A 625 29.02 2.30 -1.00
N ARG A 626 28.43 2.10 -2.19
CA ARG A 626 27.23 2.85 -2.54
C ARG A 626 26.09 2.56 -1.59
N LEU A 627 26.04 1.35 -1.04
CA LEU A 627 25.00 1.03 -0.06
C LEU A 627 25.20 1.81 1.23
N SER A 628 26.45 1.97 1.66
CA SER A 628 26.72 2.74 2.87
C SER A 628 26.45 4.22 2.66
N CYS A 629 26.73 4.73 1.45
CA CYS A 629 26.42 6.13 1.16
C CYS A 629 24.92 6.38 1.13
N LEU A 630 24.16 5.47 0.52
CA LEU A 630 22.72 5.65 0.41
C LEU A 630 22.03 5.45 1.75
N ASP A 631 22.54 4.55 2.60
CA ASP A 631 22.02 4.43 3.95
C ASP A 631 22.19 5.74 4.72
N PHE A 632 23.25 6.49 4.42
CA PHE A 632 23.44 7.79 5.07
C PHE A 632 22.39 8.78 4.62
N VAL A 633 22.19 8.91 3.31
CA VAL A 633 21.19 9.83 2.77
C VAL A 633 19.82 9.53 3.37
N MET A 634 19.48 8.24 3.51
CA MET A 634 18.19 7.87 4.07
C MET A 634 18.04 8.38 5.49
N VAL A 635 19.06 8.13 6.34
CA VAL A 635 19.00 8.55 7.73
C VAL A 635 18.79 10.05 7.84
N CYS A 636 19.27 10.82 6.87
CA CYS A 636 19.12 12.27 6.91
C CYS A 636 17.73 12.72 6.47
N LEU A 637 17.11 12.00 5.53
CA LEU A 637 15.79 12.39 5.04
C LEU A 637 14.68 11.92 5.96
N VAL A 638 14.90 10.85 6.72
CA VAL A 638 13.84 10.30 7.56
C VAL A 638 13.73 11.09 8.86
N THR A 639 14.86 11.52 9.42
CA THR A 639 14.84 12.26 10.69
C THR A 639 14.27 13.66 10.54
N PHE A 640 13.88 14.07 9.34
CA PHE A 640 13.31 15.39 9.10
C PHE A 640 11.79 15.28 9.19
N ASN A 641 11.22 15.94 10.20
CA ASN A 641 9.78 15.89 10.46
C ASN A 641 9.11 16.99 9.64
N GLU A 642 8.79 16.66 8.38
CA GLU A 642 8.15 17.65 7.50
C GLU A 642 6.78 18.06 8.02
N ASP A 643 6.06 17.15 8.68
CA ASP A 643 4.81 17.52 9.31
C ASP A 643 5.00 18.60 10.36
N LEU A 644 6.18 18.63 11.00
CA LEU A 644 6.45 19.66 11.99
C LEU A 644 6.67 21.01 11.33
N ILE A 645 7.28 21.02 10.14
CA ILE A 645 7.62 22.29 9.49
C ILE A 645 6.38 22.94 8.89
N VAL A 646 5.52 22.16 8.24
CA VAL A 646 4.29 22.71 7.68
C VAL A 646 3.38 23.20 8.81
N LEU A 647 3.41 22.55 9.97
CA LEU A 647 2.57 22.98 11.08
C LEU A 647 2.99 24.34 11.61
N GLY A 648 4.29 24.52 11.87
CA GLY A 648 4.78 25.77 12.40
C GLY A 648 4.73 26.92 11.41
N HIS A 649 4.57 26.62 10.12
CA HIS A 649 4.49 27.64 9.08
C HIS A 649 3.07 27.90 8.61
N GLU A 650 2.07 27.34 9.29
CA GLU A 650 0.70 27.37 8.77
C GLU A 650 -0.39 27.51 9.82
N SER A 651 -0.18 27.13 11.08
CA SER A 651 -1.27 27.05 12.04
C SER A 651 -0.75 27.38 13.44
N ASN A 652 -1.65 27.26 14.41
CA ASN A 652 -1.37 27.58 15.80
C ASN A 652 -0.48 26.53 16.46
N ILE A 653 0.83 26.74 16.43
CA ILE A 653 1.76 25.89 17.15
C ILE A 653 3.03 26.69 17.39
N SER A 654 3.76 26.34 18.45
CA SER A 654 4.90 27.11 18.89
C SER A 654 6.15 26.78 18.08
N ILE A 655 7.04 27.76 17.99
CA ILE A 655 8.29 27.57 17.24
C ILE A 655 9.29 26.77 18.08
N ASP A 656 9.36 27.04 19.38
CA ASP A 656 10.34 26.40 20.27
C ASP A 656 9.80 26.00 21.63
N ASP A 657 8.75 26.65 22.14
CA ASP A 657 8.19 26.26 23.42
C ASP A 657 7.71 24.82 23.40
N ALA A 658 7.28 24.33 22.23
CA ALA A 658 6.72 22.99 22.10
C ALA A 658 7.79 21.94 21.79
N MET A 659 8.63 22.19 20.78
CA MET A 659 9.59 21.19 20.34
C MET A 659 10.84 21.23 21.22
N ALA A 660 11.61 20.14 21.14
CA ALA A 660 12.84 20.04 21.92
C ALA A 660 13.93 20.94 21.36
N ALA A 661 13.92 21.18 20.05
CA ALA A 661 14.86 22.12 19.46
C ALA A 661 14.62 23.52 20.01
N THR A 662 15.66 24.33 19.99
CA THR A 662 15.59 25.69 20.53
C THR A 662 14.86 26.65 19.61
N ASN A 663 14.48 26.23 18.40
CA ASN A 663 13.78 27.08 17.46
C ASN A 663 13.42 26.31 16.20
N LEU A 664 12.31 26.69 15.55
CA LEU A 664 11.96 26.06 14.29
C LEU A 664 12.93 26.48 13.18
N ALA A 665 13.38 27.72 13.20
CA ALA A 665 14.38 28.16 12.23
C ALA A 665 15.70 27.44 12.44
N THR A 666 16.08 27.22 13.70
CA THR A 666 17.29 26.45 13.98
C THR A 666 17.14 25.01 13.50
N TYR A 667 15.95 24.44 13.64
CA TYR A 667 15.71 23.07 13.17
C TYR A 667 15.97 22.95 11.68
N VAL A 668 15.42 23.88 10.89
CA VAL A 668 15.61 23.84 9.44
C VAL A 668 17.06 24.13 9.08
N ARG A 669 17.74 24.97 9.85
CA ARG A 669 19.12 25.33 9.54
C ARG A 669 20.06 24.15 9.76
N LEU A 670 20.13 23.65 11.00
CA LEU A 670 21.15 22.68 11.36
C LEU A 670 20.88 21.29 10.82
N HIS A 671 19.63 20.94 10.54
CA HIS A 671 19.31 19.59 10.10
C HIS A 671 19.92 19.32 8.73
N PRO A 672 20.51 18.15 8.51
CA PRO A 672 21.15 17.87 7.20
C PRO A 672 20.19 17.88 6.03
N PHE A 673 18.88 17.82 6.27
CA PHE A 673 17.92 17.79 5.16
C PHE A 673 18.13 18.97 4.22
N SER A 674 18.47 20.13 4.77
CA SER A 674 18.74 21.30 3.94
C SER A 674 19.84 21.01 2.93
N ARG A 675 20.94 20.40 3.38
CA ARG A 675 22.08 20.14 2.52
C ARG A 675 21.95 18.84 1.74
N VAL A 676 21.42 17.79 2.36
CA VAL A 676 21.29 16.50 1.68
C VAL A 676 20.39 16.63 0.46
N MET A 677 19.33 17.42 0.57
CA MET A 677 18.44 17.66 -0.57
C MET A 677 19.19 18.36 -1.69
N GLU A 678 19.92 19.44 -1.36
CA GLU A 678 20.67 20.18 -2.35
C GLU A 678 21.61 19.25 -3.13
N TRP A 679 22.18 18.27 -2.45
CA TRP A 679 23.09 17.33 -3.11
C TRP A 679 22.37 16.46 -4.13
N LEU A 680 21.11 16.10 -3.86
CA LEU A 680 20.37 15.26 -4.79
C LEU A 680 20.02 15.97 -6.09
N PHE A 681 20.15 17.30 -6.13
CA PHE A 681 19.96 18.07 -7.35
C PHE A 681 21.26 18.19 -8.16
N ASN A 682 22.31 17.49 -7.75
CA ASN A 682 23.60 17.57 -8.42
C ASN A 682 23.69 16.52 -9.52
N GLU A 683 24.32 16.90 -10.64
CA GLU A 683 24.36 16.03 -11.80
C GLU A 683 25.12 14.74 -11.51
N LYS A 684 26.24 14.83 -10.80
CA LYS A 684 27.03 13.63 -10.51
C LYS A 684 26.28 12.70 -9.56
N VAL A 685 25.68 13.25 -8.51
CA VAL A 685 24.95 12.44 -7.54
C VAL A 685 23.83 11.66 -8.21
N ILE A 686 23.09 12.32 -9.11
CA ILE A 686 22.01 11.66 -9.82
C ILE A 686 22.56 10.59 -10.74
N THR A 687 23.60 10.92 -11.52
CA THR A 687 24.24 9.95 -12.38
C THR A 687 24.84 8.79 -11.59
N SER A 688 25.14 9.00 -10.31
CA SER A 688 25.53 7.89 -9.43
C SER A 688 24.32 7.10 -8.97
N LEU A 689 23.15 7.75 -8.83
CA LEU A 689 21.95 7.04 -8.42
C LEU A 689 21.45 6.13 -9.53
N ILE A 690 21.58 6.56 -10.79
CA ILE A 690 21.18 5.71 -11.91
C ILE A 690 22.14 4.53 -12.05
N ASN A 691 23.44 4.82 -12.15
CA ASN A 691 24.43 3.76 -12.35
C ASN A 691 24.48 2.79 -11.17
N THR A 692 24.04 3.21 -9.99
CA THR A 692 23.82 2.26 -8.90
C THR A 692 22.68 1.32 -9.25
N ILE A 693 21.58 1.88 -9.77
CA ILE A 693 20.42 1.08 -10.11
C ILE A 693 20.71 0.21 -11.32
N HIS A 694 21.30 0.79 -12.36
CA HIS A 694 21.57 0.08 -13.60
C HIS A 694 22.59 -1.02 -13.34
N GLN A 695 22.15 -2.27 -13.43
CA GLN A 695 23.03 -3.42 -13.23
C GLN A 695 22.58 -4.53 -14.17
N ASP A 696 23.42 -5.55 -14.29
CA ASP A 696 23.12 -6.70 -15.12
C ASP A 696 21.88 -7.41 -14.59
N PRO A 697 20.82 -7.59 -15.40
CA PRO A 697 19.60 -8.20 -14.86
C PRO A 697 19.76 -9.66 -14.47
N ILE A 698 20.48 -10.46 -15.27
CA ILE A 698 20.64 -11.88 -14.95
C ILE A 698 21.51 -12.04 -13.70
N SER A 699 22.55 -11.21 -13.56
CA SER A 699 23.36 -11.24 -12.35
C SER A 699 22.55 -10.80 -11.14
N LEU A 700 21.62 -9.85 -11.34
CA LEU A 700 20.78 -9.40 -10.24
C LEU A 700 19.74 -10.45 -9.87
N GLY A 701 19.12 -11.08 -10.88
CA GLY A 701 18.12 -12.09 -10.61
C GLY A 701 18.69 -13.36 -10.03
N SER A 702 19.91 -13.72 -10.43
CA SER A 702 20.58 -14.90 -9.92
C SER A 702 21.34 -14.64 -8.62
N ALA A 703 21.12 -13.48 -8.00
CA ALA A 703 21.78 -13.13 -6.76
C ALA A 703 20.90 -13.51 -5.57
N SER A 704 21.30 -13.10 -4.37
CA SER A 704 20.52 -13.27 -3.15
C SER A 704 19.75 -12.00 -2.84
N PRO A 705 18.54 -12.11 -2.28
CA PRO A 705 17.77 -10.89 -1.97
C PRO A 705 18.43 -10.02 -0.92
N ASP A 706 19.35 -10.57 -0.13
CA ASP A 706 20.05 -9.81 0.91
C ASP A 706 21.41 -9.31 0.48
N SER A 707 21.92 -9.74 -0.67
CA SER A 707 23.24 -9.33 -1.11
C SER A 707 23.27 -7.82 -1.35
N PRO A 708 24.46 -7.20 -1.26
CA PRO A 708 24.54 -5.77 -1.53
C PRO A 708 24.17 -5.40 -2.95
N LEU A 709 24.27 -6.34 -3.89
CA LEU A 709 23.84 -6.07 -5.26
C LEU A 709 22.37 -5.70 -5.31
N VAL A 710 21.53 -6.42 -4.58
CA VAL A 710 20.09 -6.16 -4.60
C VAL A 710 19.76 -4.94 -3.75
N VAL A 711 20.35 -4.84 -2.55
CA VAL A 711 19.98 -3.77 -1.63
C VAL A 711 20.56 -2.44 -2.11
N SER A 712 21.72 -2.45 -2.78
CA SER A 712 22.26 -1.21 -3.33
C SER A 712 21.29 -0.59 -4.33
N ILE A 713 20.54 -1.44 -5.05
CA ILE A 713 19.52 -0.94 -5.97
C ILE A 713 18.26 -0.54 -5.22
N LEU A 714 17.82 -1.39 -4.29
CA LEU A 714 16.67 -1.08 -3.46
C LEU A 714 16.86 0.25 -2.74
N ARG A 715 18.04 0.46 -2.17
CA ARG A 715 18.29 1.68 -1.41
C ARG A 715 18.42 2.89 -2.33
N ALA A 716 18.96 2.70 -3.54
CA ALA A 716 19.02 3.81 -4.48
C ALA A 716 17.63 4.26 -4.88
N ILE A 717 16.71 3.32 -5.08
CA ILE A 717 15.33 3.66 -5.37
C ILE A 717 14.70 4.39 -4.19
N GLN A 718 14.85 3.82 -2.98
CA GLN A 718 14.28 4.43 -1.78
C GLN A 718 14.69 5.88 -1.62
N VAL A 719 15.89 6.25 -2.11
CA VAL A 719 16.31 7.63 -2.03
C VAL A 719 15.56 8.48 -3.06
N MET A 720 15.41 7.96 -4.28
CA MET A 720 14.66 8.70 -5.30
C MET A 720 13.22 8.91 -4.87
N ILE A 721 12.59 7.89 -4.30
CA ILE A 721 11.23 8.03 -3.80
C ILE A 721 11.19 9.11 -2.71
N LYS A 722 11.95 8.90 -1.64
CA LYS A 722 11.96 9.83 -0.51
C LYS A 722 12.36 11.24 -0.95
N ALA A 723 13.19 11.34 -1.99
CA ALA A 723 13.52 12.65 -2.54
C ALA A 723 12.30 13.33 -3.13
N LEU A 724 11.53 12.59 -3.94
CA LEU A 724 10.35 13.16 -4.57
C LEU A 724 9.28 13.51 -3.54
N GLU A 725 9.13 12.68 -2.51
CA GLU A 725 8.14 12.96 -1.47
C GLU A 725 8.44 14.28 -0.75
N LEU A 726 9.69 14.44 -0.29
CA LEU A 726 10.08 15.60 0.50
C LEU A 726 10.56 16.76 -0.37
N GLN A 727 10.27 16.75 -1.66
CA GLN A 727 10.71 17.81 -2.55
C GLN A 727 9.86 19.06 -2.41
N GLU A 728 8.53 18.90 -2.38
CA GLU A 728 7.64 20.05 -2.30
C GLU A 728 7.91 20.87 -1.04
N THR A 729 8.16 20.20 0.08
CA THR A 729 8.51 20.90 1.31
C THR A 729 9.85 21.61 1.17
N TYR A 730 10.80 20.97 0.50
CA TYR A 730 12.14 21.55 0.37
C TYR A 730 12.11 22.85 -0.41
N LEU A 731 11.68 22.79 -1.68
CA LEU A 731 11.77 23.94 -2.57
C LEU A 731 11.00 25.15 -2.02
N HIS A 732 9.94 24.92 -1.24
CA HIS A 732 9.05 25.98 -0.82
C HIS A 732 9.34 26.48 0.60
N LEU A 733 9.43 25.56 1.57
CA LEU A 733 9.52 25.95 2.98
C LEU A 733 10.93 25.85 3.56
N VAL A 734 11.85 25.16 2.90
CA VAL A 734 13.19 24.90 3.43
C VAL A 734 14.25 25.74 2.71
N ARG A 735 14.30 25.66 1.38
CA ARG A 735 15.34 26.36 0.64
C ARG A 735 15.31 27.86 0.89
N PRO A 736 14.18 28.57 0.77
CA PRO A 736 14.20 30.02 0.99
C PRO A 736 14.58 30.41 2.41
N GLU A 737 14.50 29.50 3.37
CA GLU A 737 14.95 29.79 4.72
C GLU A 737 16.48 29.75 4.83
N VAL A 738 17.12 28.92 4.02
CA VAL A 738 18.58 28.82 4.05
C VAL A 738 19.21 29.99 3.28
N LEU A 739 18.69 30.27 2.08
CA LEU A 739 19.19 31.39 1.30
C LEU A 739 18.89 32.73 1.95
N ARG A 740 18.06 32.77 2.98
CA ARG A 740 17.79 33.97 3.75
C ARG A 740 18.61 34.04 5.03
N TYR A 741 19.01 32.90 5.59
CA TYR A 741 19.87 32.90 6.77
C TYR A 741 21.33 33.10 6.40
N GLN A 742 21.80 32.44 5.34
CA GLN A 742 23.18 32.63 4.91
C GLN A 742 23.41 34.04 4.36
N GLY A 743 22.35 34.78 4.07
CA GLY A 743 22.49 36.19 3.75
C GLY A 743 22.56 37.08 4.97
N GLU A 744 21.94 36.65 6.08
CA GLU A 744 21.99 37.40 7.32
C GLU A 744 23.29 37.15 8.07
N ALA A 745 23.62 35.89 8.32
CA ALA A 745 24.88 35.54 8.96
C ALA A 745 26.08 35.82 8.05
N GLY A 746 25.85 36.03 6.76
CA GLY A 746 26.92 36.27 5.81
C GLY A 746 27.69 35.03 5.41
N VAL A 747 27.52 33.91 6.11
CA VAL A 747 28.27 32.70 5.77
C VAL A 747 27.84 32.18 4.41
N ARG A 748 28.72 31.39 3.79
CA ARG A 748 28.46 30.82 2.49
C ARG A 748 29.28 29.55 2.34
N ARG A 749 28.72 28.58 1.60
CA ARG A 749 29.45 27.40 1.19
C ARG A 749 29.17 27.13 -0.29
N LYS A 750 30.04 26.32 -0.89
CA LYS A 750 29.96 26.03 -2.31
C LYS A 750 28.55 25.54 -2.68
N PRO A 751 27.95 26.07 -3.76
CA PRO A 751 26.69 25.50 -4.26
C PRO A 751 26.97 24.22 -5.04
N VAL A 752 26.30 23.14 -4.64
CA VAL A 752 26.53 21.83 -5.25
C VAL A 752 25.37 21.49 -6.18
N ALA A 753 24.18 22.02 -5.87
CA ALA A 753 23.03 21.80 -6.73
C ALA A 753 23.23 22.50 -8.07
N ASN A 754 22.32 22.20 -9.00
CA ASN A 754 22.35 22.75 -10.35
C ASN A 754 21.24 23.79 -10.48
N ALA A 755 21.61 25.03 -10.78
CA ALA A 755 20.63 26.08 -10.99
C ALA A 755 19.71 25.76 -12.16
N ALA A 756 20.14 24.90 -13.08
CA ALA A 756 19.30 24.49 -14.18
C ALA A 756 18.20 23.53 -13.75
N TYR A 757 18.36 22.87 -12.61
CA TYR A 757 17.36 21.94 -12.10
C TYR A 757 16.38 22.70 -11.20
N SER A 758 15.17 22.89 -11.70
CA SER A 758 14.09 23.47 -10.90
C SER A 758 13.34 22.42 -10.09
N ALA A 759 13.63 21.14 -10.30
CA ALA A 759 12.98 20.06 -9.58
C ALA A 759 13.79 18.79 -9.79
N PHE A 760 13.66 17.86 -8.82
CA PHE A 760 14.41 16.61 -8.90
C PHE A 760 14.08 15.83 -10.18
N GLU A 761 12.88 16.03 -10.73
CA GLU A 761 12.53 15.39 -11.98
C GLU A 761 13.52 15.76 -13.08
N ASP A 762 13.91 17.04 -13.14
CA ASP A 762 14.75 17.54 -14.22
C ASP A 762 16.04 16.75 -14.38
N GLY A 763 16.48 16.05 -13.33
CA GLY A 763 17.68 15.25 -13.41
C GLY A 763 17.44 13.92 -14.11
N ILE A 764 16.34 13.25 -13.76
CA ILE A 764 16.04 11.93 -14.28
C ILE A 764 15.15 12.02 -15.51
N LEU A 765 14.92 13.24 -16.00
CA LEU A 765 14.26 13.40 -17.29
C LEU A 765 15.06 12.73 -18.39
N SER A 766 16.37 13.01 -18.43
CA SER A 766 17.23 12.57 -19.52
C SER A 766 17.56 11.08 -19.45
N HIS A 767 17.50 10.47 -18.27
CA HIS A 767 17.90 9.08 -18.10
C HIS A 767 16.71 8.18 -18.40
N LEU A 768 16.53 7.88 -19.69
CA LEU A 768 15.43 7.03 -20.13
C LEU A 768 15.62 5.58 -19.70
N SER A 769 16.86 5.16 -19.42
CA SER A 769 17.10 3.79 -18.99
C SER A 769 16.48 3.49 -17.63
N LEU A 770 16.12 4.51 -16.86
CA LEU A 770 15.61 4.29 -15.52
C LEU A 770 14.25 3.62 -15.54
N VAL A 771 13.31 4.17 -16.32
CA VAL A 771 11.95 3.64 -16.35
C VAL A 771 11.94 2.19 -16.81
N VAL A 772 12.88 1.81 -17.68
CA VAL A 772 12.93 0.45 -18.19
C VAL A 772 13.46 -0.49 -17.10
N ASP A 773 14.60 -0.15 -16.50
CA ASP A 773 15.20 -1.01 -15.49
C ASP A 773 14.26 -1.26 -14.32
N LEU A 774 13.41 -0.29 -13.99
CA LEU A 774 12.47 -0.48 -12.88
C LEU A 774 11.47 -1.59 -13.18
N GLY A 775 11.17 -1.82 -14.46
CA GLY A 775 10.26 -2.89 -14.83
C GLY A 775 10.95 -4.24 -14.90
N LYS A 776 12.13 -4.29 -15.52
CA LYS A 776 12.85 -5.55 -15.65
C LYS A 776 13.20 -6.18 -14.31
N TYR A 777 13.24 -5.38 -13.24
CA TYR A 777 13.60 -5.91 -11.93
C TYR A 777 12.44 -6.60 -11.23
N CYS A 778 11.19 -6.30 -11.63
CA CYS A 778 10.06 -7.08 -11.15
C CYS A 778 10.08 -8.50 -11.68
N ASN A 779 10.73 -8.73 -12.81
CA ASN A 779 10.85 -10.05 -13.42
C ASN A 779 11.93 -10.90 -12.74
N LEU A 780 12.57 -10.40 -11.69
CA LEU A 780 13.66 -11.11 -11.03
C LEU A 780 13.23 -11.87 -9.78
N GLY A 781 12.04 -11.58 -9.25
CA GLY A 781 11.54 -12.33 -8.11
C GLY A 781 12.08 -11.91 -6.77
N HIS A 782 12.37 -10.63 -6.59
CA HIS A 782 12.77 -10.06 -5.30
C HIS A 782 11.71 -9.06 -4.88
N ALA A 783 10.98 -9.36 -3.80
CA ALA A 783 9.79 -8.61 -3.44
C ALA A 783 10.08 -7.18 -3.03
N GLU A 784 10.79 -6.99 -1.91
CA GLU A 784 11.04 -5.65 -1.40
C GLU A 784 11.70 -4.77 -2.45
N LEU A 785 12.44 -5.37 -3.39
CA LEU A 785 12.93 -4.61 -4.53
C LEU A 785 11.79 -4.22 -5.47
N THR A 786 10.86 -5.14 -5.70
CA THR A 786 9.74 -4.84 -6.60
C THR A 786 8.90 -3.69 -6.08
N LEU A 787 8.49 -3.76 -4.81
CA LEU A 787 7.64 -2.73 -4.23
C LEU A 787 8.26 -1.34 -4.38
N ALA A 788 9.59 -1.24 -4.24
CA ALA A 788 10.25 0.04 -4.43
C ALA A 788 10.26 0.46 -5.89
N CYS A 789 10.45 -0.49 -6.80
CA CYS A 789 10.44 -0.16 -8.22
C CYS A 789 9.08 0.35 -8.66
N LEU A 790 8.02 -0.34 -8.26
CA LEU A 790 6.67 0.03 -8.69
C LEU A 790 6.26 1.37 -8.07
N LYS A 791 6.57 1.58 -6.79
CA LYS A 791 6.21 2.85 -6.16
C LYS A 791 6.97 4.01 -6.76
N LEU A 792 8.16 3.75 -7.33
CA LEU A 792 8.88 4.81 -8.04
C LEU A 792 8.28 5.07 -9.41
N LEU A 793 7.75 4.04 -10.06
CA LEU A 793 7.08 4.23 -11.34
C LEU A 793 5.84 5.09 -11.19
N GLU A 794 5.12 4.93 -10.07
CA GLU A 794 4.02 5.83 -9.76
C GLU A 794 4.49 7.28 -9.73
N LYS A 795 5.39 7.61 -8.82
CA LYS A 795 5.86 8.98 -8.67
C LYS A 795 6.56 9.49 -9.92
N ILE A 796 7.04 8.59 -10.78
CA ILE A 796 7.58 9.02 -12.06
C ILE A 796 6.46 9.24 -13.08
N SER A 797 5.48 8.34 -13.12
CA SER A 797 4.35 8.42 -14.03
C SER A 797 3.13 9.05 -13.37
N THR A 798 3.33 9.86 -12.33
CA THR A 798 2.28 10.66 -11.72
C THR A 798 2.80 12.06 -11.41
N SER A 799 3.81 12.50 -12.16
CA SER A 799 4.44 13.80 -11.97
C SER A 799 4.29 14.60 -13.24
N SER A 800 3.86 15.86 -13.11
CA SER A 800 3.62 16.70 -14.27
C SER A 800 4.86 16.84 -15.15
N ARG A 801 6.04 16.78 -14.54
CA ARG A 801 7.26 17.03 -15.30
C ARG A 801 7.61 15.87 -16.21
N ILE A 802 7.80 14.68 -15.65
CA ILE A 802 8.32 13.56 -16.42
C ILE A 802 7.31 13.05 -17.42
N LEU A 803 6.01 13.28 -17.17
CA LEU A 803 4.99 13.02 -18.18
C LEU A 803 4.87 14.16 -19.18
N SER A 804 5.53 15.29 -18.92
CA SER A 804 5.62 16.40 -19.86
C SER A 804 6.95 16.43 -20.61
N ALA A 805 7.72 15.34 -20.55
CA ALA A 805 8.97 15.22 -21.27
C ALA A 805 9.07 13.94 -22.10
N TRP A 806 8.17 12.99 -21.90
CA TRP A 806 8.10 11.79 -22.73
C TRP A 806 7.27 11.99 -23.98
N SER A 807 6.30 12.91 -23.95
CA SER A 807 5.42 13.15 -25.09
C SER A 807 5.96 14.21 -26.03
N PRO A 808 6.47 15.37 -25.54
CA PRO A 808 6.78 16.47 -26.46
C PRO A 808 8.20 16.42 -27.02
N ASP A 809 8.32 16.37 -28.35
CA ASP A 809 9.62 16.44 -29.02
C ASP A 809 9.44 16.92 -30.46
N GLY A 814 9.05 13.63 -35.22
CA GLY A 814 8.94 13.91 -33.79
C GLY A 814 8.55 12.67 -33.01
N HIS A 815 8.95 12.64 -31.73
CA HIS A 815 8.63 11.51 -30.87
C HIS A 815 7.18 11.58 -30.41
N ARG A 816 6.52 10.42 -30.39
CA ARG A 816 5.11 10.34 -30.00
C ARG A 816 4.96 10.15 -28.50
N ASN A 817 5.55 9.09 -27.95
CA ASN A 817 5.68 8.93 -26.52
C ASN A 817 6.97 8.18 -26.24
N LYS A 818 7.86 8.81 -25.47
CA LYS A 818 9.21 8.26 -25.29
C LYS A 818 9.18 7.01 -24.43
N ALA A 819 8.53 7.07 -23.27
CA ALA A 819 8.54 5.93 -22.36
C ALA A 819 7.80 4.73 -22.94
N ILE A 820 6.83 4.95 -23.83
CA ILE A 820 6.07 3.83 -24.40
C ILE A 820 6.94 3.06 -25.39
N VAL A 821 7.58 3.78 -26.32
CA VAL A 821 8.44 3.11 -27.29
C VAL A 821 9.69 2.57 -26.60
N GLN A 822 10.11 3.20 -25.50
CA GLN A 822 11.29 2.73 -24.77
C GLN A 822 11.08 1.31 -24.24
N LEU A 823 9.83 0.94 -23.93
CA LEU A 823 9.54 -0.43 -23.54
C LEU A 823 9.54 -1.38 -24.73
N GLU A 824 9.48 -0.85 -25.95
CA GLU A 824 9.58 -1.64 -27.16
C GLU A 824 10.98 -1.61 -27.76
N ARG A 825 11.91 -0.84 -27.17
CA ARG A 825 13.25 -0.72 -27.72
C ARG A 825 13.92 -2.08 -27.85
N ASN A 826 14.18 -2.75 -26.73
CA ASN A 826 14.75 -4.08 -26.72
C ASN A 826 13.70 -5.18 -26.67
N GLY A 827 12.43 -4.83 -26.60
CA GLY A 827 11.37 -5.82 -26.63
C GLY A 827 10.96 -6.36 -25.28
N GLU A 828 11.18 -5.60 -24.20
CA GLU A 828 10.76 -6.04 -22.88
C GLU A 828 9.33 -5.65 -22.53
N GLY A 829 8.74 -4.70 -23.28
CA GLY A 829 7.40 -4.24 -22.95
C GLY A 829 6.42 -5.37 -22.76
N GLU A 830 6.61 -6.49 -23.46
CA GLU A 830 5.75 -7.65 -23.31
C GLU A 830 6.24 -8.63 -22.27
N THR A 831 7.55 -8.68 -21.99
CA THR A 831 8.08 -9.65 -21.04
C THR A 831 7.85 -9.20 -19.60
N ILE A 832 7.92 -7.90 -19.33
CA ILE A 832 7.60 -7.40 -18.00
C ILE A 832 6.09 -7.39 -17.78
N SER A 833 5.32 -7.11 -18.84
CA SER A 833 3.87 -7.21 -18.74
C SER A 833 3.44 -8.65 -18.52
N ALA A 834 4.19 -9.62 -19.05
CA ALA A 834 3.90 -11.02 -18.78
C ALA A 834 4.26 -11.40 -17.35
N SER A 835 5.27 -10.74 -16.77
CA SER A 835 5.68 -11.07 -15.41
C SER A 835 4.68 -10.52 -14.40
N LEU A 836 4.22 -9.28 -14.59
CA LEU A 836 3.17 -8.75 -13.73
C LEU A 836 1.95 -9.65 -13.72
N SER A 837 1.67 -10.32 -14.84
CA SER A 837 0.54 -11.24 -14.89
C SER A 837 0.72 -12.38 -13.90
N ALA A 838 1.86 -13.07 -13.97
CA ALA A 838 2.14 -14.15 -13.03
C ALA A 838 2.20 -13.66 -11.59
N SER A 839 2.40 -12.36 -11.38
CA SER A 839 2.41 -11.82 -10.03
C SER A 839 1.00 -11.72 -9.46
N ILE A 840 0.06 -11.17 -10.24
CA ILE A 840 -1.33 -11.08 -9.78
C ILE A 840 -2.09 -12.38 -9.95
N MET A 841 -1.50 -13.37 -10.62
CA MET A 841 -2.02 -14.72 -10.65
C MET A 841 -1.44 -15.60 -9.54
N ALA A 842 -0.35 -15.15 -8.90
CA ALA A 842 0.35 -15.97 -7.91
C ALA A 842 -0.58 -16.34 -6.77
N THR A 843 -0.25 -17.46 -6.13
CA THR A 843 -1.04 -17.95 -5.01
C THR A 843 -0.82 -17.08 -3.77
N LEU A 844 -1.79 -17.16 -2.86
CA LEU A 844 -1.74 -16.46 -1.58
C LEU A 844 -1.92 -17.46 -0.47
N ASP A 845 -1.22 -17.24 0.66
CA ASP A 845 -1.32 -18.13 1.80
C ASP A 845 -2.22 -17.52 2.86
N PRO A 846 -3.35 -18.14 3.20
CA PRO A 846 -4.19 -17.60 4.29
C PRO A 846 -3.45 -17.32 5.58
N ALA A 847 -2.42 -18.11 5.90
CA ALA A 847 -1.69 -17.90 7.15
C ALA A 847 -0.89 -16.62 7.11
N LEU A 848 -0.07 -16.44 6.08
CA LEU A 848 0.69 -15.20 5.94
C LEU A 848 -0.25 -14.01 5.79
N ALA A 849 -1.31 -14.17 4.99
CA ALA A 849 -2.43 -13.24 4.97
C ALA A 849 -2.05 -11.86 4.44
N ALA A 850 -2.41 -10.80 5.19
CA ALA A 850 -2.35 -9.46 4.64
C ALA A 850 -0.94 -8.95 4.37
N SER A 851 0.07 -9.57 4.98
CA SER A 851 1.46 -9.13 4.85
C SER A 851 2.28 -10.27 4.25
N GLY A 852 1.98 -10.60 3.01
CA GLY A 852 2.66 -11.66 2.30
C GLY A 852 3.35 -11.11 1.06
N GLU A 853 4.46 -11.75 0.68
CA GLU A 853 5.22 -11.28 -0.49
C GLU A 853 4.35 -11.26 -1.74
N ASN A 854 3.50 -12.28 -1.92
CA ASN A 854 2.64 -12.32 -3.09
C ASN A 854 1.53 -11.27 -2.99
N TYR A 855 0.87 -11.19 -1.83
CA TYR A 855 -0.22 -10.23 -1.66
C TYR A 855 0.29 -8.79 -1.73
N ARG A 856 1.42 -8.51 -1.07
CA ARG A 856 1.92 -7.14 -1.04
C ARG A 856 2.40 -6.69 -2.42
N VAL A 857 2.85 -7.61 -3.26
CA VAL A 857 3.27 -7.24 -4.62
C VAL A 857 2.05 -6.95 -5.48
N LYS A 858 0.97 -7.69 -5.28
CA LYS A 858 -0.27 -7.42 -5.99
C LYS A 858 -0.73 -5.99 -5.75
N LEU A 859 -1.01 -5.64 -4.49
CA LEU A 859 -1.49 -4.30 -4.17
C LEU A 859 -0.55 -3.22 -4.69
N ALA A 860 0.75 -3.49 -4.74
CA ALA A 860 1.70 -2.51 -5.27
C ALA A 860 1.61 -2.38 -6.79
N ILE A 861 1.11 -3.41 -7.48
CA ILE A 861 0.87 -3.30 -8.91
C ILE A 861 -0.45 -2.59 -9.17
N LEU A 862 -1.50 -3.01 -8.47
CA LEU A 862 -2.82 -2.40 -8.64
C LEU A 862 -2.83 -0.94 -8.18
N ASP A 863 -1.92 -0.56 -7.27
CA ASP A 863 -1.77 0.84 -6.92
C ASP A 863 -0.95 1.60 -7.95
N PHE A 864 -0.09 0.90 -8.71
CA PHE A 864 0.66 1.55 -9.78
C PHE A 864 -0.20 1.78 -11.01
N LEU A 865 -0.90 0.74 -11.46
CA LEU A 865 -1.73 0.87 -12.66
C LEU A 865 -2.85 1.88 -12.45
N TYR A 866 -3.41 1.93 -11.24
CA TYR A 866 -4.45 2.92 -10.95
C TYR A 866 -3.87 4.32 -10.85
N ALA A 867 -2.81 4.49 -10.06
CA ALA A 867 -2.22 5.81 -9.87
C ALA A 867 -1.70 6.39 -11.18
N CYS A 868 -1.29 5.53 -12.10
CA CYS A 868 -0.82 6.00 -13.41
C CYS A 868 -1.98 6.35 -14.33
N LEU A 869 -3.07 5.58 -14.27
CA LEU A 869 -4.23 5.86 -15.09
C LEU A 869 -4.98 7.09 -14.60
N ARG A 870 -5.11 7.26 -13.29
CA ARG A 870 -5.89 8.36 -12.75
C ARG A 870 -5.35 9.70 -13.22
N ALA A 871 -4.03 9.85 -13.25
CA ALA A 871 -3.42 11.02 -13.87
C ALA A 871 -3.47 10.86 -15.39
N THR A 872 -3.70 11.99 -16.08
CA THR A 872 -3.86 12.06 -17.53
C THR A 872 -4.65 10.85 -18.05
N PRO A 873 -5.93 10.73 -17.71
CA PRO A 873 -6.69 9.53 -18.10
C PRO A 873 -7.17 9.53 -19.54
N ASP A 874 -7.12 10.67 -20.24
CA ASP A 874 -7.56 10.74 -21.62
C ASP A 874 -6.44 10.47 -22.62
N GLN A 875 -5.17 10.37 -22.16
CA GLN A 875 -4.04 10.01 -23.01
C GLN A 875 -3.53 8.61 -22.63
N PRO A 876 -3.00 7.85 -23.58
CA PRO A 876 -2.45 6.53 -23.23
C PRO A 876 -1.14 6.67 -22.48
N THR A 877 -1.07 6.04 -21.31
CA THR A 877 0.09 6.11 -20.43
C THR A 877 0.85 4.78 -20.47
N ILE A 878 1.80 4.63 -19.55
CA ILE A 878 2.54 3.38 -19.43
C ILE A 878 1.61 2.25 -19.04
N ALA A 879 0.69 2.53 -18.10
CA ALA A 879 -0.23 1.51 -17.61
C ALA A 879 -1.07 0.93 -18.73
N HIS A 880 -1.35 1.71 -19.78
CA HIS A 880 -2.11 1.19 -20.91
C HIS A 880 -1.31 0.18 -21.70
N GLN A 881 -0.06 0.51 -22.02
CA GLN A 881 0.77 -0.41 -22.79
C GLN A 881 1.05 -1.70 -22.02
N LEU A 882 1.32 -1.58 -20.72
CA LEU A 882 1.59 -2.78 -19.91
C LEU A 882 0.34 -3.64 -19.77
N LEU A 883 -0.85 -3.04 -19.81
CA LEU A 883 -2.08 -3.80 -19.73
C LEU A 883 -2.35 -4.60 -21.00
N GLY A 884 -1.57 -4.41 -22.05
CA GLY A 884 -1.74 -5.11 -23.31
C GLY A 884 -2.42 -4.33 -24.40
N PHE A 885 -2.89 -3.11 -24.11
CA PHE A 885 -3.46 -2.26 -25.13
C PHE A 885 -2.36 -1.69 -26.01
N HIS A 886 -2.52 -1.82 -27.32
CA HIS A 886 -1.57 -1.23 -28.25
C HIS A 886 -1.72 0.29 -28.21
N CYS A 887 -0.64 0.98 -27.85
CA CYS A 887 -0.69 2.40 -27.51
C CYS A 887 -0.07 3.23 -28.62
N GLU A 888 -0.91 3.95 -29.36
CA GLU A 888 -0.50 5.06 -30.21
C GLU A 888 -1.27 6.30 -29.78
N LEU A 889 -1.02 7.41 -30.47
CA LEU A 889 -1.47 8.72 -30.00
C LEU A 889 -2.99 8.80 -29.90
N SER A 890 -3.50 8.99 -28.68
CA SER A 890 -4.91 9.27 -28.43
C SER A 890 -5.81 8.20 -29.03
N LYS A 891 -5.37 6.95 -29.00
CA LYS A 891 -6.15 5.85 -29.57
C LYS A 891 -5.61 4.54 -29.05
N LEU A 892 -6.48 3.74 -28.45
CA LEU A 892 -6.15 2.37 -28.06
C LEU A 892 -6.38 1.43 -29.24
N GLY A 893 -6.09 0.16 -29.02
CA GLY A 893 -6.27 -0.85 -30.05
C GLY A 893 -5.57 -2.13 -29.66
N ILE A 894 -6.02 -3.26 -30.21
CA ILE A 894 -5.42 -4.56 -29.93
C ILE A 894 -4.67 -5.00 -31.17
N GLU A 895 -3.41 -5.39 -30.99
CA GLU A 895 -2.62 -5.92 -32.08
C GLU A 895 -2.98 -7.38 -32.29
N PRO A 896 -3.33 -7.80 -33.50
CA PRO A 896 -3.82 -9.16 -33.67
C PRO A 896 -2.68 -10.13 -33.47
N LYS A 897 -3.00 -11.32 -32.97
CA LYS A 897 -1.97 -12.28 -32.60
C LYS A 897 -1.09 -11.66 -31.52
N GLY A 898 -1.73 -10.92 -30.61
CA GLY A 898 -1.07 -10.24 -29.53
C GLY A 898 -1.61 -10.77 -28.22
N PRO A 899 -0.89 -10.52 -27.12
CA PRO A 899 -1.33 -11.06 -25.83
C PRO A 899 -2.74 -10.66 -25.45
N PHE A 900 -3.22 -9.50 -25.95
CA PHE A 900 -4.57 -9.06 -25.64
C PHE A 900 -5.61 -9.81 -26.48
N ASP A 901 -5.45 -9.81 -27.80
CA ASP A 901 -6.44 -10.42 -28.67
C ASP A 901 -6.67 -11.89 -28.34
N MET A 902 -5.62 -12.59 -27.90
CA MET A 902 -5.71 -13.99 -27.54
C MET A 902 -6.09 -14.21 -26.08
N GLN A 903 -6.46 -13.14 -25.36
CA GLN A 903 -6.90 -13.22 -23.97
C GLN A 903 -5.76 -13.61 -23.04
N LYS A 904 -4.51 -13.31 -23.44
CA LYS A 904 -3.34 -13.60 -22.63
C LYS A 904 -2.79 -12.37 -21.93
N SER A 905 -3.35 -11.20 -22.20
CA SER A 905 -2.81 -9.94 -21.67
C SER A 905 -2.93 -9.89 -20.14
N LEU A 906 -2.19 -8.95 -19.55
CA LEU A 906 -2.30 -8.69 -18.12
C LEU A 906 -3.71 -8.24 -17.76
N PHE A 907 -4.32 -7.39 -18.61
CA PHE A 907 -5.68 -6.93 -18.37
C PHE A 907 -6.62 -8.10 -18.07
N HIS A 908 -6.48 -9.20 -18.82
CA HIS A 908 -7.33 -10.36 -18.58
C HIS A 908 -7.00 -11.03 -17.27
N SER A 909 -5.75 -10.95 -16.83
CA SER A 909 -5.38 -11.51 -15.53
C SER A 909 -6.04 -10.74 -14.39
N LEU A 910 -6.35 -9.46 -14.61
CA LEU A 910 -7.15 -8.71 -13.65
C LEU A 910 -8.59 -9.22 -13.63
N LEU A 911 -9.12 -9.57 -14.80
CA LEU A 911 -10.43 -10.23 -14.84
C LEU A 911 -10.34 -11.63 -14.23
N ASN A 912 -9.30 -12.37 -14.57
CA ASN A 912 -9.19 -13.76 -14.13
C ASN A 912 -9.10 -13.86 -12.61
N VAL A 913 -8.31 -12.97 -11.98
CA VAL A 913 -8.23 -12.98 -10.52
C VAL A 913 -9.57 -12.61 -9.93
N LEU A 914 -10.36 -11.80 -10.64
CA LEU A 914 -11.64 -11.35 -10.10
C LEU A 914 -12.67 -12.48 -10.09
N ILE A 915 -12.69 -13.31 -11.14
CA ILE A 915 -13.73 -14.33 -11.29
C ILE A 915 -13.34 -15.58 -10.50
N THR A 916 -12.28 -15.49 -9.69
CA THR A 916 -11.82 -16.60 -8.87
C THR A 916 -11.74 -16.28 -7.38
N LEU A 917 -11.96 -15.03 -6.98
CA LEU A 917 -11.84 -14.68 -5.57
C LEU A 917 -12.98 -15.27 -4.76
N THR A 918 -12.64 -15.77 -3.57
CA THR A 918 -13.61 -16.23 -2.58
C THR A 918 -13.30 -15.46 -1.30
N VAL A 919 -14.06 -14.41 -1.05
CA VAL A 919 -13.80 -13.49 0.06
C VAL A 919 -14.63 -13.89 1.27
N SER A 920 -14.78 -15.20 1.50
CA SER A 920 -15.54 -15.71 2.63
C SER A 920 -14.99 -17.07 3.02
N GLU A 921 -14.67 -17.23 4.30
CA GLU A 921 -14.06 -18.45 4.82
C GLU A 921 -15.00 -19.19 5.77
N GLU A 922 -16.29 -19.25 5.42
CA GLU A 922 -17.29 -20.02 6.15
C GLU A 922 -17.37 -19.58 7.61
N GLU A 923 -17.89 -18.36 7.78
CA GLU A 923 -18.20 -17.74 9.07
C GLU A 923 -16.96 -17.36 9.87
N GLN A 924 -15.75 -17.67 9.38
CA GLN A 924 -14.57 -16.96 9.88
C GLN A 924 -14.63 -15.49 9.52
N GLY A 925 -15.49 -15.14 8.58
CA GLY A 925 -15.68 -13.77 8.15
C GLY A 925 -15.11 -13.53 6.76
N MET A 926 -15.48 -12.39 6.21
CA MET A 926 -14.88 -11.90 4.98
C MET A 926 -13.49 -11.35 5.32
N ARG A 927 -12.45 -12.03 4.86
CA ARG A 927 -11.10 -11.58 5.14
C ARG A 927 -10.88 -10.20 4.49
N GLY A 928 -10.74 -9.18 5.33
CA GLY A 928 -10.66 -7.80 4.87
C GLY A 928 -9.48 -7.52 3.97
N TYR A 929 -8.40 -8.30 4.07
CA TYR A 929 -7.29 -8.12 3.16
C TYR A 929 -7.65 -8.54 1.75
N LEU A 930 -8.64 -9.43 1.61
CA LEU A 930 -8.99 -10.01 0.32
C LEU A 930 -10.09 -9.23 -0.39
N VAL A 931 -11.02 -8.62 0.35
CA VAL A 931 -12.01 -7.77 -0.29
C VAL A 931 -11.35 -6.48 -0.76
N THR A 932 -10.29 -6.04 -0.08
CA THR A 932 -9.52 -4.90 -0.56
C THR A 932 -8.80 -5.24 -1.86
N LEU A 933 -8.39 -6.50 -2.02
CA LEU A 933 -7.80 -6.92 -3.29
C LEU A 933 -8.78 -6.78 -4.43
N LYS A 934 -10.05 -7.12 -4.18
CA LYS A 934 -11.07 -7.00 -5.22
C LYS A 934 -11.27 -5.55 -5.62
N TYR A 935 -11.35 -4.65 -4.63
CA TYR A 935 -11.55 -3.24 -4.93
C TYR A 935 -10.40 -2.68 -5.77
N ARG A 936 -9.17 -2.93 -5.35
CA ARG A 936 -8.01 -2.39 -6.07
C ARG A 936 -8.01 -2.82 -7.52
N VAL A 937 -8.61 -3.97 -7.83
CA VAL A 937 -8.71 -4.42 -9.22
C VAL A 937 -9.87 -3.71 -9.92
N LEU A 938 -11.04 -3.68 -9.27
CA LEU A 938 -12.24 -3.14 -9.93
C LEU A 938 -12.05 -1.68 -10.29
N ARG A 939 -11.55 -0.86 -9.34
CA ARG A 939 -11.41 0.56 -9.59
C ARG A 939 -10.53 0.84 -10.80
N ILE A 940 -9.66 -0.10 -11.18
CA ILE A 940 -8.94 0.01 -12.44
C ILE A 940 -9.90 -0.17 -13.61
N LEU A 941 -10.65 -1.28 -13.61
CA LEU A 941 -11.62 -1.52 -14.66
C LEU A 941 -12.66 -0.41 -14.72
N GLN A 942 -12.99 0.20 -13.58
CA GLN A 942 -13.94 1.31 -13.56
C GLN A 942 -13.42 2.48 -14.38
N LEU A 943 -12.19 2.93 -14.10
CA LEU A 943 -11.57 3.95 -14.93
C LEU A 943 -11.50 3.55 -16.39
N LEU A 944 -11.55 2.25 -16.68
CA LEU A 944 -11.35 1.73 -18.03
C LEU A 944 -12.65 1.49 -18.78
N TRP A 945 -13.80 1.90 -18.22
CA TRP A 945 -15.03 1.97 -18.99
C TRP A 945 -15.70 3.33 -18.86
N LYS A 946 -15.05 4.29 -18.21
CA LYS A 946 -15.52 5.67 -18.17
C LYS A 946 -14.81 6.55 -19.21
N SER A 947 -13.53 6.28 -19.49
CA SER A 947 -12.80 7.06 -20.47
C SER A 947 -13.19 6.65 -21.88
N PRO A 948 -13.35 7.60 -22.80
CA PRO A 948 -13.72 7.22 -24.18
C PRO A 948 -12.67 6.36 -24.85
N LEU A 949 -11.42 6.38 -24.40
CA LEU A 949 -10.38 5.56 -25.00
C LEU A 949 -10.68 4.08 -24.86
N SER A 950 -10.98 3.65 -23.64
CA SER A 950 -11.02 2.24 -23.29
C SER A 950 -12.40 1.62 -23.34
N ALA A 951 -13.45 2.42 -23.12
CA ALA A 951 -14.80 1.86 -22.98
C ALA A 951 -15.16 0.98 -24.17
N SER A 952 -14.72 1.37 -25.37
CA SER A 952 -15.00 0.56 -26.55
C SER A 952 -14.31 -0.80 -26.47
N LEU A 953 -12.99 -0.80 -26.28
CA LEU A 953 -12.24 -2.05 -26.23
C LEU A 953 -12.60 -2.86 -24.99
N VAL A 954 -12.82 -2.20 -23.86
CA VAL A 954 -13.01 -2.91 -22.60
C VAL A 954 -14.41 -3.52 -22.53
N MET A 955 -15.45 -2.70 -22.73
CA MET A 955 -16.81 -3.23 -22.71
C MET A 955 -16.99 -4.32 -23.75
N ASP A 956 -16.22 -4.25 -24.85
CA ASP A 956 -16.23 -5.33 -25.83
C ASP A 956 -15.67 -6.61 -25.24
N GLU A 957 -14.48 -6.54 -24.63
CA GLU A 957 -13.85 -7.74 -24.10
C GLU A 957 -14.55 -8.24 -22.84
N LEU A 958 -15.11 -7.32 -22.04
CA LEU A 958 -15.89 -7.74 -20.87
C LEU A 958 -17.16 -8.47 -21.27
N ARG A 959 -17.66 -8.26 -22.48
CA ARG A 959 -18.81 -9.00 -22.96
C ARG A 959 -18.43 -10.42 -23.37
N ALA A 960 -17.31 -10.56 -24.10
CA ALA A 960 -16.89 -11.87 -24.56
C ALA A 960 -16.55 -12.80 -23.40
N THR A 961 -16.16 -12.25 -22.27
CA THR A 961 -15.68 -13.03 -21.13
C THR A 961 -16.76 -13.30 -20.09
N ASN A 962 -17.98 -12.82 -20.30
CA ASN A 962 -19.08 -13.02 -19.36
C ASN A 962 -18.72 -12.45 -17.98
N PHE A 963 -18.17 -11.25 -17.99
CA PHE A 963 -17.71 -10.64 -16.73
C PHE A 963 -18.87 -10.35 -15.80
N LEU A 964 -19.97 -9.79 -16.33
CA LEU A 964 -21.11 -9.45 -15.49
C LEU A 964 -21.64 -10.67 -14.74
N PHE A 965 -21.50 -11.86 -15.32
CA PHE A 965 -22.04 -13.07 -14.71
C PHE A 965 -21.13 -13.59 -13.60
N HIS A 966 -19.83 -13.68 -13.89
CA HIS A 966 -18.90 -14.26 -12.92
C HIS A 966 -18.89 -13.46 -11.62
N MET A 967 -19.02 -12.13 -11.71
CA MET A 967 -19.08 -11.32 -10.50
C MET A 967 -20.36 -11.61 -9.71
N LEU A 968 -21.50 -11.62 -10.39
CA LEU A 968 -22.77 -11.95 -9.73
C LEU A 968 -22.75 -13.35 -9.16
N LEU A 969 -22.07 -14.29 -9.84
CA LEU A 969 -22.01 -15.68 -9.38
C LEU A 969 -21.27 -15.80 -8.06
N ARG A 970 -20.38 -14.87 -7.76
CA ARG A 970 -19.56 -14.92 -6.55
C ARG A 970 -19.93 -13.89 -5.51
N GLU A 971 -20.69 -12.86 -5.87
CA GLU A 971 -21.11 -11.86 -4.90
C GLU A 971 -21.91 -12.51 -3.78
N VAL A 972 -21.66 -12.06 -2.56
CA VAL A 972 -22.28 -12.63 -1.36
C VAL A 972 -23.27 -11.62 -0.80
N GLN A 973 -24.27 -12.12 -0.09
CA GLN A 973 -25.30 -11.30 0.51
C GLN A 973 -24.81 -10.71 1.83
N ILE A 974 -24.92 -9.38 1.98
CA ILE A 974 -24.68 -8.75 3.27
C ILE A 974 -25.75 -9.22 4.25
N GLN A 975 -25.35 -9.45 5.50
CA GLN A 975 -26.26 -9.98 6.51
C GLN A 975 -25.79 -9.50 7.87
N PRO A 976 -26.67 -9.50 8.88
CA PRO A 976 -26.26 -9.11 10.24
C PRO A 976 -25.13 -9.97 10.76
N GLN A 977 -25.35 -11.28 10.84
CA GLN A 977 -24.32 -12.22 11.32
C GLN A 977 -23.47 -12.72 10.16
N LEU A 978 -22.86 -11.75 9.46
CA LEU A 978 -21.89 -12.01 8.41
C LEU A 978 -20.61 -11.28 8.79
N PRO A 979 -19.72 -11.92 9.55
CA PRO A 979 -18.57 -11.20 10.10
C PRO A 979 -17.59 -10.79 9.02
N TRP A 980 -16.83 -9.74 9.34
CA TRP A 980 -15.74 -9.25 8.50
C TRP A 980 -14.46 -9.35 9.32
N ASP A 981 -13.48 -10.12 8.84
CA ASP A 981 -12.24 -10.35 9.56
C ASP A 981 -12.49 -10.96 10.93
N GLY A 982 -13.63 -11.63 11.10
CA GLY A 982 -14.07 -12.08 12.40
C GLY A 982 -14.86 -11.05 13.18
N GLN A 983 -14.78 -9.77 12.79
CA GLN A 983 -15.50 -8.70 13.46
C GLN A 983 -16.88 -8.51 12.83
N LEU A 984 -17.83 -8.09 13.65
CA LEU A 984 -19.23 -7.98 13.28
C LEU A 984 -19.68 -6.53 13.34
N VAL A 985 -20.57 -6.15 12.41
CA VAL A 985 -21.17 -4.82 12.48
C VAL A 985 -22.00 -4.72 13.76
N THR A 986 -22.21 -3.48 14.20
CA THR A 986 -22.96 -3.17 15.42
C THR A 986 -22.25 -3.65 16.68
N GLY A 987 -20.95 -3.94 16.59
CA GLY A 987 -20.16 -4.22 17.77
C GLY A 987 -20.04 -2.97 18.63
N CYS A 988 -19.39 -3.14 19.79
CA CYS A 988 -19.12 -2.01 20.65
C CYS A 988 -18.37 -0.91 19.90
N GLU A 989 -17.41 -1.32 19.06
CA GLU A 989 -16.71 -0.39 18.17
C GLU A 989 -16.26 -1.17 16.94
N PHE A 990 -17.13 -1.20 15.92
CA PHE A 990 -16.79 -1.86 14.67
C PHE A 990 -15.99 -0.95 13.74
N LEU A 991 -16.19 0.37 13.84
CA LEU A 991 -15.53 1.33 12.96
C LEU A 991 -14.11 1.66 13.39
N LEU A 992 -13.46 0.77 14.13
CA LEU A 992 -12.09 0.95 14.61
C LEU A 992 -11.09 0.02 13.94
N SER A 993 -11.48 -1.23 13.68
CA SER A 993 -10.56 -2.22 13.16
C SER A 993 -10.45 -2.11 11.64
N ASP A 994 -9.48 -2.84 11.09
CA ASP A 994 -9.32 -2.94 9.64
C ASP A 994 -10.47 -3.69 8.98
N ALA A 995 -11.42 -4.21 9.77
CA ALA A 995 -12.64 -4.76 9.18
C ALA A 995 -13.57 -3.66 8.70
N SER A 996 -13.46 -2.46 9.29
CA SER A 996 -14.28 -1.34 8.85
C SER A 996 -13.96 -0.97 7.40
N LEU A 997 -12.69 -0.67 7.11
CA LEU A 997 -12.30 -0.29 5.76
C LEU A 997 -12.52 -1.42 4.76
N ALA A 998 -12.71 -2.65 5.23
CA ALA A 998 -13.02 -3.76 4.34
C ALA A 998 -14.47 -3.73 3.91
N TYR A 999 -15.37 -3.37 4.83
CA TYR A 999 -16.77 -3.16 4.47
C TYR A 999 -16.92 -1.98 3.52
N ILE A 1000 -16.14 -0.91 3.74
CA ILE A 1000 -16.15 0.23 2.82
C ILE A 1000 -15.77 -0.23 1.41
N ASP A 1001 -14.64 -0.92 1.29
CA ASP A 1001 -14.16 -1.35 -0.02
C ASP A 1001 -15.15 -2.29 -0.69
N TYR A 1002 -15.90 -3.05 0.09
CA TYR A 1002 -16.88 -3.97 -0.48
C TYR A 1002 -18.07 -3.21 -1.07
N LEU A 1003 -18.50 -2.13 -0.40
CA LEU A 1003 -19.56 -1.31 -0.96
C LEU A 1003 -19.12 -0.60 -2.23
N ALA A 1004 -17.87 -0.14 -2.26
CA ALA A 1004 -17.35 0.48 -3.48
C ALA A 1004 -17.21 -0.54 -4.60
N SER A 1005 -16.84 -1.78 -4.26
CA SER A 1005 -16.74 -2.82 -5.27
C SER A 1005 -18.11 -3.17 -5.84
N ARG A 1006 -19.13 -3.23 -4.99
CA ARG A 1006 -20.48 -3.53 -5.45
C ARG A 1006 -20.98 -2.45 -6.41
N ALA A 1007 -20.78 -1.18 -6.05
CA ALA A 1007 -21.23 -0.09 -6.91
C ALA A 1007 -20.55 -0.14 -8.27
N ALA A 1008 -19.27 -0.49 -8.31
CA ALA A 1008 -18.57 -0.61 -9.60
C ALA A 1008 -19.14 -1.74 -10.44
N ILE A 1009 -19.77 -2.74 -9.81
CA ILE A 1009 -20.40 -3.83 -10.54
C ILE A 1009 -21.75 -3.37 -11.11
N PHE A 1010 -22.58 -2.75 -10.27
CA PHE A 1010 -23.85 -2.23 -10.75
C PHE A 1010 -23.65 -1.20 -11.85
N GLU A 1011 -22.60 -0.40 -11.76
CA GLU A 1011 -22.33 0.61 -12.79
C GLU A 1011 -22.02 -0.06 -14.12
N TYR A 1012 -21.28 -1.17 -14.09
CA TYR A 1012 -20.98 -1.89 -15.32
C TYR A 1012 -22.21 -2.61 -15.84
N ILE A 1013 -22.94 -3.28 -14.95
CA ILE A 1013 -24.19 -3.93 -15.35
C ILE A 1013 -25.16 -2.92 -15.94
N GLY A 1014 -25.05 -1.66 -15.54
CA GLY A 1014 -25.86 -0.62 -16.17
C GLY A 1014 -25.37 -0.30 -17.57
N LYS A 1015 -24.07 -0.02 -17.71
CA LYS A 1015 -23.51 0.25 -19.04
C LYS A 1015 -23.62 -0.97 -19.94
N GLU A 1016 -23.50 -2.17 -19.38
CA GLU A 1016 -23.66 -3.39 -20.17
C GLU A 1016 -25.12 -3.61 -20.56
N LEU A 1017 -26.06 -3.01 -19.84
CA LEU A 1017 -27.47 -3.13 -20.16
C LEU A 1017 -27.97 -2.03 -21.09
N CYS A 1018 -27.10 -1.07 -21.45
CA CYS A 1018 -27.38 -0.08 -22.48
C CYS A 1018 -26.73 -0.41 -23.81
N SER A 1019 -25.51 -0.96 -23.77
CA SER A 1019 -24.86 -1.41 -25.00
C SER A 1019 -25.55 -2.63 -25.59
N VAL A 1020 -26.40 -3.30 -24.83
CA VAL A 1020 -27.12 -4.48 -25.32
C VAL A 1020 -28.44 -4.09 -25.97
N SER A 1021 -29.14 -3.10 -25.39
CA SER A 1021 -30.53 -2.83 -25.79
C SER A 1021 -30.62 -2.36 -27.24
N GLN A 1022 -29.61 -1.61 -27.70
CA GLN A 1022 -29.68 -1.00 -29.03
C GLN A 1022 -29.88 -2.04 -30.13
N ASN A 1023 -29.07 -3.09 -30.13
CA ASN A 1023 -29.15 -4.14 -31.15
C ASN A 1023 -29.00 -5.51 -30.53
N ARG A 1024 -27.94 -5.69 -29.74
CA ARG A 1024 -27.48 -7.01 -29.34
C ARG A 1024 -28.64 -7.89 -28.88
N ILE A 1025 -28.60 -9.15 -29.30
CA ILE A 1025 -29.74 -10.06 -29.24
C ILE A 1025 -30.30 -10.13 -27.82
N PRO A 1026 -31.60 -10.42 -27.67
CA PRO A 1026 -32.18 -10.55 -26.32
C PRO A 1026 -31.59 -11.70 -25.50
N SER A 1027 -30.68 -12.49 -26.07
CA SER A 1027 -30.01 -13.53 -25.30
C SER A 1027 -29.24 -12.93 -24.14
N ILE A 1028 -28.68 -11.73 -24.31
CA ILE A 1028 -27.92 -11.09 -23.24
C ILE A 1028 -28.87 -10.45 -22.22
N LYS A 1029 -29.82 -9.64 -22.69
CA LYS A 1029 -30.76 -9.01 -21.77
C LYS A 1029 -31.54 -10.03 -20.97
N ARG A 1030 -31.90 -11.15 -21.61
CA ARG A 1030 -32.54 -12.25 -20.88
C ARG A 1030 -31.58 -12.84 -19.86
N GLN A 1031 -30.34 -13.11 -20.28
CA GLN A 1031 -29.33 -13.62 -19.36
C GLN A 1031 -29.11 -12.65 -18.21
N ILE A 1032 -28.96 -11.36 -18.51
CA ILE A 1032 -28.76 -10.36 -17.46
C ILE A 1032 -29.98 -10.32 -16.55
N PHE A 1033 -31.19 -10.26 -17.13
CA PHE A 1033 -32.39 -10.09 -16.33
C PHE A 1033 -32.62 -11.29 -15.41
N ASP A 1034 -32.45 -12.50 -15.94
CA ASP A 1034 -32.57 -13.69 -15.10
C ASP A 1034 -31.42 -13.79 -14.11
N ALA A 1035 -30.23 -13.31 -14.49
CA ALA A 1035 -29.12 -13.28 -13.55
C ALA A 1035 -29.39 -12.28 -12.42
N LEU A 1036 -30.18 -11.24 -12.69
CA LEU A 1036 -30.57 -10.29 -11.66
C LEU A 1036 -31.75 -10.79 -10.83
N ASN A 1037 -32.44 -11.84 -11.27
CA ASN A 1037 -33.42 -12.54 -10.45
C ASN A 1037 -32.89 -13.86 -9.90
N GLY A 1038 -31.81 -14.39 -10.48
CA GLY A 1038 -31.13 -15.53 -9.91
C GLY A 1038 -31.33 -16.84 -10.66
N GLN A 1039 -31.48 -16.77 -11.97
CA GLN A 1039 -31.65 -17.94 -12.83
C GLN A 1039 -30.55 -17.90 -13.89
N ILE A 1040 -29.52 -18.71 -13.71
CA ILE A 1040 -28.34 -18.74 -14.57
C ILE A 1040 -28.16 -20.16 -15.08
N PHE A 1041 -28.02 -20.29 -16.40
CA PHE A 1041 -27.95 -21.59 -17.08
C PHE A 1041 -26.63 -21.65 -17.86
N VAL A 1042 -25.56 -22.01 -17.17
CA VAL A 1042 -24.26 -22.17 -17.83
C VAL A 1042 -24.10 -23.57 -18.40
N ASP A 1043 -24.29 -24.60 -17.56
CA ASP A 1043 -24.13 -25.98 -17.98
C ASP A 1043 -25.43 -26.65 -18.44
N GLU A 1044 -26.57 -26.07 -18.10
CA GLU A 1044 -27.91 -26.52 -18.51
C GLU A 1044 -28.37 -27.75 -17.73
N GLU A 1045 -27.49 -28.45 -17.00
CA GLU A 1045 -27.94 -29.54 -16.16
C GLU A 1045 -29.02 -29.08 -15.20
N ALA A 1046 -28.85 -27.87 -14.65
CA ALA A 1046 -29.87 -27.27 -13.80
C ALA A 1046 -29.58 -25.77 -13.72
N PRO A 1047 -30.59 -24.95 -13.40
CA PRO A 1047 -30.37 -23.50 -13.31
C PRO A 1047 -29.75 -23.13 -11.97
N LEU A 1048 -28.65 -22.38 -12.02
CA LEU A 1048 -27.98 -21.94 -10.80
C LEU A 1048 -28.79 -20.85 -10.11
N THR A 1049 -28.81 -20.91 -8.78
CA THR A 1049 -29.56 -19.96 -7.95
C THR A 1049 -28.61 -18.90 -7.42
N ILE A 1050 -28.69 -17.70 -7.97
CA ILE A 1050 -27.92 -16.54 -7.52
C ILE A 1050 -28.87 -15.64 -6.74
N PRO A 1051 -28.43 -14.91 -5.71
CA PRO A 1051 -29.34 -13.99 -5.03
C PRO A 1051 -29.87 -12.92 -5.96
N SER A 1052 -31.12 -12.52 -5.72
CA SER A 1052 -31.79 -11.57 -6.60
C SER A 1052 -31.18 -10.18 -6.46
N ILE A 1053 -31.45 -9.33 -7.46
CA ILE A 1053 -31.04 -7.94 -7.39
C ILE A 1053 -31.74 -7.24 -6.23
N PHE A 1054 -32.83 -7.80 -5.74
CA PHE A 1054 -33.54 -7.28 -4.58
C PHE A 1054 -33.05 -7.88 -3.28
N ASP A 1055 -32.26 -8.96 -3.34
CA ASP A 1055 -31.53 -9.42 -2.18
C ASP A 1055 -30.22 -8.67 -2.03
N PHE A 1056 -29.64 -8.21 -3.14
CA PHE A 1056 -28.49 -7.30 -3.11
C PHE A 1056 -28.88 -5.90 -2.72
N PHE A 1057 -30.13 -5.69 -2.33
CA PHE A 1057 -30.53 -4.49 -1.59
C PHE A 1057 -30.26 -4.69 -0.10
N ASP A 1058 -29.02 -5.06 0.20
CA ASP A 1058 -28.58 -5.41 1.54
C ASP A 1058 -27.64 -4.38 2.13
N PHE A 1059 -27.33 -3.31 1.40
CA PHE A 1059 -26.36 -2.32 1.83
C PHE A 1059 -27.00 -1.19 2.63
N ILE A 1060 -28.27 -1.32 3.02
CA ILE A 1060 -28.94 -0.33 3.86
C ILE A 1060 -29.81 -1.06 4.88
N ASN A 1061 -29.64 -0.68 6.15
CA ASN A 1061 -30.63 -0.93 7.20
C ASN A 1061 -30.78 0.38 7.96
N THR A 1062 -31.90 1.06 7.77
CA THR A 1062 -32.09 2.44 8.21
C THR A 1062 -31.89 2.62 9.71
N ASP A 1063 -31.79 1.55 10.50
CA ASP A 1063 -31.71 1.66 11.95
C ASP A 1063 -30.27 1.75 12.47
N TYR A 1064 -29.27 1.77 11.60
CA TYR A 1064 -27.88 1.74 12.07
C TYR A 1064 -27.45 3.08 12.66
N LYS A 1065 -27.94 4.19 12.12
CA LYS A 1065 -27.67 5.51 12.68
C LYS A 1065 -26.17 5.83 12.66
N TRP A 1066 -25.56 5.72 11.47
CA TRP A 1066 -24.17 6.10 11.33
C TRP A 1066 -23.96 7.60 11.49
N GLU A 1067 -24.98 8.40 11.16
CA GLU A 1067 -24.86 9.84 11.23
C GLU A 1067 -25.12 10.39 12.62
N GLU A 1068 -25.50 9.54 13.58
CA GLU A 1068 -25.87 9.96 14.92
C GLU A 1068 -24.87 9.44 15.95
N ILE A 1069 -23.59 9.45 15.61
CA ILE A 1069 -22.49 9.24 16.55
C ILE A 1069 -21.71 10.53 16.62
N PRO A 1070 -21.46 11.08 17.81
CA PRO A 1070 -21.08 12.49 17.90
C PRO A 1070 -19.67 12.75 17.39
N SER A 1071 -19.44 14.02 17.03
CA SER A 1071 -18.13 14.55 16.67
C SER A 1071 -17.60 15.42 17.81
N PRO A 1072 -16.29 15.43 18.05
CA PRO A 1072 -15.75 16.34 19.09
C PRO A 1072 -16.06 17.78 18.74
N HIS A 1073 -16.52 18.53 19.74
CA HIS A 1073 -16.84 19.94 19.52
C HIS A 1073 -15.60 20.68 19.06
N PHE A 1074 -15.75 21.47 18.00
CA PHE A 1074 -14.60 22.13 17.39
C PHE A 1074 -13.80 22.95 18.39
N THR A 1075 -14.45 23.48 19.44
CA THR A 1075 -13.70 24.23 20.44
C THR A 1075 -12.88 23.30 21.33
N TYR A 1076 -13.40 22.10 21.63
CA TYR A 1076 -12.64 21.14 22.40
C TYR A 1076 -11.38 20.72 21.67
N LEU A 1077 -11.42 20.66 20.33
CA LEU A 1077 -10.22 20.38 19.55
C LEU A 1077 -9.31 21.61 19.48
N LYS A 1078 -9.90 22.80 19.35
CA LYS A 1078 -9.09 24.01 19.23
C LYS A 1078 -8.36 24.34 20.55
N ASP A 1079 -8.95 23.99 21.69
CA ASP A 1079 -8.27 24.21 22.96
C ASP A 1079 -7.02 23.34 23.07
N LEU A 1080 -7.02 22.17 22.42
CA LEU A 1080 -5.82 21.37 22.24
C LEU A 1080 -5.05 21.76 20.98
N ASP A 1081 -5.27 22.98 20.49
CA ASP A 1081 -4.68 23.49 19.26
C ASP A 1081 -4.58 22.41 18.18
N LEU A 1082 -5.74 21.86 17.83
CA LEU A 1082 -5.88 20.90 16.73
C LEU A 1082 -6.61 21.61 15.60
N GLY A 1083 -5.88 21.99 14.56
CA GLY A 1083 -6.47 22.50 13.34
C GLY A 1083 -6.14 21.68 12.11
N PRO A 1084 -6.31 20.36 12.18
CA PRO A 1084 -6.21 19.52 10.97
C PRO A 1084 -7.55 19.12 10.38
N CYS A 1085 -8.66 19.54 10.98
CA CYS A 1085 -9.98 19.10 10.56
C CYS A 1085 -10.28 19.55 9.14
N ILE A 1086 -10.72 18.62 8.30
CA ILE A 1086 -11.18 18.91 6.96
C ILE A 1086 -12.71 19.04 7.01
N LEU A 1087 -13.26 19.86 6.12
CA LEU A 1087 -14.69 20.14 6.09
C LEU A 1087 -15.29 19.64 4.79
N GLU A 1088 -16.60 19.41 4.82
CA GLU A 1088 -17.34 18.96 3.64
C GLU A 1088 -16.73 17.70 3.04
N GLY A 1093 -20.17 15.53 6.03
CA GLY A 1093 -19.93 16.46 7.12
C GLY A 1093 -18.46 16.63 7.42
N VAL A 1094 -18.13 16.84 8.70
CA VAL A 1094 -16.75 17.07 9.10
C VAL A 1094 -15.94 15.80 8.91
N HIS A 1095 -14.74 15.96 8.36
CA HIS A 1095 -13.74 14.90 8.23
C HIS A 1095 -12.50 15.33 9.01
N TYR A 1096 -11.47 14.48 9.01
CA TYR A 1096 -10.28 14.74 9.81
C TYR A 1096 -9.05 14.17 9.15
N ASP A 1097 -7.90 14.74 9.52
CA ASP A 1097 -6.58 14.23 9.13
C ASP A 1097 -5.97 13.60 10.38
N ILE A 1098 -6.10 12.27 10.48
CA ILE A 1098 -5.67 11.56 11.67
C ILE A 1098 -4.17 11.75 11.92
N ARG A 1099 -3.38 11.78 10.85
CA ARG A 1099 -1.93 11.78 10.99
C ARG A 1099 -1.45 13.08 11.62
N LYS A 1100 -1.79 14.22 11.01
CA LYS A 1100 -1.39 15.50 11.56
C LYS A 1100 -1.92 15.68 12.98
N ALA A 1101 -3.14 15.23 13.23
CA ALA A 1101 -3.71 15.35 14.58
C ALA A 1101 -2.91 14.56 15.59
N GLN A 1102 -2.56 13.31 15.24
CA GLN A 1102 -1.75 12.49 16.14
C GLN A 1102 -0.34 13.05 16.27
N GLU A 1103 0.13 13.79 15.26
CA GLU A 1103 1.42 14.46 15.36
C GLU A 1103 1.38 15.59 16.37
N ILE A 1104 0.25 16.32 16.44
CA ILE A 1104 0.10 17.39 17.42
C ILE A 1104 0.11 16.81 18.83
N LEU A 1105 -0.60 15.70 19.04
CA LEU A 1105 -0.71 15.13 20.37
C LEU A 1105 0.62 14.56 20.84
N ALA A 1106 1.49 14.16 19.92
CA ALA A 1106 2.82 13.69 20.30
C ALA A 1106 3.74 14.84 20.69
N LEU A 1107 3.50 16.03 20.12
CA LEU A 1107 4.31 17.20 20.45
C LEU A 1107 3.92 17.81 21.79
N LYS A 1108 2.66 17.69 22.18
CA LYS A 1108 2.27 18.05 23.54
C LYS A 1108 2.71 17.01 24.56
N ARG A 1109 2.90 15.76 24.13
CA ARG A 1109 3.37 14.73 25.03
C ARG A 1109 4.82 14.98 25.44
N LYS A 1110 5.70 15.22 24.45
CA LYS A 1110 7.08 15.58 24.77
C LYS A 1110 7.16 16.92 25.47
N GLU A 1111 6.23 17.84 25.19
CA GLU A 1111 6.22 19.12 25.87
C GLU A 1111 6.02 18.94 27.37
N TYR A 1112 5.10 18.06 27.76
CA TYR A 1112 4.83 17.80 29.17
C TYR A 1112 5.74 16.75 29.76
N GLU A 1113 6.16 15.77 28.96
CA GLU A 1113 7.03 14.71 29.46
C GLU A 1113 8.40 15.25 29.83
N HIS A 1114 9.02 16.01 28.94
CA HIS A 1114 10.36 16.54 29.21
C HIS A 1114 10.33 17.63 30.28
N SER A 1115 9.26 18.42 30.35
CA SER A 1115 9.20 19.50 31.34
C SER A 1115 9.14 18.96 32.75
N GLN A 1116 8.56 17.77 32.95
CA GLN A 1116 8.51 17.10 34.24
C GLN A 1116 7.72 17.86 35.29
N LEU A 1117 6.97 18.90 34.87
CA LEU A 1117 6.21 19.69 35.84
C LEU A 1117 5.20 18.84 36.59
N ALA A 1118 4.47 17.99 35.87
CA ALA A 1118 3.50 17.08 36.45
C ALA A 1118 3.71 15.70 35.87
N THR A 1119 4.09 14.75 36.72
CA THR A 1119 4.46 13.41 36.27
C THR A 1119 4.49 12.50 37.50
N PRO A 1120 4.47 11.17 37.31
CA PRO A 1120 4.42 10.42 36.05
C PRO A 1120 3.02 9.90 35.73
N GLU A 1121 2.17 9.80 36.74
CA GLU A 1121 0.86 9.19 36.53
C GLU A 1121 -0.01 10.04 35.61
N PHE A 1122 -0.02 11.35 35.80
CA PHE A 1122 -0.81 12.21 34.91
C PHE A 1122 -0.40 12.03 33.46
N LEU A 1123 0.89 11.74 33.20
CA LEU A 1123 1.32 11.48 31.83
C LEU A 1123 0.60 10.27 31.26
N GLU A 1124 0.49 9.19 32.03
CA GLU A 1124 -0.11 7.96 31.53
C GLU A 1124 -1.61 8.13 31.28
N THR A 1125 -2.28 8.96 32.07
CA THR A 1125 -3.70 9.23 31.80
C THR A 1125 -3.85 10.07 30.53
N VAL A 1126 -2.99 11.08 30.36
CA VAL A 1126 -2.99 11.86 29.13
C VAL A 1126 -2.56 10.99 27.96
N GLU A 1127 -1.60 10.09 28.18
CA GLU A 1127 -1.18 9.17 27.13
C GLU A 1127 -2.34 8.33 26.64
N LEU A 1128 -3.33 8.07 27.51
CA LEU A 1128 -4.51 7.31 27.12
C LEU A 1128 -5.53 8.20 26.41
N GLU A 1129 -5.86 9.36 27.01
CA GLU A 1129 -6.87 10.23 26.42
C GLU A 1129 -6.51 10.63 25.00
N GLU A 1130 -5.22 10.83 24.74
CA GLU A 1130 -4.78 11.07 23.36
C GLU A 1130 -5.13 9.87 22.48
N LYS A 1131 -4.78 8.66 22.94
CA LYS A 1131 -5.12 7.45 22.20
C LYS A 1131 -6.63 7.23 22.12
N VAL A 1132 -7.41 7.84 23.02
CA VAL A 1132 -8.86 7.76 22.93
C VAL A 1132 -9.43 8.85 22.02
N LEU A 1133 -8.76 10.01 21.95
CA LEU A 1133 -9.21 11.05 21.04
C LEU A 1133 -9.07 10.60 19.59
N ILE A 1134 -7.84 10.32 19.16
CA ILE A 1134 -7.62 9.83 17.79
C ILE A 1134 -8.44 8.58 17.53
N GLU A 1135 -8.82 7.85 18.58
CA GLU A 1135 -9.75 6.74 18.43
C GLU A 1135 -11.14 7.25 18.13
N TRP A 1136 -11.55 8.35 18.77
CA TRP A 1136 -12.83 8.97 18.47
C TRP A 1136 -12.83 9.60 17.08
N LEU A 1137 -11.75 10.29 16.73
CA LEU A 1137 -11.67 10.93 15.42
C LEU A 1137 -11.74 9.92 14.29
N THR A 1138 -11.13 8.74 14.47
CA THR A 1138 -11.11 7.73 13.42
C THR A 1138 -12.49 7.12 13.20
N VAL A 1139 -13.35 7.12 14.22
CA VAL A 1139 -14.70 6.61 14.04
C VAL A 1139 -15.53 7.56 13.21
N ARG A 1140 -15.40 8.87 13.46
CA ARG A 1140 -16.27 9.85 12.81
C ARG A 1140 -15.88 10.06 11.35
N ASN A 1141 -14.60 9.93 11.01
CA ASN A 1141 -14.18 10.08 9.62
C ASN A 1141 -14.33 8.79 8.83
N ARG A 1142 -14.42 7.64 9.50
CA ARG A 1142 -14.74 6.39 8.82
C ARG A 1142 -16.24 6.20 8.64
N ALA A 1143 -17.04 6.67 9.60
CA ALA A 1143 -18.49 6.71 9.39
C ALA A 1143 -18.85 7.66 8.26
N ASN A 1144 -18.30 8.88 8.31
CA ASN A 1144 -18.47 9.82 7.19
C ASN A 1144 -18.00 9.20 5.89
N LEU A 1145 -16.95 8.38 5.95
CA LEU A 1145 -16.44 7.70 4.77
C LEU A 1145 -17.32 6.53 4.36
N LEU A 1146 -18.13 6.00 5.28
CA LEU A 1146 -19.05 4.92 4.95
C LEU A 1146 -20.30 5.45 4.26
N LEU A 1147 -20.91 6.50 4.82
CA LEU A 1147 -22.09 7.10 4.21
C LEU A 1147 -21.82 7.54 2.78
N THR A 1148 -20.64 8.13 2.54
CA THR A 1148 -20.29 8.51 1.18
C THR A 1148 -20.21 7.30 0.26
N ALA A 1149 -19.81 6.15 0.80
CA ALA A 1149 -19.72 4.93 0.00
C ALA A 1149 -21.06 4.21 -0.09
N ARG A 1150 -21.91 4.36 0.94
CA ARG A 1150 -23.24 3.76 0.88
C ARG A 1150 -24.13 4.51 -0.09
N LEU A 1151 -24.14 5.84 -0.01
CA LEU A 1151 -24.89 6.65 -0.95
C LEU A 1151 -24.42 6.38 -2.38
N ASN A 1152 -23.11 6.37 -2.59
CA ASN A 1152 -22.56 6.09 -3.92
C ASN A 1152 -23.04 4.75 -4.45
N LEU A 1153 -23.30 3.79 -3.56
CA LEU A 1153 -23.80 2.48 -3.97
C LEU A 1153 -25.29 2.53 -4.27
N LEU A 1154 -26.05 3.25 -3.46
CA LEU A 1154 -27.48 3.41 -3.71
C LEU A 1154 -27.72 3.98 -5.11
N GLN A 1155 -26.89 4.93 -5.53
CA GLN A 1155 -27.03 5.48 -6.88
C GLN A 1155 -26.74 4.44 -7.95
N ALA A 1156 -25.92 3.45 -7.63
CA ALA A 1156 -25.64 2.39 -8.61
C ALA A 1156 -26.78 1.38 -8.66
N TRP A 1157 -27.28 0.96 -7.50
CA TRP A 1157 -28.43 0.07 -7.47
C TRP A 1157 -29.69 0.78 -8.00
N ALA A 1158 -29.89 2.02 -7.59
CA ALA A 1158 -31.01 2.81 -8.11
C ALA A 1158 -30.91 2.95 -9.63
N ASN A 1159 -29.85 3.61 -10.10
CA ASN A 1159 -29.67 3.82 -11.53
C ASN A 1159 -29.65 2.51 -12.30
N LEU A 1160 -29.35 1.38 -11.65
CA LEU A 1160 -29.42 0.10 -12.34
C LEU A 1160 -30.86 -0.27 -12.66
N LEU A 1161 -31.76 -0.14 -11.68
CA LEU A 1161 -33.16 -0.46 -11.91
C LEU A 1161 -33.76 0.43 -12.99
N LEU A 1162 -33.37 1.70 -13.03
CA LEU A 1162 -33.87 2.61 -14.06
C LEU A 1162 -33.52 2.10 -15.45
N VAL A 1163 -32.24 1.82 -15.70
CA VAL A 1163 -31.82 1.30 -16.99
C VAL A 1163 -32.50 -0.03 -17.29
N MET A 1164 -32.95 -0.73 -16.25
CA MET A 1164 -33.64 -2.00 -16.42
C MET A 1164 -35.13 -1.82 -16.67
N ILE A 1165 -35.72 -0.74 -16.18
CA ILE A 1165 -37.13 -0.46 -16.42
C ILE A 1165 -37.34 0.05 -17.85
N GLU A 1166 -36.50 0.99 -18.28
CA GLU A 1166 -36.73 1.65 -19.56
C GLU A 1166 -36.39 0.75 -20.74
N SER A 1167 -35.44 -0.16 -20.57
CA SER A 1167 -35.08 -1.07 -21.66
C SER A 1167 -36.14 -2.15 -21.83
N ASN A 1168 -36.55 -2.78 -20.74
CA ASN A 1168 -37.49 -3.90 -20.77
C ASN A 1168 -38.91 -3.38 -20.55
N ASP A 1169 -39.78 -3.61 -21.53
CA ASP A 1169 -41.18 -3.22 -21.40
C ASP A 1169 -41.93 -4.23 -20.55
N PHE A 1170 -42.80 -3.72 -19.66
CA PHE A 1170 -43.48 -4.51 -18.64
C PHE A 1170 -44.96 -4.62 -18.99
N LYS A 1171 -45.33 -5.76 -19.56
CA LYS A 1171 -46.73 -6.10 -19.82
C LYS A 1171 -47.09 -7.52 -19.37
N SER A 1172 -46.12 -8.40 -19.17
CA SER A 1172 -46.35 -9.80 -18.85
C SER A 1172 -46.28 -10.03 -17.35
N THR A 1173 -46.93 -11.10 -16.90
CA THR A 1173 -46.95 -11.43 -15.48
C THR A 1173 -45.57 -11.62 -14.89
N PRO A 1174 -44.66 -12.40 -15.49
CA PRO A 1174 -43.33 -12.55 -14.88
C PRO A 1174 -42.59 -11.23 -14.74
N LYS A 1175 -42.80 -10.29 -15.67
CA LYS A 1175 -42.25 -8.95 -15.52
C LYS A 1175 -43.09 -8.13 -14.54
N MET A 1176 -44.41 -8.18 -14.70
CA MET A 1176 -45.32 -7.53 -13.75
C MET A 1176 -45.05 -8.01 -12.33
N ALA A 1177 -44.51 -9.23 -12.18
CA ALA A 1177 -44.12 -9.73 -10.88
C ALA A 1177 -42.75 -9.22 -10.46
N PHE A 1178 -41.90 -8.86 -11.43
CA PHE A 1178 -40.58 -8.32 -11.10
C PHE A 1178 -40.70 -6.93 -10.49
N LEU A 1179 -41.40 -6.01 -11.16
CA LEU A 1179 -41.51 -4.65 -10.66
C LEU A 1179 -42.25 -4.61 -9.32
N LEU A 1180 -43.18 -5.53 -9.10
CA LEU A 1180 -43.78 -5.64 -7.77
C LEU A 1180 -42.74 -6.03 -6.74
N GLN A 1181 -41.82 -6.93 -7.11
CA GLN A 1181 -40.74 -7.30 -6.21
C GLN A 1181 -39.85 -6.10 -5.91
N ALA A 1182 -39.59 -5.27 -6.92
CA ALA A 1182 -38.80 -4.06 -6.72
C ALA A 1182 -39.52 -3.10 -5.79
N LEU A 1183 -40.79 -2.81 -6.09
CA LEU A 1183 -41.58 -1.93 -5.24
C LEU A 1183 -41.69 -2.49 -3.82
N GLN A 1184 -41.59 -3.82 -3.68
CA GLN A 1184 -41.66 -4.43 -2.35
C GLN A 1184 -40.42 -4.15 -1.52
N ALA A 1185 -39.31 -3.75 -2.15
CA ALA A 1185 -38.04 -3.57 -1.46
C ALA A 1185 -37.71 -2.11 -1.17
N ILE A 1186 -38.10 -1.19 -2.06
CA ILE A 1186 -37.79 0.22 -1.86
C ILE A 1186 -38.77 0.90 -0.92
N LEU A 1187 -39.99 0.38 -0.77
CA LEU A 1187 -41.00 1.06 0.04
C LEU A 1187 -40.70 0.95 1.52
N PRO A 1188 -40.40 -0.21 2.08
CA PRO A 1188 -40.04 -0.26 3.51
C PRO A 1188 -38.93 0.69 3.88
N THR A 1189 -38.03 0.99 2.93
CA THR A 1189 -36.93 1.90 3.19
C THR A 1189 -37.35 3.35 3.00
N LEU A 1190 -37.87 3.68 1.81
CA LEU A 1190 -38.28 5.05 1.53
C LEU A 1190 -39.34 5.52 2.53
N GLU A 1191 -40.29 4.66 2.87
CA GLU A 1191 -41.28 5.00 3.88
C GLU A 1191 -40.62 5.26 5.23
N ALA A 1192 -39.54 4.54 5.53
CA ALA A 1192 -38.97 4.58 6.87
C ALA A 1192 -38.29 5.91 7.18
N PHE A 1193 -37.72 6.57 6.16
CA PHE A 1193 -36.93 7.77 6.42
C PHE A 1193 -37.17 8.88 5.41
N SER A 1194 -38.32 8.91 4.75
CA SER A 1194 -38.68 10.09 3.97
C SER A 1194 -38.71 11.35 4.83
N SER A 1195 -38.68 11.20 6.16
CA SER A 1195 -38.60 12.32 7.09
C SER A 1195 -37.18 12.62 7.54
N LEU A 1196 -36.31 11.61 7.61
CA LEU A 1196 -34.97 11.80 8.16
C LEU A 1196 -34.12 12.73 7.30
N LYS A 1197 -33.65 12.24 6.15
CA LYS A 1197 -32.87 13.10 5.26
C LYS A 1197 -33.10 12.67 3.81
N SER A 1198 -32.78 13.61 2.90
CA SER A 1198 -33.23 13.57 1.52
C SER A 1198 -32.31 12.82 0.57
N ASP A 1199 -30.99 12.88 0.79
CA ASP A 1199 -30.04 12.45 -0.25
C ASP A 1199 -30.31 11.02 -0.70
N GLU A 1200 -30.60 10.11 0.24
CA GLU A 1200 -30.94 8.75 -0.15
C GLU A 1200 -32.40 8.64 -0.57
N ALA A 1201 -33.29 9.37 0.11
CA ALA A 1201 -34.70 9.36 -0.26
C ALA A 1201 -34.93 9.84 -1.68
N PHE A 1202 -34.02 10.65 -2.24
CA PHE A 1202 -34.17 11.10 -3.62
C PHE A 1202 -33.97 9.96 -4.59
N GLU A 1203 -32.94 9.13 -4.38
CA GLU A 1203 -32.67 8.04 -5.30
C GLU A 1203 -33.77 6.99 -5.26
N LEU A 1204 -34.31 6.71 -4.07
CA LEU A 1204 -35.38 5.72 -3.94
C LEU A 1204 -36.70 6.28 -4.46
N ALA A 1205 -37.00 7.55 -4.17
CA ALA A 1205 -38.21 8.15 -4.72
C ALA A 1205 -38.15 8.29 -6.23
N ARG A 1206 -36.95 8.20 -6.82
CA ARG A 1206 -36.79 8.35 -8.27
C ARG A 1206 -37.05 7.04 -9.00
N VAL A 1207 -36.72 5.90 -8.39
CA VAL A 1207 -37.08 4.63 -9.01
C VAL A 1207 -38.57 4.39 -8.87
N ALA A 1208 -39.19 4.88 -7.78
CA ALA A 1208 -40.63 4.74 -7.62
C ALA A 1208 -41.39 5.54 -8.69
N LYS A 1209 -40.91 6.74 -9.00
CA LYS A 1209 -41.54 7.54 -10.05
C LYS A 1209 -41.44 6.83 -11.40
N VAL A 1210 -40.20 6.62 -11.88
CA VAL A 1210 -39.99 5.96 -13.18
C VAL A 1210 -40.73 4.64 -13.23
N LEU A 1211 -40.83 3.94 -12.10
CA LEU A 1211 -41.58 2.70 -12.05
C LEU A 1211 -43.06 2.96 -12.28
N LEU A 1212 -43.63 3.91 -11.53
CA LEU A 1212 -45.07 4.20 -11.62
C LEU A 1212 -45.46 4.65 -13.02
N TRP A 1213 -44.60 5.43 -13.68
CA TRP A 1213 -44.88 5.89 -15.04
C TRP A 1213 -44.62 4.83 -16.10
N LYS A 1214 -44.27 3.60 -15.69
CA LYS A 1214 -44.09 2.50 -16.63
C LYS A 1214 -45.26 1.52 -16.63
N LEU A 1215 -46.07 1.50 -15.57
CA LEU A 1215 -47.33 0.76 -15.57
C LEU A 1215 -48.34 1.55 -16.40
N ASP A 1216 -48.07 1.61 -17.71
CA ASP A 1216 -48.84 2.47 -18.61
C ASP A 1216 -50.32 2.10 -18.67
N PHE A 1217 -50.71 0.94 -18.14
CA PHE A 1217 -52.10 0.52 -18.12
C PHE A 1217 -52.71 0.54 -19.52
N GLY A 1224 -59.03 -9.94 -21.08
CA GLY A 1224 -58.06 -10.99 -21.35
C GLY A 1224 -56.92 -10.99 -20.34
N LEU A 1225 -57.07 -11.81 -19.30
CA LEU A 1225 -56.06 -11.91 -18.24
C LEU A 1225 -56.10 -13.32 -17.68
N ASP A 1226 -55.09 -13.63 -16.87
CA ASP A 1226 -55.02 -14.88 -16.13
C ASP A 1226 -55.31 -14.64 -14.66
N ARG A 1227 -55.64 -15.72 -13.94
CA ARG A 1227 -56.01 -15.60 -12.54
C ARG A 1227 -54.80 -15.26 -11.67
N GLU A 1228 -53.59 -15.43 -12.17
CA GLU A 1228 -52.38 -15.09 -11.43
C GLU A 1228 -51.98 -13.63 -11.62
N GLN A 1229 -52.15 -13.10 -12.83
CA GLN A 1229 -51.81 -11.70 -13.09
C GLN A 1229 -52.69 -10.75 -12.29
N PHE A 1230 -53.92 -11.16 -11.99
CA PHE A 1230 -54.79 -10.31 -11.17
C PHE A 1230 -54.26 -10.21 -9.75
N THR A 1231 -53.90 -11.34 -9.15
CA THR A 1231 -53.34 -11.30 -7.80
C THR A 1231 -52.04 -10.52 -7.76
N VAL A 1232 -51.32 -10.44 -8.88
CA VAL A 1232 -50.13 -9.61 -8.96
C VAL A 1232 -50.51 -8.14 -8.91
N GLY A 1233 -51.35 -7.70 -9.85
CA GLY A 1233 -51.74 -6.30 -9.91
C GLY A 1233 -52.43 -5.84 -8.64
N ASN A 1234 -53.16 -6.73 -7.96
CA ASN A 1234 -53.82 -6.35 -6.72
C ASN A 1234 -52.80 -6.07 -5.62
N LEU A 1235 -51.65 -6.77 -5.63
CA LEU A 1235 -50.57 -6.47 -4.70
C LEU A 1235 -49.78 -5.24 -5.12
N ILE A 1236 -49.83 -4.85 -6.40
CA ILE A 1236 -49.17 -3.63 -6.85
C ILE A 1236 -49.98 -2.41 -6.45
N GLY A 1237 -51.29 -2.45 -6.70
CA GLY A 1237 -52.16 -1.38 -6.24
C GLY A 1237 -52.12 -1.21 -4.74
N ASP A 1238 -51.85 -2.28 -4.02
CA ASP A 1238 -51.70 -2.19 -2.56
C ASP A 1238 -50.46 -1.39 -2.20
N LYS A 1239 -49.31 -1.74 -2.76
CA LYS A 1239 -48.08 -1.00 -2.48
C LYS A 1239 -48.17 0.42 -2.98
N LEU A 1240 -48.74 0.63 -4.16
CA LEU A 1240 -48.84 1.98 -4.72
C LEU A 1240 -49.68 2.90 -3.84
N PHE A 1241 -50.59 2.33 -3.04
CA PHE A 1241 -51.37 3.16 -2.13
C PHE A 1241 -50.50 3.64 -0.97
N GLN A 1242 -49.91 2.70 -0.23
CA GLN A 1242 -49.04 3.08 0.88
C GLN A 1242 -47.84 3.89 0.40
N LEU A 1243 -47.52 3.83 -0.90
CA LEU A 1243 -46.58 4.80 -1.47
C LEU A 1243 -47.22 6.18 -1.56
N PHE A 1244 -48.44 6.24 -2.11
CA PHE A 1244 -49.15 7.52 -2.18
C PHE A 1244 -49.33 8.13 -0.79
N GLN A 1245 -49.53 7.30 0.23
CA GLN A 1245 -49.68 7.81 1.59
C GLN A 1245 -48.41 8.46 2.08
N LEU A 1246 -47.28 7.73 2.03
CA LEU A 1246 -46.03 8.27 2.53
C LEU A 1246 -45.60 9.51 1.77
N CYS A 1247 -45.89 9.56 0.46
CA CYS A 1247 -45.62 10.77 -0.30
C CYS A 1247 -46.45 11.94 0.21
N LEU A 1248 -47.68 11.68 0.67
CA LEU A 1248 -48.50 12.75 1.22
C LEU A 1248 -47.96 13.22 2.56
N SER A 1249 -47.58 12.28 3.44
CA SER A 1249 -47.04 12.67 4.73
C SER A 1249 -45.68 13.34 4.58
N ALA A 1250 -44.87 12.90 3.61
CA ALA A 1250 -43.58 13.53 3.37
C ALA A 1250 -43.74 14.98 2.92
N ILE A 1251 -44.69 15.24 2.02
CA ILE A 1251 -44.94 16.59 1.56
C ILE A 1251 -45.41 17.47 2.71
N SER A 1252 -46.41 17.01 3.45
CA SER A 1252 -47.01 17.81 4.52
C SER A 1252 -45.97 18.27 5.54
N GLN A 1253 -44.92 17.46 5.75
CA GLN A 1253 -43.86 17.85 6.67
C GLN A 1253 -42.85 18.79 6.03
N CYS A 1254 -42.76 18.80 4.70
CA CYS A 1254 -41.77 19.61 4.00
C CYS A 1254 -40.35 19.18 4.40
N SER A 1255 -40.14 17.86 4.44
CA SER A 1255 -38.94 17.31 5.05
C SER A 1255 -37.73 17.41 4.12
N GLY A 1256 -37.94 17.23 2.81
CA GLY A 1256 -36.85 17.22 1.86
C GLY A 1256 -36.71 18.52 1.11
N THR A 1257 -35.63 18.61 0.34
CA THR A 1257 -35.40 19.76 -0.50
C THR A 1257 -36.45 19.82 -1.61
N PRO A 1258 -36.63 20.99 -2.22
CA PRO A 1258 -37.61 21.10 -3.32
C PRO A 1258 -37.40 20.07 -4.41
N GLU A 1259 -36.15 19.71 -4.70
CA GLU A 1259 -35.90 18.74 -5.76
C GLU A 1259 -36.47 17.37 -5.42
N LEU A 1260 -36.63 17.06 -4.13
CA LEU A 1260 -37.24 15.81 -3.72
C LEU A 1260 -38.76 15.88 -3.77
N ARG A 1261 -39.33 16.96 -3.24
CA ARG A 1261 -40.78 17.10 -3.28
C ARG A 1261 -41.29 17.26 -4.71
N SER A 1262 -40.47 17.84 -5.60
CA SER A 1262 -40.80 17.81 -7.02
C SER A 1262 -41.01 16.38 -7.49
N LEU A 1263 -40.28 15.44 -6.89
CA LEU A 1263 -40.45 14.02 -7.19
C LEU A 1263 -41.68 13.45 -6.50
N TYR A 1264 -42.04 13.98 -5.32
CA TYR A 1264 -43.26 13.55 -4.66
C TYR A 1264 -44.50 13.99 -5.44
N TYR A 1265 -44.45 15.19 -6.04
CA TYR A 1265 -45.61 15.69 -6.75
C TYR A 1265 -45.87 14.91 -8.03
N SER A 1266 -44.82 14.43 -8.69
CA SER A 1266 -45.01 13.62 -9.88
C SER A 1266 -45.62 12.27 -9.55
N ILE A 1267 -45.37 11.76 -8.35
CA ILE A 1267 -45.93 10.47 -7.94
C ILE A 1267 -47.42 10.62 -7.62
N CYS A 1268 -47.78 11.67 -6.88
CA CYS A 1268 -49.18 11.91 -6.58
C CYS A 1268 -49.98 12.24 -7.83
N TYR A 1269 -49.40 13.07 -8.71
CA TYR A 1269 -50.11 13.48 -9.92
C TYR A 1269 -50.56 12.29 -10.74
N ARG A 1270 -49.66 11.31 -10.93
CA ARG A 1270 -50.01 10.16 -11.75
C ARG A 1270 -50.96 9.21 -11.02
N TYR A 1271 -50.82 9.08 -9.70
CA TYR A 1271 -51.76 8.24 -8.95
C TYR A 1271 -53.17 8.81 -9.02
N LEU A 1272 -53.30 10.13 -9.12
CA LEU A 1272 -54.61 10.75 -9.28
C LEU A 1272 -55.05 10.79 -10.73
N THR A 1273 -54.10 10.78 -11.67
CA THR A 1273 -54.45 10.87 -13.09
C THR A 1273 -54.85 9.50 -13.65
N ALA A 1274 -53.95 8.52 -13.59
CA ALA A 1274 -54.15 7.25 -14.26
C ALA A 1274 -54.84 6.21 -13.38
N VAL A 1275 -54.42 6.09 -12.11
CA VAL A 1275 -54.88 4.99 -11.28
C VAL A 1275 -56.36 5.15 -10.94
N VAL A 1276 -56.70 6.20 -10.19
CA VAL A 1276 -58.07 6.38 -9.73
C VAL A 1276 -59.01 6.58 -10.91
N ASP A 1277 -58.58 7.36 -11.91
CA ASP A 1277 -59.38 7.60 -13.10
C ASP A 1277 -58.94 6.68 -14.23
N THR A 1294 -67.88 -0.43 -11.83
CA THR A 1294 -68.09 0.87 -12.45
C THR A 1294 -68.14 1.96 -11.38
N ARG A 1295 -69.08 1.83 -10.43
CA ARG A 1295 -69.16 2.75 -9.31
C ARG A 1295 -68.07 2.51 -8.27
N SER A 1296 -67.21 1.50 -8.47
CA SER A 1296 -66.08 1.28 -7.59
C SER A 1296 -64.97 2.29 -7.82
N VAL A 1297 -65.04 3.08 -8.89
CA VAL A 1297 -64.06 4.13 -9.11
C VAL A 1297 -64.46 5.42 -8.37
N THR A 1298 -65.76 5.70 -8.27
CA THR A 1298 -66.21 6.84 -7.48
C THR A 1298 -65.90 6.63 -6.00
N ASN A 1299 -65.89 5.38 -5.55
CA ASN A 1299 -65.42 5.08 -4.19
C ASN A 1299 -63.95 5.39 -4.06
N ALA A 1300 -63.13 4.94 -5.03
CA ALA A 1300 -61.70 5.22 -5.00
C ALA A 1300 -61.43 6.72 -4.98
N ARG A 1301 -62.26 7.50 -5.69
CA ARG A 1301 -62.13 8.95 -5.62
C ARG A 1301 -62.42 9.45 -4.21
N ALA A 1302 -63.41 8.87 -3.54
CA ALA A 1302 -63.77 9.32 -2.21
C ALA A 1302 -62.67 8.99 -1.20
N ARG A 1303 -62.12 7.78 -1.25
CA ARG A 1303 -61.06 7.40 -0.32
C ARG A 1303 -59.81 8.23 -0.56
N THR A 1304 -59.42 8.39 -1.83
CA THR A 1304 -58.23 9.18 -2.15
C THR A 1304 -58.44 10.64 -1.77
N LEU A 1305 -59.64 11.19 -2.01
CA LEU A 1305 -59.91 12.58 -1.68
C LEU A 1305 -59.81 12.81 -0.18
N LYS A 1306 -60.58 12.04 0.60
CA LYS A 1306 -60.61 12.25 2.04
C LYS A 1306 -59.26 11.98 2.69
N ALA A 1307 -58.36 11.30 1.98
CA ALA A 1307 -57.01 11.10 2.49
C ALA A 1307 -56.14 12.34 2.30
N ILE A 1308 -56.35 13.06 1.20
CA ILE A 1308 -55.61 14.29 0.96
C ILE A 1308 -56.05 15.38 1.94
N THR A 1309 -57.34 15.70 1.95
CA THR A 1309 -57.87 16.75 2.79
C THR A 1309 -57.82 16.40 4.27
N LEU A 1310 -57.36 15.20 4.63
CA LEU A 1310 -57.25 14.84 6.04
C LEU A 1310 -56.12 15.59 6.72
N TYR A 1311 -55.08 15.97 5.96
CA TYR A 1311 -53.94 16.68 6.50
C TYR A 1311 -54.20 18.16 6.71
N GLY A 1312 -55.43 18.63 6.46
CA GLY A 1312 -55.74 20.03 6.67
C GLY A 1312 -55.01 20.93 5.69
N ASP A 1313 -54.90 22.20 6.08
CA ASP A 1313 -54.22 23.18 5.25
C ASP A 1313 -52.71 22.99 5.23
N ARG A 1314 -52.17 22.12 6.09
CA ARG A 1314 -50.72 21.92 6.13
C ARG A 1314 -50.22 21.35 4.81
N LEU A 1315 -50.89 20.31 4.30
CA LEU A 1315 -50.47 19.71 3.04
C LEU A 1315 -50.58 20.70 1.89
N LEU A 1316 -51.59 21.58 1.92
CA LEU A 1316 -51.76 22.54 0.84
C LEU A 1316 -50.76 23.68 0.92
N ASN A 1317 -50.41 24.11 2.13
CA ASN A 1317 -49.41 25.17 2.29
C ASN A 1317 -48.10 24.81 1.60
N VAL A 1318 -47.70 23.54 1.69
CA VAL A 1318 -46.42 23.12 1.12
C VAL A 1318 -46.47 23.18 -0.41
N ILE A 1319 -47.54 22.62 -1.00
CA ILE A 1319 -47.63 22.59 -2.45
C ILE A 1319 -47.79 24.00 -3.02
N CYS A 1320 -48.42 24.90 -2.26
CA CYS A 1320 -48.69 26.25 -2.77
C CYS A 1320 -47.41 27.06 -2.88
N ASP A 1321 -46.74 27.32 -1.74
CA ASP A 1321 -45.53 28.12 -1.78
C ASP A 1321 -44.41 27.46 -2.57
N ASP A 1322 -44.54 26.18 -2.90
CA ASP A 1322 -43.62 25.55 -3.85
C ASP A 1322 -43.90 26.01 -5.27
N ALA A 1323 -45.16 26.33 -5.59
CA ALA A 1323 -45.51 26.84 -6.91
C ALA A 1323 -44.92 28.21 -7.18
N TYR A 1324 -44.28 28.84 -6.18
CA TYR A 1324 -43.60 30.12 -6.34
C TYR A 1324 -42.26 30.03 -5.61
N GLY A 1325 -41.36 29.21 -6.17
CA GLY A 1325 -40.04 29.04 -5.61
C GLY A 1325 -38.98 29.17 -6.69
N SER A 1326 -37.73 29.30 -6.24
CA SER A 1326 -36.62 29.44 -7.17
C SER A 1326 -36.48 28.20 -8.06
N ASP A 1327 -36.82 27.02 -7.54
CA ASP A 1327 -36.74 25.80 -8.32
C ASP A 1327 -37.80 25.82 -9.42
N THR A 1328 -37.36 25.83 -10.67
CA THR A 1328 -38.30 25.87 -11.80
C THR A 1328 -39.01 24.53 -11.98
N THR A 1329 -38.29 23.43 -11.76
CA THR A 1329 -38.90 22.11 -11.91
C THR A 1329 -39.89 21.82 -10.79
N CYS A 1330 -39.68 22.39 -9.59
CA CYS A 1330 -40.59 22.15 -8.49
C CYS A 1330 -41.91 22.87 -8.70
N GLN A 1331 -41.85 24.18 -8.96
CA GLN A 1331 -43.08 24.96 -9.11
C GLN A 1331 -43.93 24.44 -10.26
N THR A 1332 -43.31 23.83 -11.27
CA THR A 1332 -44.06 23.22 -12.35
C THR A 1332 -44.83 22.00 -11.85
N ALA A 1333 -44.13 21.10 -11.15
CA ALA A 1333 -44.79 19.91 -10.62
C ALA A 1333 -45.79 20.27 -9.52
N ALA A 1334 -45.50 21.32 -8.75
CA ALA A 1334 -46.43 21.75 -7.71
C ALA A 1334 -47.71 22.30 -8.30
N MET A 1335 -47.59 23.13 -9.36
CA MET A 1335 -48.77 23.69 -10.00
C MET A 1335 -49.58 22.62 -10.73
N ILE A 1336 -48.90 21.60 -11.27
CA ILE A 1336 -49.61 20.53 -11.97
C ILE A 1336 -50.33 19.64 -10.97
N LEU A 1337 -49.73 19.41 -9.79
CA LEU A 1337 -50.37 18.56 -8.79
C LEU A 1337 -51.66 19.20 -8.29
N LEU A 1338 -51.65 20.50 -8.05
CA LEU A 1338 -52.86 21.19 -7.63
C LEU A 1338 -53.96 21.04 -8.67
N ASN A 1339 -53.61 21.16 -9.95
CA ASN A 1339 -54.58 21.02 -11.03
C ASN A 1339 -55.30 19.68 -10.96
N ALA A 1340 -54.61 18.63 -10.49
CA ALA A 1340 -55.24 17.31 -10.38
C ALA A 1340 -55.99 17.16 -9.07
N LEU A 1341 -55.58 17.88 -8.02
CA LEU A 1341 -56.28 17.80 -6.73
C LEU A 1341 -57.70 18.34 -6.85
N VAL A 1342 -57.85 19.51 -7.46
CA VAL A 1342 -59.18 20.08 -7.65
C VAL A 1342 -60.01 19.24 -8.62
N HIS A 1343 -59.34 18.58 -9.57
CA HIS A 1343 -60.07 17.81 -10.58
C HIS A 1343 -60.72 16.57 -9.99
N THR A 1344 -60.05 15.92 -9.04
CA THR A 1344 -60.56 14.70 -8.45
C THR A 1344 -61.54 14.94 -7.30
N SER A 1345 -61.53 16.13 -6.72
CA SER A 1345 -62.54 16.46 -5.71
C SER A 1345 -63.89 16.77 -6.35
N ARG A 1346 -63.88 17.32 -7.57
CA ARG A 1346 -65.14 17.56 -8.27
C ARG A 1346 -65.73 16.25 -8.78
N ALA A 1347 -64.89 15.39 -9.37
CA ALA A 1347 -65.36 14.07 -9.78
C ALA A 1347 -65.94 13.30 -8.60
N SER A 1348 -65.49 13.60 -7.38
CA SER A 1348 -66.05 12.99 -6.18
C SER A 1348 -67.40 13.61 -5.82
N SER A 1349 -67.51 14.93 -5.92
CA SER A 1349 -68.75 15.63 -5.59
C SER A 1349 -69.73 15.56 -6.76
N PRO A 1355 -74.84 20.20 -10.69
CA PRO A 1355 -74.13 19.65 -11.85
C PRO A 1355 -72.64 20.02 -11.85
N ALA A 1356 -72.29 21.15 -12.48
CA ALA A 1356 -70.91 21.61 -12.51
C ALA A 1356 -70.61 22.67 -11.47
N ASP A 1357 -71.64 23.30 -10.89
CA ASP A 1357 -71.47 24.29 -9.83
C ASP A 1357 -71.72 23.59 -8.50
N VAL A 1358 -70.67 23.47 -7.69
CA VAL A 1358 -70.75 22.81 -6.39
C VAL A 1358 -69.88 23.56 -5.39
N ASP A 1359 -69.64 22.95 -4.24
CA ASP A 1359 -68.81 23.54 -3.19
C ASP A 1359 -67.65 22.58 -2.91
N CYS A 1360 -66.43 22.99 -3.31
CA CYS A 1360 -65.22 22.19 -3.15
C CYS A 1360 -64.47 22.61 -1.89
N PRO A 1361 -63.90 21.66 -1.13
CA PRO A 1361 -63.13 22.06 0.06
C PRO A 1361 -61.73 22.53 -0.30
N ILE A 1362 -61.17 21.98 -1.37
CA ILE A 1362 -59.83 22.35 -1.80
C ILE A 1362 -59.80 23.81 -2.25
N ILE A 1363 -60.75 24.20 -3.11
CA ILE A 1363 -60.78 25.56 -3.62
C ILE A 1363 -61.02 26.56 -2.48
N ASP A 1364 -61.86 26.17 -1.51
CA ASP A 1364 -62.07 27.04 -0.35
C ASP A 1364 -60.78 27.18 0.46
N ALA A 1365 -59.97 26.12 0.50
CA ALA A 1365 -58.69 26.20 1.21
C ALA A 1365 -57.72 27.11 0.49
N LEU A 1366 -57.63 26.99 -0.83
CA LEU A 1366 -56.69 27.82 -1.60
C LEU A 1366 -57.00 29.30 -1.44
N ASN A 1367 -58.29 29.67 -1.53
CA ASN A 1367 -58.67 31.06 -1.28
C ASN A 1367 -58.27 31.49 0.12
N ARG A 1368 -58.31 30.57 1.09
CA ARG A 1368 -57.94 30.90 2.46
C ARG A 1368 -56.43 31.09 2.60
N LEU A 1369 -55.65 30.20 1.99
CA LEU A 1369 -54.21 30.32 1.99
C LEU A 1369 -53.72 31.43 1.07
N ASN A 1370 -54.64 32.21 0.50
CA ASN A 1370 -54.32 33.33 -0.37
C ASN A 1370 -53.63 32.91 -1.66
N PHE A 1371 -53.71 31.61 -2.00
CA PHE A 1371 -53.07 31.12 -3.21
C PHE A 1371 -53.71 31.72 -4.45
N ILE A 1372 -55.03 31.72 -4.52
CA ILE A 1372 -55.74 32.28 -5.67
C ILE A 1372 -55.44 33.76 -5.80
N GLY A 1373 -55.23 34.45 -4.69
CA GLY A 1373 -54.85 35.85 -4.72
C GLY A 1373 -53.53 36.07 -5.43
N VAL A 1374 -52.46 35.43 -4.94
CA VAL A 1374 -51.16 35.56 -5.59
C VAL A 1374 -51.14 34.87 -6.94
N LEU A 1375 -52.13 34.01 -7.21
CA LEU A 1375 -52.22 33.37 -8.53
C LEU A 1375 -52.68 34.36 -9.58
N VAL A 1376 -53.83 34.99 -9.36
CA VAL A 1376 -54.34 35.98 -10.30
C VAL A 1376 -53.36 37.15 -10.43
N ASP A 1377 -52.71 37.51 -9.32
CA ASP A 1377 -51.77 38.62 -9.33
C ASP A 1377 -50.47 38.27 -10.05
N SER A 1378 -50.12 36.98 -10.12
CA SER A 1378 -48.98 36.54 -10.90
C SER A 1378 -49.28 36.50 -12.39
N LEU A 1379 -50.50 36.87 -12.79
CA LEU A 1379 -50.89 36.88 -14.19
C LEU A 1379 -50.48 38.16 -14.91
N LYS A 1380 -49.94 39.15 -14.20
CA LYS A 1380 -49.57 40.41 -14.82
C LYS A 1380 -48.39 40.23 -15.76
N GLU A 1381 -47.35 39.51 -15.32
CA GLU A 1381 -46.19 39.23 -16.16
C GLU A 1381 -46.40 37.98 -17.03
N ILE A 1382 -47.63 37.73 -17.48
CA ILE A 1382 -47.90 36.53 -18.26
C ILE A 1382 -47.13 36.55 -19.57
N LEU A 1383 -46.99 37.74 -20.17
CA LEU A 1383 -46.24 37.85 -21.42
C LEU A 1383 -44.74 37.84 -21.18
N ASN A 1384 -44.29 38.27 -20.00
CA ASN A 1384 -42.87 38.21 -19.68
C ASN A 1384 -42.41 36.76 -19.51
N GLU A 1385 -43.17 35.97 -18.75
CA GLU A 1385 -42.83 34.56 -18.59
C GLU A 1385 -43.07 33.79 -19.88
N TRP A 1386 -44.16 34.11 -20.59
CA TRP A 1386 -44.46 33.50 -21.88
C TRP A 1386 -43.85 34.38 -22.97
N LEU A 1387 -42.53 34.27 -23.11
CA LEU A 1387 -41.79 35.05 -24.10
C LEU A 1387 -40.94 34.14 -24.97
N ALA A 1409 -42.60 25.59 -25.56
CA ALA A 1409 -41.69 24.52 -25.15
C ALA A 1409 -40.73 25.00 -24.07
N SER A 1410 -40.64 26.32 -23.89
CA SER A 1410 -39.77 26.87 -22.87
C SER A 1410 -40.17 26.35 -21.49
N PRO A 1411 -39.21 26.18 -20.57
CA PRO A 1411 -39.58 25.68 -19.24
C PRO A 1411 -40.57 26.59 -18.52
N SER A 1412 -40.30 27.89 -18.48
CA SER A 1412 -41.27 28.83 -17.93
C SER A 1412 -42.55 28.87 -18.74
N GLN A 1413 -42.54 28.34 -19.97
CA GLN A 1413 -43.78 28.28 -20.76
C GLN A 1413 -44.71 27.21 -20.24
N GLN A 1414 -44.19 26.02 -19.92
CA GLN A 1414 -45.06 24.94 -19.46
C GLN A 1414 -45.55 25.19 -18.04
N TYR A 1415 -44.77 25.87 -17.21
CA TYR A 1415 -45.21 26.19 -15.86
C TYR A 1415 -46.40 27.14 -15.88
N THR A 1416 -46.37 28.15 -16.75
CA THR A 1416 -47.52 29.02 -16.90
C THR A 1416 -48.69 28.32 -17.58
N SER A 1417 -48.40 27.39 -18.51
CA SER A 1417 -49.46 26.61 -19.12
C SER A 1417 -50.18 25.76 -18.08
N ALA A 1418 -49.47 25.28 -17.06
CA ALA A 1418 -50.11 24.60 -15.95
C ALA A 1418 -50.80 25.59 -15.01
N LYS A 1419 -50.33 26.83 -14.98
CA LYS A 1419 -50.97 27.85 -14.16
C LYS A 1419 -52.33 28.25 -14.73
N LEU A 1420 -52.39 28.47 -16.04
CA LEU A 1420 -53.66 28.85 -16.66
C LEU A 1420 -54.63 27.68 -16.71
N ALA A 1421 -54.12 26.45 -16.81
CA ALA A 1421 -54.99 25.28 -16.74
C ALA A 1421 -55.64 25.17 -15.37
N LEU A 1422 -54.96 25.66 -14.32
CA LEU A 1422 -55.55 25.66 -12.99
C LEU A 1422 -56.60 26.77 -12.83
N LEU A 1423 -56.28 27.98 -13.33
CA LEU A 1423 -57.26 29.07 -13.28
C LEU A 1423 -58.56 28.66 -13.95
N LEU A 1424 -58.46 27.99 -15.11
CA LEU A 1424 -59.67 27.52 -15.78
C LEU A 1424 -60.42 26.51 -14.94
N GLN A 1425 -59.70 25.56 -14.32
CA GLN A 1425 -60.33 24.59 -13.45
C GLN A 1425 -61.12 25.26 -12.34
N LEU A 1426 -60.57 26.33 -11.75
CA LEU A 1426 -61.27 27.03 -10.68
C LEU A 1426 -62.54 27.68 -11.19
N CYS A 1427 -62.45 28.43 -12.30
CA CYS A 1427 -63.59 29.18 -12.81
C CYS A 1427 -64.72 28.29 -13.31
N GLN A 1428 -64.59 26.97 -13.27
CA GLN A 1428 -65.69 26.10 -13.67
C GLN A 1428 -66.80 26.13 -12.64
N THR A 1429 -66.46 26.02 -11.35
CA THR A 1429 -67.45 26.05 -10.29
C THR A 1429 -67.86 27.48 -9.97
N ARG A 1430 -68.90 27.62 -9.14
CA ARG A 1430 -69.38 28.95 -8.77
C ARG A 1430 -68.41 29.62 -7.79
N GLN A 1431 -68.12 28.93 -6.67
CA GLN A 1431 -67.21 29.52 -5.68
C GLN A 1431 -65.83 29.75 -6.27
N GLY A 1432 -65.38 28.87 -7.18
CA GLY A 1432 -64.08 29.06 -7.80
C GLY A 1432 -64.02 30.31 -8.65
N ALA A 1433 -65.05 30.52 -9.48
CA ALA A 1433 -65.10 31.74 -10.30
C ALA A 1433 -65.23 32.98 -9.43
N LYS A 1434 -65.85 32.85 -8.25
CA LYS A 1434 -65.94 33.98 -7.32
C LYS A 1434 -64.56 34.35 -6.79
N TYR A 1435 -63.88 33.41 -6.15
CA TYR A 1435 -62.57 33.69 -5.57
C TYR A 1435 -61.59 34.21 -6.61
N VAL A 1436 -61.70 33.74 -7.86
CA VAL A 1436 -60.83 34.23 -8.92
C VAL A 1436 -61.12 35.70 -9.21
N LEU A 1437 -62.40 36.04 -9.41
CA LEU A 1437 -62.75 37.40 -9.79
C LEU A 1437 -62.62 38.36 -8.62
N GLN A 1438 -62.92 37.91 -7.40
CA GLN A 1438 -62.79 38.77 -6.23
C GLN A 1438 -61.37 39.28 -6.05
N ALA A 1439 -60.38 38.58 -6.60
CA ALA A 1439 -58.99 39.01 -6.57
C ALA A 1439 -58.62 39.90 -7.75
N ASN A 1440 -59.62 40.55 -8.38
CA ASN A 1440 -59.40 41.43 -9.51
C ASN A 1440 -58.72 40.68 -10.66
N LEU A 1441 -59.51 39.84 -11.32
CA LEU A 1441 -59.01 39.09 -12.46
C LEU A 1441 -58.80 40.00 -13.67
N PHE A 1442 -59.84 40.75 -14.05
CA PHE A 1442 -59.73 41.63 -15.22
C PHE A 1442 -58.64 42.67 -15.04
N ARG A 1443 -58.39 43.10 -13.80
CA ARG A 1443 -57.32 44.06 -13.55
C ARG A 1443 -55.96 43.47 -13.92
N ALA A 1444 -55.75 42.19 -13.59
CA ALA A 1444 -54.48 41.54 -13.94
C ALA A 1444 -54.37 41.33 -15.44
N LEU A 1445 -55.48 41.07 -16.12
CA LEU A 1445 -55.45 40.88 -17.57
C LEU A 1445 -55.19 42.19 -18.30
N GLU A 1446 -55.50 43.34 -17.69
CA GLU A 1446 -55.24 44.62 -18.33
C GLU A 1446 -53.81 45.09 -18.08
N GLN A 1447 -53.37 45.06 -16.81
CA GLN A 1447 -52.01 45.48 -16.49
C GLN A 1447 -50.97 44.63 -17.19
N SER A 1448 -51.34 43.42 -17.62
CA SER A 1448 -50.41 42.60 -18.40
C SER A 1448 -50.30 43.13 -19.83
N GLY A 1449 -51.43 43.42 -20.47
CA GLY A 1449 -51.41 43.88 -21.84
C GLY A 1449 -51.22 42.80 -22.87
N VAL A 1450 -51.51 41.54 -22.51
CA VAL A 1450 -51.43 40.44 -23.49
C VAL A 1450 -52.37 40.71 -24.66
N PHE A 1451 -53.51 41.37 -24.39
CA PHE A 1451 -54.48 41.68 -25.43
C PHE A 1451 -54.08 43.00 -26.10
N ALA A 1452 -53.05 42.92 -26.94
CA ALA A 1452 -52.55 44.07 -27.69
C ALA A 1452 -52.27 43.66 -29.15
N ALA A 1453 -53.34 43.29 -29.84
CA ALA A 1453 -53.26 42.87 -31.25
C ALA A 1453 -52.23 41.76 -31.45
N ASP A 1461 -38.25 37.51 -31.83
CA ASP A 1461 -37.77 36.32 -32.51
C ASP A 1461 -36.33 36.51 -33.00
N SER A 1462 -35.38 36.32 -32.09
CA SER A 1462 -33.95 36.42 -32.38
C SER A 1462 -33.32 35.07 -32.03
N GLU A 1463 -33.26 34.18 -33.00
CA GLU A 1463 -32.58 32.89 -32.90
C GLU A 1463 -33.25 31.92 -31.94
N SER A 1464 -34.50 32.18 -31.55
CA SER A 1464 -35.29 31.19 -30.80
C SER A 1464 -35.61 30.03 -31.74
N GLY A 1465 -35.06 28.86 -31.44
CA GLY A 1465 -34.98 27.78 -32.41
C GLY A 1465 -36.28 27.07 -32.74
N VAL A 1466 -37.20 27.76 -33.41
CA VAL A 1466 -38.39 27.14 -33.99
C VAL A 1466 -38.72 27.89 -35.27
N PRO A 1467 -39.42 27.27 -36.22
CA PRO A 1467 -40.02 28.06 -37.31
C PRO A 1467 -41.05 29.01 -36.73
N ARG A 1468 -41.23 30.15 -37.39
CA ARG A 1468 -42.10 31.19 -36.85
C ARG A 1468 -43.53 30.69 -36.71
N VAL A 1469 -43.97 29.80 -37.60
CA VAL A 1469 -45.36 29.38 -37.63
C VAL A 1469 -45.76 28.67 -36.34
N VAL A 1470 -44.81 27.99 -35.69
CA VAL A 1470 -45.12 27.30 -34.45
C VAL A 1470 -45.08 28.26 -33.26
N ALA A 1471 -44.31 29.35 -33.36
CA ALA A 1471 -44.24 30.31 -32.26
C ALA A 1471 -45.56 31.04 -32.07
N LEU A 1472 -46.32 31.23 -33.16
CA LEU A 1472 -47.60 31.94 -33.04
C LEU A 1472 -48.66 31.07 -32.41
N GLU A 1473 -48.76 29.80 -32.82
CA GLU A 1473 -49.77 28.92 -32.24
C GLU A 1473 -49.56 28.77 -30.73
N ARG A 1474 -48.31 28.86 -30.27
CA ARG A 1474 -48.06 28.95 -28.83
C ARG A 1474 -48.64 30.23 -28.25
N HIS A 1475 -48.42 31.35 -28.94
CA HIS A 1475 -48.99 32.62 -28.50
C HIS A 1475 -50.52 32.55 -28.48
N TYR A 1476 -51.12 32.11 -29.59
CA TYR A 1476 -52.57 31.97 -29.63
C TYR A 1476 -53.06 31.01 -28.56
N ALA A 1477 -52.36 29.87 -28.39
CA ALA A 1477 -52.75 28.91 -27.36
C ALA A 1477 -52.80 29.56 -25.99
N LEU A 1478 -51.92 30.53 -25.73
CA LEU A 1478 -52.01 31.30 -24.49
C LEU A 1478 -53.31 32.10 -24.45
N LEU A 1479 -53.64 32.78 -25.56
CA LEU A 1479 -54.90 33.48 -25.65
C LEU A 1479 -56.08 32.51 -25.61
N VAL A 1480 -55.93 31.31 -26.18
CA VAL A 1480 -56.98 30.31 -26.10
C VAL A 1480 -57.29 29.99 -24.65
N ALA A 1481 -56.25 29.83 -23.82
CA ALA A 1481 -56.47 29.56 -22.40
C ALA A 1481 -57.09 30.77 -21.71
N LEU A 1482 -56.48 31.95 -21.90
CA LEU A 1482 -56.98 33.16 -21.25
C LEU A 1482 -58.43 33.45 -21.65
N ALA A 1483 -58.79 33.15 -22.90
CA ALA A 1483 -60.15 33.38 -23.35
C ALA A 1483 -61.12 32.41 -22.66
N ARG A 1484 -60.71 31.17 -22.48
CA ARG A 1484 -61.56 30.21 -21.77
C ARG A 1484 -61.67 30.56 -20.28
N VAL A 1485 -60.62 31.13 -19.70
CA VAL A 1485 -60.67 31.51 -18.29
C VAL A 1485 -61.70 32.60 -18.07
N VAL A 1486 -61.63 33.67 -18.86
CA VAL A 1486 -62.60 34.76 -18.75
C VAL A 1486 -64.00 34.26 -19.05
N GLY A 1487 -64.12 33.35 -20.04
CA GLY A 1487 -65.42 32.82 -20.38
C GLY A 1487 -66.06 32.07 -19.22
N ALA A 1488 -65.33 31.12 -18.64
CA ALA A 1488 -65.86 30.37 -17.51
C ALA A 1488 -66.20 31.27 -16.34
N ALA A 1489 -65.43 32.34 -16.15
CA ALA A 1489 -65.66 33.25 -15.02
C ALA A 1489 -66.97 34.01 -15.19
N VAL A 1490 -67.26 34.48 -16.40
CA VAL A 1490 -68.48 35.25 -16.63
C VAL A 1490 -69.70 34.34 -16.59
N THR A 1491 -69.57 33.12 -17.13
CA THR A 1491 -70.72 32.22 -17.21
C THR A 1491 -71.14 31.71 -15.83
N ALA A 1492 -70.16 31.39 -14.98
CA ALA A 1492 -70.47 30.74 -13.70
C ALA A 1492 -71.03 31.72 -12.68
N ARG A 1493 -70.45 32.94 -12.61
CA ARG A 1493 -70.90 33.90 -11.61
C ARG A 1493 -72.34 34.34 -11.87
N GLY A 1494 -72.62 34.81 -13.08
CA GLY A 1494 -73.93 35.26 -13.47
C GLY A 1494 -73.86 36.67 -14.04
N ALA A 1495 -75.00 37.36 -13.98
CA ALA A 1495 -75.08 38.73 -14.47
C ALA A 1495 -74.32 39.73 -13.61
N HIS A 1496 -73.73 39.29 -12.49
CA HIS A 1496 -72.94 40.20 -11.67
C HIS A 1496 -71.72 40.72 -12.42
N ASN A 1497 -71.18 39.92 -13.34
CA ASN A 1497 -70.02 40.29 -14.13
C ASN A 1497 -70.31 40.35 -15.61
N ILE A 1498 -71.58 40.26 -16.01
CA ILE A 1498 -71.93 40.53 -17.41
C ILE A 1498 -71.52 41.95 -17.76
N VAL A 1499 -71.57 42.86 -16.80
CA VAL A 1499 -71.05 44.21 -17.01
C VAL A 1499 -69.55 44.16 -17.23
N GLN A 1500 -68.86 43.29 -16.50
CA GLN A 1500 -67.41 43.13 -16.72
C GLN A 1500 -67.15 42.38 -18.02
N GLY A 1501 -67.96 41.36 -18.32
CA GLY A 1501 -67.84 40.69 -19.61
C GLY A 1501 -68.14 41.60 -20.78
N ARG A 1502 -69.05 42.56 -20.59
CA ARG A 1502 -69.28 43.57 -21.61
C ARG A 1502 -68.09 44.53 -21.70
N LYS A 1503 -67.62 45.03 -20.56
CA LYS A 1503 -66.50 45.95 -20.54
C LYS A 1503 -65.23 45.30 -21.08
N PHE A 1504 -65.12 43.98 -20.98
CA PHE A 1504 -63.94 43.29 -21.46
C PHE A 1504 -63.86 43.35 -22.98
N LEU A 1505 -65.00 43.23 -23.66
CA LEU A 1505 -65.02 43.26 -25.12
C LEU A 1505 -64.94 44.69 -25.65
N THR A 1506 -65.69 45.62 -25.06
CA THR A 1506 -65.63 47.02 -25.48
C THR A 1506 -64.23 47.58 -25.32
N GLN A 1507 -63.49 47.14 -24.30
CA GLN A 1507 -62.15 47.64 -24.05
C GLN A 1507 -61.11 47.00 -24.96
N HIS A 1508 -61.42 45.84 -25.54
CA HIS A 1508 -60.52 45.13 -26.45
C HIS A 1508 -61.16 44.85 -27.80
N ARG A 1509 -62.23 45.56 -28.15
CA ARG A 1509 -62.84 45.40 -29.45
C ARG A 1509 -61.83 45.72 -30.56
N GLY A 1510 -62.09 45.19 -31.73
CA GLY A 1510 -61.15 45.28 -32.85
C GLY A 1510 -60.24 44.07 -32.93
N LEU A 1511 -59.61 43.71 -31.81
CA LEU A 1511 -58.90 42.44 -31.75
C LEU A 1511 -59.84 41.28 -32.01
N VAL A 1512 -61.02 41.30 -31.40
CA VAL A 1512 -62.01 40.27 -31.66
C VAL A 1512 -62.46 40.33 -33.12
N VAL A 1513 -62.61 41.54 -33.67
CA VAL A 1513 -63.08 41.68 -35.05
C VAL A 1513 -62.07 41.07 -36.01
N HIS A 1514 -60.77 41.30 -35.76
CA HIS A 1514 -59.75 40.69 -36.62
C HIS A 1514 -59.72 39.18 -36.47
N VAL A 1515 -59.78 38.70 -35.23
CA VAL A 1515 -59.76 37.26 -34.99
C VAL A 1515 -61.03 36.60 -35.53
N LEU A 1516 -62.18 37.28 -35.36
CA LEU A 1516 -63.44 36.73 -35.85
C LEU A 1516 -63.50 36.70 -37.38
N LYS A 1517 -62.67 37.48 -38.05
CA LYS A 1517 -62.61 37.48 -39.51
C LYS A 1517 -61.41 36.70 -40.05
N LYS A 1518 -60.37 36.51 -39.25
CA LYS A 1518 -59.19 35.78 -39.71
C LYS A 1518 -59.53 34.32 -39.99
N ASN A 1519 -60.32 33.69 -39.12
CA ASN A 1519 -60.70 32.29 -39.33
C ASN A 1519 -61.63 32.15 -40.53
N ALA A 1520 -62.56 33.09 -40.69
CA ALA A 1520 -63.49 33.05 -41.81
C ALA A 1520 -62.76 33.24 -43.13
N GLY A 1521 -62.28 34.45 -43.39
CA GLY A 1521 -61.54 34.75 -44.60
C GLY A 1521 -62.47 34.90 -45.80
N ARG A 1545 -42.35 19.97 -47.14
CA ARG A 1545 -43.29 19.95 -46.02
C ARG A 1545 -42.62 19.45 -44.75
N ARG A 1546 -41.66 20.23 -44.26
CA ARG A 1546 -41.05 19.94 -42.96
C ARG A 1546 -42.11 19.90 -41.87
N ASP A 1547 -42.87 20.97 -41.73
CA ASP A 1547 -43.93 21.04 -40.73
C ASP A 1547 -44.99 22.07 -41.09
N GLU A 1548 -44.82 22.74 -42.25
CA GLU A 1548 -45.58 23.97 -42.49
C GLU A 1548 -47.07 23.70 -42.72
N ILE A 1549 -47.40 22.68 -43.51
CA ILE A 1549 -48.81 22.31 -43.66
C ILE A 1549 -49.43 22.02 -42.30
N LEU A 1550 -48.71 21.26 -41.46
CA LEU A 1550 -49.23 20.92 -40.14
C LEU A 1550 -49.30 22.13 -39.23
N ALA A 1551 -48.30 23.02 -39.31
CA ALA A 1551 -48.28 24.20 -38.44
C ALA A 1551 -49.41 25.16 -38.79
N GLN A 1552 -49.69 25.32 -40.09
CA GLN A 1552 -50.81 26.17 -40.50
C GLN A 1552 -52.14 25.58 -40.03
N GLN A 1553 -52.28 24.26 -40.08
CA GLN A 1553 -53.45 23.61 -39.52
C GLN A 1553 -53.50 23.77 -38.00
N ALA A 1554 -52.37 23.56 -37.34
CA ALA A 1554 -52.29 23.71 -35.90
C ALA A 1554 -52.36 25.16 -35.45
N LEU A 1555 -52.33 26.12 -36.38
CA LEU A 1555 -52.53 27.53 -36.08
C LEU A 1555 -53.94 28.00 -36.41
N GLU A 1556 -54.39 27.76 -37.65
CA GLU A 1556 -55.73 28.19 -38.04
C GLU A 1556 -56.81 27.61 -37.13
N GLU A 1557 -56.55 26.44 -36.54
CA GLU A 1557 -57.50 25.89 -35.58
C GLU A 1557 -57.47 26.64 -34.26
N ARG A 1558 -56.28 27.10 -33.85
CA ARG A 1558 -56.18 27.96 -32.67
C ARG A 1558 -56.94 29.26 -32.87
N ILE A 1559 -57.12 29.69 -34.13
CA ILE A 1559 -57.95 30.85 -34.41
C ILE A 1559 -59.42 30.46 -34.43
N GLU A 1560 -59.73 29.23 -34.87
CA GLU A 1560 -61.09 28.72 -34.77
C GLU A 1560 -61.48 28.49 -33.32
N GLU A 1561 -60.52 28.21 -32.45
CA GLU A 1561 -60.79 28.10 -31.02
C GLU A 1561 -60.98 29.47 -30.39
N LEU A 1562 -60.22 30.47 -30.84
CA LEU A 1562 -60.36 31.82 -30.31
C LEU A 1562 -61.65 32.46 -30.81
N ALA A 1563 -61.93 32.34 -32.10
CA ALA A 1563 -63.18 32.85 -32.64
C ALA A 1563 -64.38 32.24 -31.92
N GLU A 1564 -64.28 30.95 -31.58
CA GLU A 1564 -65.32 30.30 -30.78
C GLU A 1564 -65.26 30.72 -29.32
N ALA A 1565 -64.07 31.02 -28.82
CA ALA A 1565 -63.95 31.50 -27.44
C ALA A 1565 -64.62 32.86 -27.27
N PHE A 1566 -64.50 33.73 -28.27
CA PHE A 1566 -65.20 35.01 -28.24
C PHE A 1566 -66.67 34.86 -28.63
N MET A 1567 -66.99 33.89 -29.49
CA MET A 1567 -68.39 33.67 -29.86
C MET A 1567 -69.20 33.20 -28.67
N LEU A 1568 -68.66 32.26 -27.88
CA LEU A 1568 -69.36 31.80 -26.68
C LEU A 1568 -69.31 32.82 -25.56
N LEU A 1569 -68.35 33.74 -25.58
CA LEU A 1569 -68.32 34.80 -24.58
C LEU A 1569 -69.40 35.85 -24.86
N ILE A 1570 -69.54 36.26 -26.12
CA ILE A 1570 -70.51 37.31 -26.47
C ILE A 1570 -71.93 36.82 -26.23
N THR A 1571 -72.26 35.64 -26.77
CA THR A 1571 -73.63 35.14 -26.66
C THR A 1571 -74.02 34.89 -25.21
N ALA A 1572 -73.06 34.48 -24.36
CA ALA A 1572 -73.33 34.27 -22.95
C ALA A 1572 -73.32 35.57 -22.16
N THR A 1573 -72.78 36.65 -22.73
CA THR A 1573 -72.78 37.95 -22.08
C THR A 1573 -74.10 38.67 -22.37
OS OS B . -6.12 27.70 12.64
OS OS C . 31.67 19.35 -7.37
OS OS D . -8.11 7.38 8.08
OS OS E . -27.23 4.87 -20.63
OS OS F . -17.18 -5.12 22.01
#